data_6CIR
#
_entry.id   6CIR
#
_cell.length_a   91.904
_cell.length_b   151.874
_cell.length_c   168.188
_cell.angle_alpha   90.00
_cell.angle_beta   90.00
_cell.angle_gamma   90.00
#
_symmetry.space_group_name_H-M   'P 21 21 21'
#
loop_
_entity.id
_entity.type
_entity.pdbx_description
1 polymer 'Steroid 17-alpha-hydroxylase/17,20 lyase'
2 non-polymer 'PROTOPORPHYRIN IX CONTAINING FE'
3 non-polymer 6-oxime-17-(3-pyridyl)-androst-16-en-3-ol
4 water water
#
_entity_poly.entity_id   1
_entity_poly.type   'polypeptide(L)'
_entity_poly.pdbx_seq_one_letter_code
;MAKKTGAKYPKSLLSLPLVGSLPFLPRHGHMHNNFFKLQKKYGPIYSVRMGTKTTVIVGHHQLAKEVLIKKGKDFSGRPQ
MATLDIASNNRKGIAFADSGAHWQLHRRLAMATFALFKDGDQKLEKIICQEISTLCDMLATHNGQSIDISFPVFVAVTNV
ISLICFNTSYKNGDPELNVIQNYNEGIIDNLSKDSLVDLVPWLKIFPNKTLEKLKSHVKIRNDLLNKILENYKEKFRSDS
ITNMLDTLMQAKMNSDNGNAGPDQDSELLSDNHILTTIGDIFGAGVETTTSVVKWTLAFLLHNPQVKKKLYEEIDQNVGF
SRTPTISDRNRLLLLEATIREVLRLRPVAPMLIPHKANVDSSIGEFAVDKGTEVIINLWALHHNEKEWHQPDQFMPERFL
NPAGTQLISPSVSYLPFGAGPRSCIGEILARQELFLIMAWLLQRFDLEVPDDGQLPSLEGIPKVVFLIDSFKVKIKVRQA
WREAQAEGSTHHHH
;
_entity_poly.pdbx_strand_id   A,B,C,D
#
loop_
_chem_comp.id
_chem_comp.type
_chem_comp.name
_chem_comp.formula
3NQ non-polymer 6-oxime-17-(3-pyridyl)-androst-16-en-3-ol 'C24 H32 N2 O2'
HEM non-polymer 'PROTOPORPHYRIN IX CONTAINING FE' 'C34 H32 Fe N4 O4'
#
# COMPACT_ATOMS: atom_id res chain seq x y z
N LEU A 13 21.34 -37.96 20.69
CA LEU A 13 21.54 -36.53 20.49
C LEU A 13 20.80 -35.72 21.55
N LEU A 14 21.45 -34.66 22.03
CA LEU A 14 20.91 -33.84 23.10
C LEU A 14 19.99 -32.75 22.56
N SER A 15 19.02 -32.38 23.39
CA SER A 15 18.27 -31.16 23.14
C SER A 15 19.13 -29.94 23.47
N LEU A 16 18.79 -28.83 22.88
CA LEU A 16 19.63 -27.65 22.91
C LEU A 16 19.21 -26.71 24.05
N PRO A 17 20.14 -25.97 24.65
CA PRO A 17 19.76 -25.05 25.73
C PRO A 17 18.73 -24.02 25.26
N LEU A 18 17.80 -23.70 26.14
CA LEU A 18 16.65 -22.87 25.81
C LEU A 18 16.62 -21.68 26.77
N VAL A 19 16.99 -20.50 26.26
CA VAL A 19 17.02 -19.30 27.09
C VAL A 19 15.62 -18.74 27.26
N GLY A 20 14.81 -18.73 26.19
CA GLY A 20 13.48 -18.19 26.25
C GLY A 20 12.52 -19.00 25.40
N SER A 21 11.24 -18.77 25.63
CA SER A 21 10.18 -19.50 24.91
C SER A 21 8.88 -18.73 25.02
N LEU A 22 8.31 -18.36 23.87
CA LEU A 22 6.99 -17.73 23.82
C LEU A 22 6.05 -18.60 23.00
N PRO A 23 4.75 -18.63 23.36
CA PRO A 23 3.84 -19.58 22.71
C PRO A 23 3.37 -19.16 21.32
N PHE A 24 3.49 -17.88 20.95
CA PHE A 24 3.17 -17.48 19.58
C PHE A 24 4.07 -16.33 19.17
N LEU A 25 4.02 -16.00 17.88
CA LEU A 25 4.92 -15.00 17.33
C LEU A 25 4.48 -13.60 17.74
N PRO A 26 5.42 -12.71 18.04
CA PRO A 26 5.05 -11.31 18.32
C PRO A 26 4.65 -10.60 17.03
N ARG A 27 3.74 -9.64 17.18
CA ARG A 27 3.31 -8.79 16.07
C ARG A 27 2.80 -9.61 14.90
N HIS A 28 2.19 -10.75 15.18
CA HIS A 28 1.53 -11.57 14.17
C HIS A 28 0.12 -11.87 14.67
N GLY A 29 -0.88 -11.41 13.93
CA GLY A 29 -2.26 -11.54 14.39
C GLY A 29 -2.54 -10.62 15.54
N HIS A 30 -3.82 -10.46 15.89
CA HIS A 30 -4.20 -9.61 17.01
C HIS A 30 -3.93 -10.33 18.32
N MET A 31 -3.48 -9.58 19.32
CA MET A 31 -3.13 -10.17 20.61
C MET A 31 -4.32 -10.88 21.24
N HIS A 32 -5.48 -10.22 21.26
CA HIS A 32 -6.63 -10.80 21.94
C HIS A 32 -7.05 -12.13 21.31
N ASN A 33 -6.74 -12.32 20.03
CA ASN A 33 -7.11 -13.57 19.35
C ASN A 33 -6.05 -14.64 19.49
N ASN A 34 -4.77 -14.26 19.52
CA ASN A 34 -3.71 -15.25 19.73
C ASN A 34 -3.81 -15.86 21.12
N PHE A 35 -4.15 -15.06 22.12
CA PHE A 35 -4.42 -15.60 23.46
C PHE A 35 -5.62 -16.53 23.43
N PHE A 36 -6.71 -16.10 22.78
CA PHE A 36 -7.92 -16.91 22.74
C PHE A 36 -7.69 -18.24 22.05
N LYS A 37 -6.76 -18.30 21.10
CA LYS A 37 -6.47 -19.56 20.43
C LYS A 37 -5.70 -20.51 21.35
N LEU A 38 -4.80 -19.98 22.18
CA LEU A 38 -4.03 -20.83 23.08
C LEU A 38 -4.92 -21.62 24.03
N GLN A 39 -6.14 -21.15 24.30
CA GLN A 39 -7.00 -21.81 25.28
C GLN A 39 -7.32 -23.25 24.88
N LYS A 40 -7.25 -23.58 23.59
CA LYS A 40 -7.48 -24.96 23.17
C LYS A 40 -6.40 -25.89 23.72
N LYS A 41 -5.18 -25.38 23.90
CA LYS A 41 -4.08 -26.19 24.41
C LYS A 41 -4.03 -26.20 25.93
N TYR A 42 -4.32 -25.06 26.56
CA TYR A 42 -3.99 -24.85 27.96
C TYR A 42 -5.18 -24.56 28.86
N GLY A 43 -6.37 -24.33 28.31
CA GLY A 43 -7.53 -24.00 29.09
C GLY A 43 -7.75 -22.51 29.17
N PRO A 44 -8.76 -22.09 29.93
CA PRO A 44 -9.14 -20.67 29.95
C PRO A 44 -8.23 -19.77 30.77
N ILE A 45 -7.28 -20.32 31.52
CA ILE A 45 -6.38 -19.49 32.33
C ILE A 45 -4.96 -20.04 32.19
N TYR A 46 -4.01 -19.14 32.04
CA TYR A 46 -2.59 -19.48 31.94
C TYR A 46 -1.79 -18.21 32.15
N SER A 47 -0.47 -18.35 32.26
CA SER A 47 0.37 -17.24 32.66
C SER A 47 1.62 -17.19 31.77
N VAL A 48 2.29 -16.03 31.84
CA VAL A 48 3.52 -15.79 31.10
C VAL A 48 4.44 -14.95 31.99
N ARG A 49 5.74 -15.26 31.97
CA ARG A 49 6.73 -14.57 32.78
C ARG A 49 7.71 -13.85 31.86
N MET A 50 7.84 -12.54 32.05
CA MET A 50 8.72 -11.70 31.24
C MET A 50 9.72 -11.04 32.17
N GLY A 51 10.84 -11.73 32.41
CA GLY A 51 11.79 -11.30 33.40
C GLY A 51 11.38 -11.72 34.79
N THR A 52 10.94 -10.75 35.60
CA THR A 52 10.31 -11.04 36.89
C THR A 52 8.81 -10.82 36.87
N LYS A 53 8.33 -9.87 36.08
CA LYS A 53 6.89 -9.65 35.93
C LYS A 53 6.22 -10.92 35.42
N THR A 54 5.19 -11.36 36.14
CA THR A 54 4.36 -12.49 35.72
C THR A 54 2.98 -11.96 35.32
N THR A 55 2.44 -12.50 34.23
CA THR A 55 1.15 -12.08 33.70
C THR A 55 0.22 -13.28 33.60
N VAL A 56 -1.01 -13.13 34.07
CA VAL A 56 -2.04 -14.16 33.99
C VAL A 56 -3.12 -13.67 33.03
N ILE A 57 -3.51 -14.53 32.09
CA ILE A 57 -4.54 -14.22 31.11
C ILE A 57 -5.75 -15.10 31.40
N VAL A 58 -6.94 -14.51 31.25
CA VAL A 58 -8.19 -15.15 31.67
C VAL A 58 -9.22 -14.98 30.54
N GLY A 59 -9.82 -16.09 30.13
CA GLY A 59 -10.74 -16.07 29.00
C GLY A 59 -11.98 -16.91 29.15
N HIS A 60 -12.53 -16.96 30.37
CA HIS A 60 -13.80 -17.62 30.61
C HIS A 60 -14.60 -16.76 31.59
N HIS A 61 -15.91 -16.65 31.34
CA HIS A 61 -16.69 -15.64 32.02
C HIS A 61 -16.72 -15.86 33.53
N GLN A 62 -16.66 -17.11 33.99
CA GLN A 62 -16.71 -17.37 35.43
C GLN A 62 -15.42 -16.91 36.10
N LEU A 63 -14.28 -17.26 35.53
CA LEU A 63 -13.01 -16.79 36.07
C LEU A 63 -12.91 -15.26 35.99
N ALA A 64 -13.48 -14.66 34.95
CA ALA A 64 -13.39 -13.21 34.80
C ALA A 64 -14.22 -12.49 35.86
N LYS A 65 -15.41 -13.02 36.16
CA LYS A 65 -16.25 -12.39 37.17
C LYS A 65 -15.68 -12.58 38.57
N GLU A 66 -14.94 -13.66 38.80
CA GLU A 66 -14.20 -13.80 40.04
C GLU A 66 -13.17 -12.68 40.18
N VAL A 67 -12.44 -12.39 39.09
CA VAL A 67 -11.41 -11.35 39.13
C VAL A 67 -12.04 -9.98 39.24
N LEU A 68 -13.16 -9.75 38.54
CA LEU A 68 -13.75 -8.43 38.46
C LEU A 68 -14.77 -8.14 39.55
N ILE A 69 -15.51 -9.16 40.01
CA ILE A 69 -16.61 -8.91 40.94
C ILE A 69 -16.32 -9.54 42.29
N LYS A 70 -16.35 -10.88 42.36
CA LYS A 70 -16.21 -11.56 43.64
C LYS A 70 -14.99 -11.07 44.41
N LYS A 71 -13.80 -11.24 43.83
CA LYS A 71 -12.57 -10.68 44.39
C LYS A 71 -12.20 -9.36 43.71
N GLY A 72 -13.20 -8.58 43.29
CA GLY A 72 -12.93 -7.36 42.54
C GLY A 72 -11.97 -6.42 43.25
N LYS A 73 -11.98 -6.42 44.58
CA LYS A 73 -11.11 -5.54 45.34
C LYS A 73 -9.68 -6.06 45.40
N ASP A 74 -9.47 -7.37 45.25
CA ASP A 74 -8.13 -7.94 45.25
C ASP A 74 -7.39 -7.70 43.95
N PHE A 75 -8.11 -7.48 42.84
CA PHE A 75 -7.52 -7.34 41.51
C PHE A 75 -7.84 -5.99 40.89
N SER A 76 -8.05 -4.96 41.71
CA SER A 76 -8.46 -3.65 41.23
C SER A 76 -7.29 -2.73 40.93
N GLY A 77 -6.06 -3.22 40.96
CA GLY A 77 -4.90 -2.41 40.68
C GLY A 77 -4.66 -2.24 39.19
N ARG A 78 -3.65 -1.40 38.90
CA ARG A 78 -3.23 -1.16 37.52
C ARG A 78 -1.72 -1.31 37.44
N PRO A 79 -1.19 -2.07 36.48
CA PRO A 79 0.27 -2.13 36.32
C PRO A 79 0.84 -0.79 35.90
N GLN A 80 2.16 -0.66 36.09
CA GLN A 80 2.90 0.53 35.70
C GLN A 80 3.55 0.31 34.34
N MET A 81 3.40 1.30 33.45
CA MET A 81 4.01 1.26 32.13
C MET A 81 4.61 2.62 31.81
N ALA A 82 5.64 2.61 30.96
CA ALA A 82 6.33 3.84 30.61
C ALA A 82 5.41 4.80 29.87
N THR A 83 4.70 4.29 28.86
CA THR A 83 3.83 5.15 28.06
C THR A 83 2.62 5.62 28.87
N LEU A 84 2.06 4.73 29.69
CA LEU A 84 0.91 5.12 30.50
C LEU A 84 1.28 6.17 31.53
N ASP A 85 2.48 6.07 32.11
CA ASP A 85 2.94 7.10 33.04
C ASP A 85 2.92 8.48 32.38
N ILE A 86 3.40 8.57 31.14
CA ILE A 86 3.47 9.85 30.45
C ILE A 86 2.07 10.37 30.17
N ALA A 87 1.18 9.51 29.68
CA ALA A 87 -0.17 9.94 29.34
C ALA A 87 -1.05 10.15 30.57
N SER A 88 -0.67 9.61 31.71
CA SER A 88 -1.44 9.74 32.94
C SER A 88 -0.84 10.75 33.90
N ASN A 89 0.17 11.51 33.46
CA ASN A 89 0.91 12.41 34.35
C ASN A 89 1.40 11.66 35.58
N ASN A 90 1.95 10.46 35.34
CA ASN A 90 2.53 9.62 36.39
C ASN A 90 1.46 8.96 37.25
N ARG A 91 0.50 8.32 36.58
CA ARG A 91 -0.51 7.47 37.24
C ARG A 91 -1.49 8.29 38.07
N LYS A 92 -1.81 9.51 37.63
CA LYS A 92 -2.91 10.26 38.20
C LYS A 92 -4.17 10.00 37.37
N GLY A 93 -5.26 10.65 37.75
CA GLY A 93 -6.52 10.47 37.03
C GLY A 93 -7.28 9.25 37.53
N ILE A 94 -7.75 8.42 36.60
CA ILE A 94 -8.61 7.29 36.95
C ILE A 94 -8.16 6.03 36.22
N ALA A 95 -8.19 6.06 34.88
CA ALA A 95 -8.02 4.83 34.11
C ALA A 95 -6.68 4.18 34.37
N PHE A 96 -5.61 4.98 34.49
CA PHE A 96 -4.26 4.45 34.62
C PHE A 96 -3.70 4.63 36.02
N ALA A 97 -4.51 5.06 36.97
CA ALA A 97 -4.08 5.19 38.35
C ALA A 97 -4.21 3.87 39.08
N ASP A 98 -3.27 3.61 39.98
CA ASP A 98 -3.34 2.42 40.82
C ASP A 98 -4.46 2.58 41.85
N SER A 99 -4.92 1.46 42.38
CA SER A 99 -5.99 1.49 43.37
C SER A 99 -5.47 2.15 44.66
N GLY A 100 -6.15 3.20 45.10
CA GLY A 100 -5.70 3.92 46.27
C GLY A 100 -6.55 5.17 46.48
N ALA A 101 -6.03 6.04 47.36
CA ALA A 101 -6.79 7.22 47.76
C ALA A 101 -7.10 8.11 46.55
N HIS A 102 -6.13 8.30 45.66
CA HIS A 102 -6.34 9.19 44.53
C HIS A 102 -7.43 8.66 43.60
N TRP A 103 -7.29 7.40 43.18
CA TRP A 103 -8.27 6.79 42.28
C TRP A 103 -9.65 6.74 42.92
N GLN A 104 -9.73 6.32 44.19
CA GLN A 104 -10.99 6.30 44.91
C GLN A 104 -11.69 7.65 44.82
N LEU A 105 -11.00 8.70 45.23
CA LEU A 105 -11.62 10.02 45.29
C LEU A 105 -12.11 10.48 43.92
N HIS A 106 -11.22 10.46 42.93
CA HIS A 106 -11.57 11.04 41.63
C HIS A 106 -12.64 10.22 40.92
N ARG A 107 -12.60 8.90 41.03
CA ARG A 107 -13.64 8.08 40.42
C ARG A 107 -15.00 8.42 40.99
N ARG A 108 -15.09 8.60 42.32
CA ARG A 108 -16.35 8.94 42.94
C ARG A 108 -16.87 10.28 42.44
N LEU A 109 -16.02 11.30 42.49
CA LEU A 109 -16.43 12.63 42.03
C LEU A 109 -16.87 12.61 40.58
N ALA A 110 -16.14 11.90 39.72
CA ALA A 110 -16.53 11.78 38.32
C ALA A 110 -17.91 11.15 38.21
N MET A 111 -18.12 10.01 38.88
CA MET A 111 -19.45 9.41 38.94
C MET A 111 -20.46 10.39 39.52
N ALA A 112 -20.04 11.18 40.51
CA ALA A 112 -20.96 12.13 41.14
C ALA A 112 -21.42 13.19 40.15
N THR A 113 -20.51 13.67 39.30
CA THR A 113 -20.87 14.70 38.34
C THR A 113 -21.97 14.22 37.39
N PHE A 114 -21.83 12.98 36.89
CA PHE A 114 -22.81 12.46 35.95
C PHE A 114 -24.24 12.54 36.50
N ALA A 115 -24.38 12.55 37.83
CA ALA A 115 -25.70 12.71 38.43
C ALA A 115 -26.27 14.09 38.14
N LEU A 116 -25.41 15.09 37.94
CA LEU A 116 -25.85 16.46 37.67
C LEU A 116 -26.58 16.61 36.33
N PHE A 117 -26.83 15.51 35.62
CA PHE A 117 -27.47 15.57 34.32
C PHE A 117 -28.62 14.58 34.18
N LYS A 118 -29.19 14.12 35.30
CA LYS A 118 -30.28 13.15 35.23
C LYS A 118 -31.47 13.72 34.46
N ASP A 119 -31.93 14.92 34.83
CA ASP A 119 -32.97 15.60 34.07
C ASP A 119 -33.08 17.03 34.58
N GLY A 120 -33.90 17.82 33.89
CA GLY A 120 -34.07 19.22 34.22
C GLY A 120 -33.67 20.13 33.07
N ASP A 121 -32.76 21.07 33.33
CA ASP A 121 -32.27 21.95 32.28
C ASP A 121 -31.17 21.27 31.46
N GLN A 122 -30.11 20.82 32.12
CA GLN A 122 -29.04 20.09 31.45
C GLN A 122 -29.29 18.58 31.45
N LYS A 123 -30.52 18.18 31.19
CA LYS A 123 -30.83 16.77 30.99
C LYS A 123 -29.93 16.23 29.88
N LEU A 124 -29.10 15.25 30.22
CA LEU A 124 -28.11 14.70 29.30
C LEU A 124 -28.69 14.50 27.90
N GLU A 125 -29.98 14.12 27.85
CA GLU A 125 -30.64 13.97 26.56
C GLU A 125 -30.66 15.29 25.79
N LYS A 126 -30.86 16.41 26.50
CA LYS A 126 -30.91 17.70 25.83
C LYS A 126 -29.55 18.09 25.27
N ILE A 127 -28.50 18.00 26.10
CA ILE A 127 -27.16 18.32 25.63
C ILE A 127 -26.81 17.50 24.40
N ILE A 128 -27.05 16.18 24.47
CA ILE A 128 -26.69 15.29 23.38
C ILE A 128 -27.45 15.66 22.10
N CYS A 129 -28.78 15.78 22.22
CA CYS A 129 -29.58 16.06 21.04
C CYS A 129 -29.26 17.43 20.45
N GLN A 130 -28.80 18.38 21.29
CA GLN A 130 -28.42 19.69 20.77
C GLN A 130 -27.31 19.56 19.74
N GLU A 131 -26.36 18.67 19.97
CA GLU A 131 -25.21 18.54 19.09
C GLU A 131 -25.45 17.56 17.94
N ILE A 132 -26.29 16.56 18.13
CA ILE A 132 -26.68 15.70 17.02
C ILE A 132 -27.42 16.51 15.96
N SER A 133 -28.25 17.46 16.40
CA SER A 133 -28.94 18.34 15.46
C SER A 133 -27.93 19.09 14.60
N THR A 134 -26.97 19.75 15.24
CA THR A 134 -25.93 20.44 14.48
C THR A 134 -25.16 19.47 13.60
N LEU A 135 -24.91 18.26 14.10
CA LEU A 135 -24.24 17.24 13.29
C LEU A 135 -25.04 16.95 12.02
N CYS A 136 -26.34 16.72 12.16
CA CYS A 136 -27.16 16.36 11.00
C CYS A 136 -27.24 17.49 9.99
N ASP A 137 -27.23 18.75 10.46
CA ASP A 137 -27.27 19.88 9.53
C ASP A 137 -26.01 19.93 8.67
N MET A 138 -24.84 19.80 9.31
CA MET A 138 -23.59 19.83 8.56
C MET A 138 -23.53 18.68 7.56
N LEU A 139 -24.04 17.51 7.93
CA LEU A 139 -23.99 16.36 7.04
C LEU A 139 -24.94 16.53 5.86
N ALA A 140 -26.12 17.10 6.10
CA ALA A 140 -27.09 17.28 5.02
C ALA A 140 -26.53 18.15 3.89
N THR A 141 -25.56 19.01 4.18
CA THR A 141 -24.94 19.80 3.13
C THR A 141 -24.10 18.96 2.19
N HIS A 142 -23.67 17.77 2.63
CA HIS A 142 -22.94 16.84 1.78
C HIS A 142 -23.86 15.88 1.03
N ASN A 143 -25.13 16.23 0.92
CA ASN A 143 -26.10 15.37 0.22
C ASN A 143 -25.59 15.04 -1.18
N GLY A 144 -25.43 13.74 -1.44
CA GLY A 144 -24.98 13.26 -2.73
C GLY A 144 -23.54 12.82 -2.78
N GLN A 145 -22.75 13.11 -1.75
CA GLN A 145 -21.31 12.88 -1.78
C GLN A 145 -20.91 11.77 -0.82
N SER A 146 -19.72 11.23 -1.04
CA SER A 146 -19.12 10.24 -0.17
C SER A 146 -18.12 10.95 0.74
N ILE A 147 -18.31 10.80 2.06
CA ILE A 147 -17.48 11.48 3.05
C ILE A 147 -17.04 10.47 4.10
N ASP A 148 -15.95 10.82 4.78
CA ASP A 148 -15.58 10.16 6.02
C ASP A 148 -16.25 10.92 7.17
N ILE A 149 -17.09 10.21 7.94
CA ILE A 149 -17.87 10.85 8.99
C ILE A 149 -17.12 10.93 10.32
N SER A 150 -15.84 10.53 10.35
CA SER A 150 -15.10 10.52 11.60
C SER A 150 -15.11 11.90 12.26
N PHE A 151 -14.75 12.95 11.51
CA PHE A 151 -14.55 14.25 12.12
C PHE A 151 -15.85 14.92 12.52
N PRO A 152 -16.89 14.97 11.69
CA PRO A 152 -18.17 15.53 12.15
C PRO A 152 -18.66 14.89 13.44
N VAL A 153 -18.54 13.56 13.56
CA VAL A 153 -18.92 12.89 14.81
C VAL A 153 -17.97 13.28 15.93
N PHE A 154 -16.67 13.30 15.64
CA PHE A 154 -15.69 13.74 16.62
C PHE A 154 -16.11 15.06 17.26
N VAL A 155 -16.49 16.03 16.42
CA VAL A 155 -16.88 17.34 16.94
C VAL A 155 -18.12 17.23 17.80
N ALA A 156 -19.10 16.44 17.37
CA ALA A 156 -20.36 16.34 18.10
C ALA A 156 -20.12 15.84 19.53
N VAL A 157 -19.41 14.72 19.68
CA VAL A 157 -19.16 14.18 21.01
C VAL A 157 -18.10 14.98 21.76
N THR A 158 -17.23 15.71 21.04
CA THR A 158 -16.29 16.60 21.72
C THR A 158 -17.02 17.74 22.42
N ASN A 159 -18.15 18.19 21.87
CA ASN A 159 -18.89 19.28 22.48
C ASN A 159 -19.77 18.80 23.62
N VAL A 160 -20.35 17.60 23.50
CA VAL A 160 -21.10 17.03 24.61
C VAL A 160 -20.21 16.94 25.85
N ILE A 161 -19.04 16.32 25.70
CA ILE A 161 -18.14 16.15 26.83
C ILE A 161 -17.59 17.49 27.31
N SER A 162 -17.54 18.50 26.43
CA SER A 162 -17.07 19.82 26.85
C SER A 162 -18.13 20.53 27.68
N LEU A 163 -19.40 20.44 27.28
CA LEU A 163 -20.48 21.00 28.08
C LEU A 163 -20.56 20.33 29.44
N ILE A 164 -20.19 19.05 29.53
CA ILE A 164 -20.28 18.33 30.79
C ILE A 164 -19.12 18.65 31.71
N CYS A 165 -17.94 18.96 31.16
CA CYS A 165 -16.77 19.26 31.96
C CYS A 165 -16.62 20.75 32.25
N PHE A 166 -17.06 21.61 31.33
CA PHE A 166 -16.79 23.04 31.42
C PHE A 166 -17.99 23.92 31.15
N ASN A 167 -19.12 23.38 30.70
CA ASN A 167 -20.25 24.20 30.25
C ASN A 167 -19.84 25.13 29.12
N THR A 168 -18.94 24.66 28.26
CA THR A 168 -18.55 25.36 27.05
C THR A 168 -18.65 24.41 25.88
N SER A 169 -18.71 24.99 24.67
CA SER A 169 -18.79 24.21 23.45
C SER A 169 -18.13 25.00 22.34
N TYR A 170 -17.46 24.28 21.44
CA TYR A 170 -16.66 24.92 20.40
C TYR A 170 -17.56 25.39 19.26
N LYS A 171 -17.42 26.67 18.90
CA LYS A 171 -18.13 27.20 17.75
C LYS A 171 -17.69 26.46 16.49
N ASN A 172 -18.48 26.62 15.43
CA ASN A 172 -18.18 25.97 14.17
C ASN A 172 -16.89 26.53 13.59
N GLY A 173 -15.98 25.64 13.19
CA GLY A 173 -14.72 26.04 12.61
C GLY A 173 -13.65 26.45 13.60
N ASP A 174 -13.84 26.15 14.88
CA ASP A 174 -12.84 26.49 15.88
C ASP A 174 -11.60 25.64 15.67
N PRO A 175 -10.47 26.21 15.25
CA PRO A 175 -9.29 25.36 14.99
C PRO A 175 -8.84 24.53 16.18
N GLU A 176 -9.17 24.94 17.40
CA GLU A 176 -8.79 24.15 18.57
C GLU A 176 -9.33 22.72 18.48
N LEU A 177 -10.41 22.51 17.72
CA LEU A 177 -10.90 21.16 17.49
C LEU A 177 -9.89 20.35 16.67
N ASN A 178 -9.30 20.96 15.64
CA ASN A 178 -8.32 20.26 14.83
C ASN A 178 -7.04 19.99 15.60
N VAL A 179 -6.67 20.89 16.53
CA VAL A 179 -5.50 20.66 17.36
C VAL A 179 -5.74 19.49 18.30
N ILE A 180 -6.94 19.41 18.89
CA ILE A 180 -7.27 18.29 19.75
C ILE A 180 -7.26 16.98 18.95
N GLN A 181 -7.89 16.99 17.79
CA GLN A 181 -7.89 15.83 16.91
C GLN A 181 -6.47 15.37 16.63
N ASN A 182 -5.53 16.31 16.51
CA ASN A 182 -4.17 15.96 16.11
C ASN A 182 -3.45 15.19 17.21
N TYR A 183 -3.40 15.73 18.43
CA TYR A 183 -2.68 15.04 19.49
C TYR A 183 -3.45 13.84 20.03
N ASN A 184 -4.78 13.80 19.85
CA ASN A 184 -5.51 12.58 20.15
C ASN A 184 -5.01 11.42 19.30
N GLU A 185 -4.77 11.69 18.01
CA GLU A 185 -4.28 10.65 17.12
C GLU A 185 -2.81 10.35 17.37
N GLY A 186 -2.06 11.31 17.89
CA GLY A 186 -0.66 11.10 18.17
C GLY A 186 -0.45 10.25 19.41
N ILE A 187 -1.20 10.57 20.46
CA ILE A 187 -1.10 9.81 21.71
C ILE A 187 -1.53 8.37 21.50
N ILE A 188 -2.69 8.17 20.87
CA ILE A 188 -3.22 6.82 20.67
C ILE A 188 -2.22 5.97 19.90
N ASP A 189 -1.53 6.56 18.92
CA ASP A 189 -0.65 5.79 18.06
C ASP A 189 0.70 5.51 18.70
N ASN A 190 1.13 6.33 19.65
CA ASN A 190 2.39 6.08 20.36
C ASN A 190 2.20 5.43 21.72
N LEU A 191 0.98 5.45 22.27
CA LEU A 191 0.74 4.82 23.56
C LEU A 191 1.10 3.34 23.52
N SER A 192 0.79 2.68 22.41
CA SER A 192 1.13 1.28 22.22
C SER A 192 1.06 0.97 20.72
N LYS A 193 2.02 0.16 20.24
CA LYS A 193 2.02 -0.18 18.82
C LYS A 193 0.73 -0.89 18.43
N ASP A 194 0.32 -1.87 19.24
CA ASP A 194 -0.96 -2.53 19.07
C ASP A 194 -1.75 -2.39 20.37
N SER A 195 -2.19 -3.49 20.96
CA SER A 195 -2.84 -3.41 22.25
C SER A 195 -1.83 -3.02 23.33
N LEU A 196 -2.35 -2.67 24.50
CA LEU A 196 -1.48 -2.37 25.64
C LEU A 196 -0.74 -3.61 26.12
N VAL A 197 -1.22 -4.81 25.80
CA VAL A 197 -0.60 -6.05 26.23
C VAL A 197 0.46 -6.43 25.19
N ASP A 198 1.73 -6.26 25.57
CA ASP A 198 2.85 -6.61 24.71
C ASP A 198 3.72 -7.60 25.45
N LEU A 199 3.93 -8.79 24.87
CA LEU A 199 4.83 -9.77 25.45
C LEU A 199 6.20 -9.15 25.66
N VAL A 200 6.89 -8.87 24.56
CA VAL A 200 8.26 -8.38 24.63
C VAL A 200 8.25 -6.87 24.85
N PRO A 201 9.05 -6.33 25.76
CA PRO A 201 9.12 -4.86 25.95
C PRO A 201 10.07 -4.22 24.95
N TRP A 202 9.57 -3.96 23.74
CA TRP A 202 10.44 -3.57 22.65
C TRP A 202 11.05 -2.19 22.87
N LEU A 203 10.29 -1.24 23.41
CA LEU A 203 10.77 0.13 23.50
C LEU A 203 11.94 0.28 24.47
N LYS A 204 12.18 -0.71 25.32
CA LYS A 204 13.34 -0.71 26.22
C LYS A 204 14.52 -1.48 25.65
N ILE A 205 14.35 -2.14 24.51
CA ILE A 205 15.37 -3.01 23.95
C ILE A 205 16.11 -2.33 22.80
N PHE A 206 15.39 -1.61 21.93
CA PHE A 206 15.97 -1.02 20.74
C PHE A 206 15.91 0.50 20.80
N PRO A 207 16.89 1.19 20.21
CA PRO A 207 16.81 2.65 20.12
C PRO A 207 15.57 3.09 19.33
N ASN A 208 14.77 3.94 19.95
CA ASN A 208 13.54 4.42 19.33
C ASN A 208 13.19 5.78 19.90
N LYS A 209 12.37 6.52 19.16
CA LYS A 209 11.92 7.86 19.54
C LYS A 209 10.46 7.86 19.98
N THR A 210 9.96 6.73 20.47
CA THR A 210 8.54 6.61 20.78
C THR A 210 8.16 7.51 21.95
N LEU A 211 8.83 7.35 23.09
CA LEU A 211 8.47 8.13 24.26
C LEU A 211 8.69 9.62 24.04
N GLU A 212 9.69 9.99 23.23
CA GLU A 212 9.90 11.41 22.92
C GLU A 212 8.68 11.99 22.21
N LYS A 213 8.13 11.27 21.23
CA LYS A 213 6.94 11.74 20.53
C LYS A 213 5.75 11.83 21.47
N LEU A 214 5.53 10.77 22.26
CA LEU A 214 4.40 10.76 23.19
C LEU A 214 4.48 11.95 24.15
N LYS A 215 5.67 12.23 24.68
CA LYS A 215 5.83 13.36 25.59
C LYS A 215 5.46 14.67 24.91
N SER A 216 5.72 14.79 23.61
CA SER A 216 5.46 16.07 22.92
C SER A 216 3.99 16.22 22.58
N HIS A 217 3.31 15.13 22.22
CA HIS A 217 1.87 15.19 22.06
C HIS A 217 1.20 15.48 23.40
N VAL A 218 1.62 14.76 24.45
CA VAL A 218 1.09 14.99 25.79
C VAL A 218 1.31 16.44 26.21
N LYS A 219 2.48 16.99 25.90
CA LYS A 219 2.79 18.37 26.28
C LYS A 219 1.75 19.32 25.71
N ILE A 220 1.37 19.13 24.44
CA ILE A 220 0.40 20.03 23.82
C ILE A 220 -0.96 19.91 24.49
N ARG A 221 -1.36 18.69 24.85
CA ARG A 221 -2.64 18.52 25.54
C ARG A 221 -2.61 19.15 26.92
N ASN A 222 -1.55 18.89 27.68
CA ASN A 222 -1.48 19.39 29.06
C ASN A 222 -1.44 20.92 29.07
N ASP A 223 -0.57 21.52 28.25
CA ASP A 223 -0.54 22.97 28.14
C ASP A 223 -1.91 23.53 27.77
N LEU A 224 -2.73 22.75 27.07
CA LEU A 224 -4.08 23.20 26.74
C LEU A 224 -4.99 23.14 27.96
N LEU A 225 -4.77 22.16 28.85
CA LEU A 225 -5.61 22.06 30.05
C LEU A 225 -5.25 23.13 31.06
N ASN A 226 -3.95 23.45 31.18
CA ASN A 226 -3.53 24.51 32.09
C ASN A 226 -4.16 25.85 31.71
N LYS A 227 -4.18 26.18 30.42
CA LYS A 227 -4.81 27.42 29.99
C LYS A 227 -6.31 27.41 30.26
N ILE A 228 -6.96 26.26 30.07
CA ILE A 228 -8.40 26.18 30.31
C ILE A 228 -8.72 26.31 31.79
N LEU A 229 -7.85 25.81 32.67
CA LEU A 229 -8.10 25.94 34.09
C LEU A 229 -7.95 27.40 34.55
N GLU A 230 -6.85 28.04 34.14
CA GLU A 230 -6.55 29.37 34.65
C GLU A 230 -7.69 30.35 34.38
N ASN A 231 -8.34 30.24 33.22
CA ASN A 231 -9.47 31.10 32.94
C ASN A 231 -10.69 30.72 33.78
N TYR A 232 -10.93 29.40 33.93
CA TYR A 232 -12.05 28.96 34.75
C TYR A 232 -11.80 29.25 36.23
N LYS A 233 -10.53 29.28 36.64
CA LYS A 233 -10.21 29.57 38.04
C LYS A 233 -10.82 30.89 38.48
N GLU A 234 -10.65 31.93 37.66
CA GLU A 234 -11.23 33.24 37.94
C GLU A 234 -12.68 33.36 37.46
N LYS A 235 -13.41 32.23 37.43
CA LYS A 235 -14.84 32.25 37.12
C LYS A 235 -15.60 31.20 37.92
N PHE A 236 -14.97 30.60 38.93
CA PHE A 236 -15.58 29.52 39.71
C PHE A 236 -16.39 30.12 40.85
N ARG A 237 -17.67 29.78 40.91
CA ARG A 237 -18.55 30.17 42.00
C ARG A 237 -18.97 28.94 42.77
N SER A 238 -18.69 28.92 44.07
CA SER A 238 -18.96 27.75 44.89
C SER A 238 -20.45 27.44 45.02
N ASP A 239 -21.32 28.31 44.52
CA ASP A 239 -22.75 28.00 44.49
C ASP A 239 -23.17 27.34 43.18
N SER A 240 -22.50 27.66 42.08
CA SER A 240 -22.79 27.05 40.79
C SER A 240 -21.98 25.76 40.68
N ILE A 241 -22.68 24.63 40.63
CA ILE A 241 -22.05 23.32 40.45
C ILE A 241 -22.74 22.62 39.29
N THR A 242 -22.41 23.00 38.07
CA THR A 242 -23.11 22.55 36.88
C THR A 242 -22.30 21.58 36.02
N ASN A 243 -21.08 21.25 36.40
CA ASN A 243 -20.22 20.44 35.54
C ASN A 243 -19.18 19.73 36.41
N MET A 244 -18.20 19.11 35.76
CA MET A 244 -17.23 18.27 36.47
C MET A 244 -16.11 19.10 37.08
N LEU A 245 -15.64 20.13 36.37
CA LEU A 245 -14.60 20.98 36.93
C LEU A 245 -15.08 21.73 38.16
N ASP A 246 -16.36 22.12 38.19
CA ASP A 246 -16.96 22.63 39.41
C ASP A 246 -16.90 21.59 40.52
N THR A 247 -17.46 20.41 40.26
CA THR A 247 -17.46 19.34 41.25
C THR A 247 -16.07 19.07 41.81
N LEU A 248 -15.03 19.25 40.99
CA LEU A 248 -13.66 18.95 41.42
C LEU A 248 -13.03 20.13 42.15
N MET A 249 -13.27 21.36 41.69
CA MET A 249 -12.76 22.52 42.42
C MET A 249 -13.49 22.72 43.74
N GLN A 250 -14.78 22.38 43.79
CA GLN A 250 -15.52 22.43 45.05
C GLN A 250 -14.84 21.56 46.10
N ALA A 251 -14.67 20.27 45.80
CA ALA A 251 -14.06 19.36 46.76
C ALA A 251 -12.69 19.84 47.21
N LYS A 252 -12.00 20.63 46.38
CA LYS A 252 -10.69 21.14 46.76
C LYS A 252 -10.80 22.15 47.90
N MET A 253 -11.64 23.18 47.73
CA MET A 253 -11.76 24.20 48.78
C MET A 253 -12.25 23.60 50.09
N ASN A 254 -13.00 22.49 50.02
CA ASN A 254 -13.42 21.82 51.25
C ASN A 254 -12.22 21.26 52.00
N SER A 255 -11.21 20.77 51.27
CA SER A 255 -9.99 20.26 51.89
C SER A 255 -9.08 21.43 52.25
N ASP A 256 -9.54 22.22 53.21
CA ASP A 256 -8.79 23.33 53.82
C ASP A 256 -9.79 24.27 54.50
N ASP A 265 -8.68 15.89 52.30
CA ASP A 265 -7.94 15.23 51.22
C ASP A 265 -7.38 16.26 50.24
N SER A 266 -6.80 17.33 50.77
CA SER A 266 -6.27 18.40 49.92
C SER A 266 -5.11 17.91 49.07
N GLU A 267 -4.33 16.96 49.57
CA GLU A 267 -3.11 16.56 48.88
C GLU A 267 -3.41 15.92 47.53
N LEU A 268 -4.54 15.22 47.40
CA LEU A 268 -4.86 14.50 46.18
C LEU A 268 -5.74 15.30 45.22
N LEU A 269 -5.98 16.58 45.51
CA LEU A 269 -6.74 17.45 44.61
C LEU A 269 -5.88 18.58 44.07
N SER A 270 -4.56 18.36 43.98
CA SER A 270 -3.68 19.34 43.37
C SER A 270 -4.13 19.63 41.95
N ASP A 271 -3.56 20.69 41.37
CA ASP A 271 -3.95 21.11 40.03
C ASP A 271 -3.70 19.99 39.01
N ASN A 272 -2.62 19.23 39.18
CA ASN A 272 -2.33 18.14 38.25
C ASN A 272 -3.32 17.00 38.42
N HIS A 273 -3.67 16.64 39.66
CA HIS A 273 -4.63 15.57 39.88
C HIS A 273 -5.96 15.88 39.21
N ILE A 274 -6.40 17.14 39.27
CA ILE A 274 -7.63 17.53 38.59
C ILE A 274 -7.42 17.50 37.09
N LEU A 275 -6.33 18.13 36.61
CA LEU A 275 -5.97 18.11 35.20
C LEU A 275 -6.12 16.72 34.59
N THR A 276 -5.50 15.73 35.22
CA THR A 276 -5.45 14.39 34.64
C THR A 276 -6.81 13.72 34.63
N THR A 277 -7.65 13.99 35.63
CA THR A 277 -8.98 13.38 35.67
C THR A 277 -9.85 13.92 34.54
N ILE A 278 -9.92 15.25 34.41
CA ILE A 278 -10.61 15.85 33.26
C ILE A 278 -10.05 15.28 31.96
N GLY A 279 -8.74 15.06 31.91
CA GLY A 279 -8.14 14.51 30.70
C GLY A 279 -8.64 13.13 30.37
N ASP A 280 -8.63 12.22 31.34
CA ASP A 280 -9.15 10.88 31.12
C ASP A 280 -10.61 10.91 30.70
N ILE A 281 -11.39 11.86 31.22
CA ILE A 281 -12.80 11.94 30.89
C ILE A 281 -13.00 12.53 29.50
N PHE A 282 -12.31 13.64 29.22
CA PHE A 282 -12.42 14.23 27.88
C PHE A 282 -11.99 13.25 26.81
N GLY A 283 -10.87 12.56 27.04
CA GLY A 283 -10.37 11.58 26.10
C GLY A 283 -11.33 10.44 25.84
N ALA A 284 -11.57 9.67 26.87
CA ALA A 284 -12.48 8.58 26.80
C ALA A 284 -13.77 8.98 26.21
N GLY A 285 -14.33 10.09 26.59
CA GLY A 285 -15.54 10.54 25.99
C GLY A 285 -15.59 10.75 24.52
N VAL A 286 -14.51 11.08 23.87
CA VAL A 286 -14.53 11.27 22.46
C VAL A 286 -14.11 10.06 21.71
N GLU A 287 -13.00 9.47 22.05
CA GLU A 287 -12.54 8.32 21.34
C GLU A 287 -13.34 7.05 21.43
N THR A 288 -14.02 6.77 22.51
CA THR A 288 -14.77 5.56 22.57
C THR A 288 -16.02 5.67 21.79
N THR A 289 -16.77 6.72 21.96
CA THR A 289 -17.99 6.93 21.24
C THR A 289 -17.82 7.05 19.77
N THR A 290 -16.86 7.84 19.35
CA THR A 290 -16.60 7.96 17.93
C THR A 290 -16.26 6.60 17.31
N SER A 291 -15.48 5.79 18.02
CA SER A 291 -15.06 4.51 17.46
C SER A 291 -16.25 3.57 17.26
N VAL A 292 -17.17 3.50 18.24
CA VAL A 292 -18.30 2.61 18.12
C VAL A 292 -19.25 3.07 17.01
N VAL A 293 -19.36 4.39 16.81
CA VAL A 293 -20.22 4.89 15.74
C VAL A 293 -19.70 4.44 14.39
N LYS A 294 -18.39 4.58 14.15
CA LYS A 294 -17.80 4.14 12.89
C LYS A 294 -17.97 2.64 12.69
N TRP A 295 -17.76 1.85 13.75
CA TRP A 295 -17.97 0.40 13.64
C TRP A 295 -19.41 0.09 13.23
N THR A 296 -20.37 0.78 13.84
CA THR A 296 -21.78 0.50 13.56
C THR A 296 -22.10 0.74 12.09
N LEU A 297 -21.76 1.94 11.59
CA LEU A 297 -22.00 2.25 10.18
C LEU A 297 -21.33 1.21 9.28
N ALA A 298 -20.09 0.84 9.59
CA ALA A 298 -19.37 -0.13 8.78
C ALA A 298 -20.13 -1.45 8.71
N PHE A 299 -20.62 -1.93 9.85
CA PHE A 299 -21.36 -3.19 9.86
C PHE A 299 -22.65 -3.08 9.05
N LEU A 300 -23.30 -1.92 9.09
CA LEU A 300 -24.56 -1.75 8.36
C LEU A 300 -24.32 -1.67 6.86
N LEU A 301 -23.17 -1.15 6.43
CA LEU A 301 -22.84 -1.17 5.01
C LEU A 301 -22.64 -2.61 4.53
N HIS A 302 -22.07 -3.47 5.38
CA HIS A 302 -21.93 -4.88 5.06
C HIS A 302 -23.22 -5.66 5.24
N ASN A 303 -24.22 -5.09 5.90
CA ASN A 303 -25.45 -5.79 6.26
C ASN A 303 -26.65 -4.94 5.87
N PRO A 304 -26.89 -4.77 4.56
CA PRO A 304 -28.01 -3.92 4.13
C PRO A 304 -29.36 -4.41 4.62
N GLN A 305 -29.54 -5.72 4.80
CA GLN A 305 -30.81 -6.24 5.28
C GLN A 305 -31.15 -5.66 6.65
N VAL A 306 -30.18 -5.61 7.56
CA VAL A 306 -30.42 -5.05 8.88
C VAL A 306 -30.74 -3.57 8.78
N LYS A 307 -30.02 -2.85 7.91
CA LYS A 307 -30.27 -1.42 7.74
C LYS A 307 -31.69 -1.16 7.29
N LYS A 308 -32.19 -1.95 6.34
CA LYS A 308 -33.55 -1.77 5.83
C LYS A 308 -34.56 -1.88 6.96
N LYS A 309 -34.44 -2.90 7.81
CA LYS A 309 -35.37 -3.07 8.91
C LYS A 309 -35.21 -1.97 9.95
N LEU A 310 -34.00 -1.43 10.10
CA LEU A 310 -33.81 -0.28 11.00
C LEU A 310 -34.58 0.93 10.50
N TYR A 311 -34.55 1.17 9.19
CA TYR A 311 -35.40 2.21 8.62
C TYR A 311 -36.88 1.92 8.90
N GLU A 312 -37.30 0.67 8.65
CA GLU A 312 -38.68 0.28 8.93
C GLU A 312 -39.02 0.54 10.40
N GLU A 313 -38.17 0.11 11.32
CA GLU A 313 -38.48 0.23 12.73
C GLU A 313 -38.63 1.68 13.14
N ILE A 314 -37.71 2.55 12.71
CA ILE A 314 -37.75 3.93 13.16
C ILE A 314 -38.88 4.70 12.48
N ASP A 315 -39.28 4.28 11.27
CA ASP A 315 -40.39 4.93 10.59
C ASP A 315 -41.73 4.53 11.21
N GLN A 316 -41.84 3.30 11.72
CA GLN A 316 -43.09 2.84 12.32
C GLN A 316 -43.31 3.43 13.71
N ASN A 317 -42.25 3.58 14.49
CA ASN A 317 -42.36 3.94 15.90
C ASN A 317 -41.94 5.37 16.20
N VAL A 318 -41.46 6.12 15.22
CA VAL A 318 -41.08 7.51 15.44
C VAL A 318 -41.63 8.36 14.31
N GLY A 319 -41.59 7.84 13.08
CA GLY A 319 -42.05 8.60 11.93
C GLY A 319 -41.22 9.84 11.73
N PHE A 320 -41.89 10.92 11.30
CA PHE A 320 -41.22 12.19 11.04
C PHE A 320 -41.91 13.36 11.71
N SER A 321 -42.85 13.09 12.62
CA SER A 321 -43.49 14.18 13.37
C SER A 321 -42.50 14.84 14.32
N ARG A 322 -41.51 14.11 14.81
CA ARG A 322 -40.58 14.60 15.81
C ARG A 322 -39.22 13.98 15.57
N THR A 323 -38.23 14.44 16.34
CA THR A 323 -36.93 13.80 16.34
C THR A 323 -36.82 12.82 17.49
N PRO A 324 -35.98 11.78 17.38
CA PRO A 324 -36.00 10.71 18.38
C PRO A 324 -35.52 11.18 19.74
N THR A 325 -36.14 10.63 20.78
CA THR A 325 -35.77 10.88 22.16
C THR A 325 -35.29 9.58 22.81
N ILE A 326 -34.68 9.71 23.99
CA ILE A 326 -34.29 8.54 24.76
C ILE A 326 -35.48 7.62 24.97
N SER A 327 -36.67 8.20 25.14
CA SER A 327 -37.87 7.41 25.34
C SER A 327 -38.04 6.32 24.29
N ASP A 328 -37.53 6.57 23.08
CA ASP A 328 -37.79 5.67 21.95
C ASP A 328 -37.03 4.35 22.05
N ARG A 329 -36.09 4.21 22.98
CA ARG A 329 -35.39 2.94 23.09
C ARG A 329 -36.26 1.84 23.66
N ASN A 330 -37.51 2.16 24.04
CA ASN A 330 -38.49 1.13 24.40
C ASN A 330 -39.18 0.54 23.18
N ARG A 331 -39.23 1.28 22.07
CA ARG A 331 -39.86 0.81 20.84
C ARG A 331 -38.87 0.60 19.70
N LEU A 332 -37.70 1.24 19.74
CA LEU A 332 -36.65 1.01 18.74
C LEU A 332 -35.73 -0.11 19.20
N LEU A 333 -36.31 -1.31 19.29
CA LEU A 333 -35.63 -2.43 19.92
C LEU A 333 -34.50 -2.97 19.04
N LEU A 334 -34.71 -3.05 17.73
CA LEU A 334 -33.67 -3.57 16.85
C LEU A 334 -32.45 -2.67 16.84
N LEU A 335 -32.62 -1.36 16.99
CA LEU A 335 -31.47 -0.48 17.09
C LEU A 335 -30.69 -0.74 18.37
N GLU A 336 -31.38 -1.07 19.46
CA GLU A 336 -30.68 -1.44 20.69
C GLU A 336 -29.89 -2.72 20.52
N ALA A 337 -30.47 -3.72 19.83
CA ALA A 337 -29.77 -4.97 19.63
C ALA A 337 -28.58 -4.80 18.69
N THR A 338 -28.67 -3.88 17.73
CA THR A 338 -27.53 -3.62 16.85
C THR A 338 -26.37 -3.02 17.62
N ILE A 339 -26.65 -2.11 18.56
CA ILE A 339 -25.60 -1.53 19.38
C ILE A 339 -24.98 -2.59 20.28
N ARG A 340 -25.83 -3.38 20.94
CA ARG A 340 -25.31 -4.47 21.76
C ARG A 340 -24.45 -5.43 20.95
N GLU A 341 -24.80 -5.64 19.69
CA GLU A 341 -24.09 -6.63 18.87
C GLU A 341 -22.72 -6.10 18.45
N VAL A 342 -22.61 -4.81 18.14
CA VAL A 342 -21.30 -4.23 17.83
C VAL A 342 -20.41 -4.28 19.06
N LEU A 343 -20.95 -3.98 20.24
CA LEU A 343 -20.17 -4.02 21.46
C LEU A 343 -19.72 -5.44 21.80
N ARG A 344 -20.39 -6.47 21.29
CA ARG A 344 -19.91 -7.83 21.48
C ARG A 344 -18.82 -8.17 20.47
N LEU A 345 -19.09 -7.95 19.18
CA LEU A 345 -18.16 -8.37 18.14
C LEU A 345 -16.86 -7.58 18.22
N ARG A 346 -16.96 -6.25 18.31
CA ARG A 346 -15.79 -5.36 18.33
C ARG A 346 -15.84 -4.54 19.60
N PRO A 347 -15.53 -5.15 20.75
CA PRO A 347 -15.51 -4.37 21.99
C PRO A 347 -14.47 -3.26 21.93
N VAL A 348 -14.84 -2.10 22.47
CA VAL A 348 -13.89 -0.98 22.55
C VAL A 348 -12.59 -1.45 23.19
N ALA A 349 -12.70 -2.31 24.20
CA ALA A 349 -11.54 -2.83 24.93
C ALA A 349 -11.62 -4.36 24.91
N PRO A 350 -11.15 -5.00 23.84
CA PRO A 350 -11.24 -6.46 23.76
C PRO A 350 -10.48 -7.17 24.87
N MET A 351 -9.53 -6.49 25.52
CA MET A 351 -8.88 -7.03 26.70
C MET A 351 -8.94 -6.06 27.86
N LEU A 352 -9.88 -5.10 27.83
CA LEU A 352 -10.07 -4.17 28.93
C LEU A 352 -8.78 -3.42 29.23
N ILE A 353 -8.76 -2.68 30.33
CA ILE A 353 -7.52 -2.10 30.84
C ILE A 353 -6.89 -3.16 31.74
N PRO A 354 -5.61 -3.48 31.57
CA PRO A 354 -5.01 -4.53 32.40
C PRO A 354 -5.22 -4.28 33.89
N HIS A 355 -5.49 -5.35 34.62
CA HIS A 355 -5.65 -5.31 36.07
C HIS A 355 -4.37 -5.79 36.74
N LYS A 356 -4.33 -5.63 38.07
CA LYS A 356 -3.20 -6.06 38.87
C LYS A 356 -3.71 -6.55 40.22
N ALA A 357 -3.00 -7.52 40.79
CA ALA A 357 -3.36 -8.08 42.09
C ALA A 357 -2.73 -7.22 43.18
N ASN A 358 -3.57 -6.53 43.96
CA ASN A 358 -3.07 -5.72 45.06
C ASN A 358 -2.55 -6.58 46.20
N VAL A 359 -3.07 -7.81 46.34
CA VAL A 359 -2.68 -8.72 47.41
C VAL A 359 -2.59 -10.12 46.82
N ASP A 360 -1.98 -11.03 47.59
CA ASP A 360 -2.04 -12.44 47.23
C ASP A 360 -3.49 -12.90 47.20
N SER A 361 -3.84 -13.68 46.18
CA SER A 361 -5.22 -14.09 45.99
C SER A 361 -5.22 -15.35 45.12
N SER A 362 -6.38 -15.65 44.54
CA SER A 362 -6.50 -16.85 43.70
C SER A 362 -7.58 -16.63 42.65
N ILE A 363 -7.49 -17.41 41.58
CA ILE A 363 -8.48 -17.41 40.51
C ILE A 363 -8.73 -18.87 40.13
N GLY A 364 -9.98 -19.32 40.24
CA GLY A 364 -10.26 -20.72 40.01
C GLY A 364 -9.45 -21.63 40.90
N GLU A 365 -9.14 -21.18 42.12
CA GLU A 365 -8.33 -21.91 43.09
C GLU A 365 -6.86 -22.03 42.67
N PHE A 366 -6.41 -21.15 41.78
CA PHE A 366 -5.00 -21.08 41.40
C PHE A 366 -4.32 -19.93 42.12
N ALA A 367 -3.10 -20.17 42.60
CA ALA A 367 -2.36 -19.14 43.32
C ALA A 367 -2.02 -17.98 42.39
N VAL A 368 -2.22 -16.76 42.89
CA VAL A 368 -1.86 -15.55 42.16
C VAL A 368 -1.18 -14.61 43.15
N ASP A 369 0.09 -14.31 42.92
CA ASP A 369 0.87 -13.51 43.85
C ASP A 369 0.54 -12.02 43.71
N LYS A 370 0.84 -11.28 44.77
CA LYS A 370 0.67 -9.83 44.75
C LYS A 370 1.55 -9.22 43.66
N GLY A 371 1.03 -8.20 43.00
CA GLY A 371 1.74 -7.55 41.91
C GLY A 371 1.62 -8.23 40.57
N THR A 372 1.01 -9.41 40.51
CA THR A 372 0.84 -10.10 39.23
C THR A 372 -0.13 -9.34 38.34
N GLU A 373 0.14 -9.38 37.04
CA GLU A 373 -0.71 -8.72 36.05
C GLU A 373 -1.79 -9.69 35.58
N VAL A 374 -3.03 -9.19 35.53
CA VAL A 374 -4.19 -10.00 35.16
C VAL A 374 -4.91 -9.31 34.02
N ILE A 375 -5.18 -10.05 32.96
CA ILE A 375 -5.86 -9.53 31.78
C ILE A 375 -7.08 -10.40 31.50
N ILE A 376 -8.25 -9.77 31.41
CA ILE A 376 -9.47 -10.45 31.04
C ILE A 376 -9.59 -10.37 29.52
N ASN A 377 -9.49 -11.53 28.87
CA ASN A 377 -9.67 -11.60 27.41
C ASN A 377 -11.16 -11.52 27.11
N LEU A 378 -11.68 -10.29 27.12
CA LEU A 378 -13.09 -10.07 26.80
C LEU A 378 -13.42 -10.58 25.39
N TRP A 379 -12.45 -10.52 24.48
CA TRP A 379 -12.66 -11.10 23.16
C TRP A 379 -13.00 -12.57 23.24
N ALA A 380 -12.40 -13.28 24.20
CA ALA A 380 -12.68 -14.70 24.38
C ALA A 380 -14.09 -14.91 24.92
N LEU A 381 -14.51 -14.09 25.88
CA LEU A 381 -15.86 -14.23 26.44
C LEU A 381 -16.92 -13.94 25.38
N HIS A 382 -16.67 -12.98 24.51
CA HIS A 382 -17.65 -12.58 23.50
C HIS A 382 -17.66 -13.49 22.29
N HIS A 383 -16.66 -14.36 22.14
CA HIS A 383 -16.59 -15.28 21.00
C HIS A 383 -16.62 -16.75 21.42
N ASN A 384 -16.83 -17.04 22.70
CA ASN A 384 -16.95 -18.42 23.15
C ASN A 384 -18.08 -19.11 22.39
N GLU A 385 -17.76 -20.19 21.69
CA GLU A 385 -18.74 -20.88 20.87
C GLU A 385 -19.72 -21.72 21.68
N LYS A 386 -19.38 -22.06 22.92
CA LYS A 386 -20.33 -22.71 23.81
C LYS A 386 -21.31 -21.73 24.43
N GLU A 387 -21.07 -20.42 24.30
CA GLU A 387 -21.93 -19.40 24.87
C GLU A 387 -22.69 -18.59 23.83
N TRP A 388 -22.27 -18.63 22.57
CA TRP A 388 -22.91 -17.86 21.51
C TRP A 388 -23.11 -18.74 20.28
N HIS A 389 -24.20 -18.49 19.56
CA HIS A 389 -24.46 -19.16 18.29
C HIS A 389 -23.79 -18.37 17.18
N GLN A 390 -22.88 -19.02 16.45
CA GLN A 390 -22.13 -18.39 15.37
C GLN A 390 -21.59 -17.05 15.83
N PRO A 391 -20.56 -17.05 16.69
CA PRO A 391 -20.12 -15.79 17.30
C PRO A 391 -19.37 -14.89 16.35
N ASP A 392 -18.82 -15.44 15.25
CA ASP A 392 -18.13 -14.62 14.26
C ASP A 392 -19.08 -13.79 13.40
N GLN A 393 -20.38 -14.09 13.42
CA GLN A 393 -21.34 -13.39 12.58
C GLN A 393 -21.97 -12.22 13.31
N PHE A 394 -22.31 -11.18 12.53
CA PHE A 394 -22.99 -9.99 13.04
C PHE A 394 -24.49 -10.26 12.94
N MET A 395 -25.09 -10.71 14.04
CA MET A 395 -26.51 -11.05 14.09
C MET A 395 -27.15 -10.32 15.26
N PRO A 396 -27.60 -9.08 15.05
CA PRO A 396 -28.31 -8.38 16.13
C PRO A 396 -29.54 -9.13 16.61
N GLU A 397 -30.09 -10.03 15.79
CA GLU A 397 -31.24 -10.83 16.21
C GLU A 397 -30.95 -11.63 17.47
N ARG A 398 -29.68 -11.93 17.74
CA ARG A 398 -29.34 -12.75 18.91
C ARG A 398 -29.79 -12.10 20.21
N PHE A 399 -29.97 -10.79 20.23
CA PHE A 399 -30.40 -10.07 21.42
C PHE A 399 -31.91 -9.82 21.45
N LEU A 400 -32.66 -10.39 20.51
CA LEU A 400 -34.10 -10.24 20.44
C LEU A 400 -34.77 -11.60 20.57
N ASN A 401 -35.91 -11.62 21.26
CA ASN A 401 -36.72 -12.82 21.30
C ASN A 401 -37.16 -13.19 19.89
N PRO A 402 -37.50 -14.46 19.65
CA PRO A 402 -37.77 -14.90 18.27
C PRO A 402 -38.80 -14.06 17.55
N ALA A 403 -39.73 -13.43 18.26
CA ALA A 403 -40.73 -12.59 17.64
C ALA A 403 -40.28 -11.14 17.46
N GLY A 404 -39.16 -10.75 18.07
CA GLY A 404 -38.67 -9.39 17.94
C GLY A 404 -39.49 -8.38 18.70
N THR A 405 -39.92 -8.70 19.91
CA THR A 405 -40.80 -7.84 20.70
C THR A 405 -40.19 -7.35 22.00
N GLN A 406 -39.03 -7.87 22.40
CA GLN A 406 -38.37 -7.42 23.62
C GLN A 406 -36.91 -7.85 23.59
N LEU A 407 -36.04 -6.97 24.06
CA LEU A 407 -34.63 -7.32 24.19
C LEU A 407 -34.47 -8.48 25.17
N ILE A 408 -33.37 -9.21 25.03
CA ILE A 408 -33.04 -10.32 25.91
C ILE A 408 -31.54 -10.27 26.20
N SER A 409 -31.09 -11.22 27.00
CA SER A 409 -29.68 -11.37 27.37
C SER A 409 -29.31 -12.82 27.12
N PRO A 410 -28.83 -13.15 25.92
CA PRO A 410 -28.71 -14.56 25.54
C PRO A 410 -27.53 -15.27 26.18
N SER A 411 -26.53 -14.54 26.67
CA SER A 411 -25.36 -15.16 27.28
C SER A 411 -24.90 -14.33 28.46
N VAL A 412 -24.44 -15.01 29.52
CA VAL A 412 -23.82 -14.34 30.65
C VAL A 412 -22.37 -13.98 30.36
N SER A 413 -21.80 -14.48 29.27
CA SER A 413 -20.43 -14.17 28.88
C SER A 413 -20.40 -12.89 28.05
N TYR A 414 -20.88 -11.80 28.66
CA TYR A 414 -21.09 -10.54 27.95
C TYR A 414 -20.86 -9.40 28.93
N LEU A 415 -19.76 -8.65 28.73
CA LEU A 415 -19.39 -7.55 29.61
C LEU A 415 -18.69 -6.47 28.80
N PRO A 416 -19.42 -5.81 27.90
CA PRO A 416 -18.77 -4.76 27.09
C PRO A 416 -18.21 -3.63 27.92
N PHE A 417 -18.85 -3.27 29.03
CA PHE A 417 -18.41 -2.18 29.88
C PHE A 417 -17.66 -2.65 31.12
N GLY A 418 -17.23 -3.92 31.14
CA GLY A 418 -16.53 -4.44 32.29
C GLY A 418 -17.49 -4.69 33.46
N ALA A 419 -16.90 -4.80 34.64
CA ALA A 419 -17.68 -5.03 35.86
C ALA A 419 -16.77 -4.85 37.06
N GLY A 420 -17.38 -4.42 38.17
CA GLY A 420 -16.66 -4.32 39.43
C GLY A 420 -16.08 -2.94 39.68
N PRO A 421 -15.11 -2.88 40.59
CA PRO A 421 -14.52 -1.58 40.94
C PRO A 421 -14.00 -0.78 39.76
N ARG A 422 -13.45 -1.43 38.74
CA ARG A 422 -12.81 -0.76 37.63
C ARG A 422 -13.72 -0.66 36.40
N SER A 423 -15.03 -0.85 36.57
CA SER A 423 -15.93 -0.83 35.44
C SER A 423 -16.04 0.58 34.86
N CYS A 424 -16.57 0.65 33.65
CA CYS A 424 -16.74 1.92 32.97
C CYS A 424 -17.63 2.86 33.78
N ILE A 425 -17.25 4.14 33.81
CA ILE A 425 -18.09 5.17 34.43
C ILE A 425 -18.84 6.01 33.41
N GLY A 426 -18.57 5.83 32.12
CA GLY A 426 -19.27 6.57 31.09
C GLY A 426 -20.27 5.71 30.33
N GLU A 427 -20.64 4.57 30.90
CA GLU A 427 -21.62 3.71 30.25
C GLU A 427 -22.91 4.47 29.96
N ILE A 428 -23.47 5.11 30.97
CA ILE A 428 -24.73 5.83 30.79
C ILE A 428 -24.60 6.85 29.68
N LEU A 429 -23.53 7.65 29.73
CA LEU A 429 -23.27 8.60 28.64
C LEU A 429 -23.12 7.87 27.32
N ALA A 430 -22.37 6.75 27.32
CA ALA A 430 -22.09 6.04 26.08
C ALA A 430 -23.36 5.51 25.43
N ARG A 431 -24.15 4.74 26.17
CA ARG A 431 -25.34 4.12 25.59
C ARG A 431 -26.30 5.16 25.03
N GLN A 432 -26.51 6.26 25.77
CA GLN A 432 -27.40 7.32 25.29
C GLN A 432 -26.82 8.00 24.06
N GLU A 433 -25.51 8.21 24.02
CA GLU A 433 -24.88 8.84 22.87
C GLU A 433 -25.03 7.97 21.63
N LEU A 434 -24.63 6.70 21.74
CA LEU A 434 -24.68 5.81 20.57
C LEU A 434 -26.10 5.66 20.05
N PHE A 435 -27.09 5.64 20.94
CA PHE A 435 -28.46 5.42 20.51
C PHE A 435 -29.02 6.65 19.80
N LEU A 436 -28.86 7.83 20.40
CA LEU A 436 -29.41 9.03 19.80
C LEU A 436 -28.74 9.34 18.45
N ILE A 437 -27.42 9.19 18.38
CA ILE A 437 -26.71 9.44 17.13
C ILE A 437 -27.27 8.54 16.02
N MET A 438 -27.29 7.23 16.27
CA MET A 438 -27.72 6.29 15.24
C MET A 438 -29.20 6.47 14.91
N ALA A 439 -30.03 6.85 15.89
CA ALA A 439 -31.44 7.05 15.61
C ALA A 439 -31.66 8.28 14.74
N TRP A 440 -30.95 9.37 15.04
CA TRP A 440 -31.13 10.60 14.25
C TRP A 440 -30.64 10.42 12.82
N LEU A 441 -29.52 9.72 12.63
CA LEU A 441 -28.98 9.53 11.29
C LEU A 441 -29.89 8.63 10.45
N LEU A 442 -30.40 7.55 11.03
CA LEU A 442 -31.25 6.63 10.28
C LEU A 442 -32.59 7.25 9.94
N GLN A 443 -33.10 8.14 10.79
CA GLN A 443 -34.35 8.83 10.49
C GLN A 443 -34.22 9.74 9.28
N ARG A 444 -33.01 10.15 8.95
CA ARG A 444 -32.79 11.32 8.10
C ARG A 444 -31.95 11.06 6.86
N PHE A 445 -31.06 10.07 6.88
CA PHE A 445 -30.11 9.88 5.80
C PHE A 445 -30.15 8.47 5.24
N ASP A 446 -30.00 8.35 3.92
CA ASP A 446 -29.63 7.09 3.29
C ASP A 446 -28.11 6.97 3.35
N LEU A 447 -27.63 5.93 4.02
CA LEU A 447 -26.20 5.72 4.22
C LEU A 447 -25.79 4.51 3.40
N GLU A 448 -25.25 4.77 2.21
CA GLU A 448 -25.00 3.73 1.21
C GLU A 448 -23.51 3.58 0.95
N VAL A 449 -23.17 2.50 0.26
CA VAL A 449 -21.77 2.28 -0.16
C VAL A 449 -21.35 3.41 -1.08
N PRO A 450 -20.14 3.98 -0.93
CA PRO A 450 -19.71 5.06 -1.84
C PRO A 450 -19.82 4.63 -3.31
N ASP A 451 -19.72 5.60 -4.22
CA ASP A 451 -19.93 5.29 -5.63
C ASP A 451 -18.88 4.31 -6.15
N ASP A 452 -17.64 4.46 -5.68
CA ASP A 452 -16.67 3.38 -5.85
C ASP A 452 -17.13 2.17 -5.04
N GLY A 453 -16.65 1.00 -5.44
CA GLY A 453 -17.18 -0.22 -4.86
C GLY A 453 -16.70 -0.58 -3.47
N GLN A 454 -15.99 0.32 -2.79
CA GLN A 454 -15.23 -0.07 -1.61
C GLN A 454 -16.11 -0.16 -0.37
N LEU A 455 -15.94 -1.25 0.38
CA LEU A 455 -16.51 -1.43 1.71
C LEU A 455 -15.43 -1.29 2.77
N PRO A 456 -15.79 -0.95 4.01
CA PRO A 456 -14.77 -0.87 5.07
C PRO A 456 -14.36 -2.24 5.57
N SER A 457 -13.06 -2.39 5.81
CA SER A 457 -12.55 -3.62 6.41
C SER A 457 -12.98 -3.70 7.87
N LEU A 458 -13.57 -4.82 8.24
CA LEU A 458 -14.00 -5.05 9.61
C LEU A 458 -12.91 -5.71 10.45
N GLU A 459 -11.75 -5.98 9.87
CA GLU A 459 -10.67 -6.63 10.62
C GLU A 459 -10.31 -5.82 11.85
N GLY A 460 -10.22 -4.51 11.72
CA GLY A 460 -9.98 -3.63 12.84
C GLY A 460 -8.49 -3.43 13.12
N ILE A 461 -8.23 -2.43 13.96
CA ILE A 461 -6.86 -2.04 14.30
C ILE A 461 -6.75 -1.96 15.82
N PRO A 462 -6.15 -2.95 16.49
CA PRO A 462 -6.06 -2.89 17.95
C PRO A 462 -5.07 -1.85 18.45
N LYS A 463 -5.60 -0.81 19.11
CA LYS A 463 -4.78 0.12 19.88
C LYS A 463 -5.30 0.12 21.31
N VAL A 464 -5.05 1.19 22.07
CA VAL A 464 -5.68 1.29 23.38
C VAL A 464 -7.19 1.21 23.24
N VAL A 465 -7.71 1.60 22.08
CA VAL A 465 -9.11 1.40 21.71
C VAL A 465 -9.14 0.62 20.41
N PHE A 466 -10.15 -0.22 20.25
CA PHE A 466 -10.26 -1.08 19.07
C PHE A 466 -10.86 -0.26 17.94
N LEU A 467 -9.99 0.28 17.08
CA LEU A 467 -10.41 1.19 16.03
C LEU A 467 -10.67 0.44 14.73
N ILE A 468 -11.30 1.14 13.79
CA ILE A 468 -11.56 0.61 12.45
C ILE A 468 -10.83 1.49 11.44
N ASP A 469 -10.33 0.86 10.38
CA ASP A 469 -9.78 1.59 9.26
C ASP A 469 -10.77 2.65 8.79
N SER A 470 -10.29 3.88 8.60
CA SER A 470 -11.18 4.95 8.16
C SER A 470 -11.78 4.60 6.80
N PHE A 471 -13.02 5.03 6.58
CA PHE A 471 -13.75 4.69 5.38
C PHE A 471 -14.72 5.81 5.05
N LYS A 472 -15.36 5.70 3.89
CA LYS A 472 -16.27 6.72 3.40
C LYS A 472 -17.67 6.18 3.22
N VAL A 473 -18.66 7.07 3.29
CA VAL A 473 -20.07 6.74 3.20
C VAL A 473 -20.74 7.72 2.26
N LYS A 474 -21.47 7.20 1.27
CA LYS A 474 -22.35 8.05 0.47
C LYS A 474 -23.57 8.39 1.31
N ILE A 475 -23.76 9.68 1.59
CA ILE A 475 -24.83 10.16 2.44
C ILE A 475 -25.82 10.94 1.60
N LYS A 476 -27.10 10.55 1.69
CA LYS A 476 -28.18 11.24 1.01
C LYS A 476 -29.28 11.53 2.01
N VAL A 477 -29.90 12.71 1.91
CA VAL A 477 -31.11 12.97 2.68
C VAL A 477 -32.22 12.05 2.19
N ARG A 478 -33.03 11.57 3.11
CA ARG A 478 -34.07 10.61 2.77
C ARG A 478 -35.25 11.30 2.08
N GLN A 479 -35.72 10.69 1.00
CA GLN A 479 -36.93 11.20 0.34
C GLN A 479 -38.10 11.22 1.31
N ALA A 480 -38.22 10.19 2.15
CA ALA A 480 -39.26 10.17 3.17
C ALA A 480 -39.11 11.36 4.12
N TRP A 481 -37.88 11.88 4.27
CA TRP A 481 -37.67 13.04 5.11
C TRP A 481 -37.96 14.34 4.37
N ARG A 482 -37.70 14.38 3.06
CA ARG A 482 -38.09 15.53 2.26
C ARG A 482 -39.61 15.70 2.27
N GLU A 483 -40.33 14.70 1.76
CA GLU A 483 -41.74 14.58 2.08
C GLU A 483 -41.91 14.68 3.59
N ALA A 484 -43.03 15.25 4.01
CA ALA A 484 -43.33 15.57 5.40
C ALA A 484 -42.69 16.90 5.80
N GLN A 485 -41.93 17.53 4.92
CA GLN A 485 -41.58 18.95 5.07
C GLN A 485 -42.59 19.85 4.37
N ALA A 486 -43.60 19.27 3.71
CA ALA A 486 -44.65 20.04 3.07
C ALA A 486 -45.90 20.05 3.96
N LEU B 13 10.15 -17.59 -44.48
CA LEU B 13 9.19 -17.39 -43.42
C LEU B 13 8.76 -15.92 -43.38
N LEU B 14 7.47 -15.70 -43.17
CA LEU B 14 6.86 -14.39 -43.39
C LEU B 14 6.64 -13.62 -42.08
N SER B 15 6.37 -12.33 -42.24
CA SER B 15 6.11 -11.44 -41.12
C SER B 15 4.62 -11.35 -40.84
N LEU B 16 4.28 -11.07 -39.58
CA LEU B 16 2.89 -11.15 -39.14
C LEU B 16 2.10 -9.95 -39.65
N PRO B 17 0.84 -10.16 -40.07
CA PRO B 17 -0.08 -9.03 -40.24
C PRO B 17 -0.09 -8.17 -38.98
N LEU B 18 -0.01 -6.85 -39.18
CA LEU B 18 0.08 -5.90 -38.07
C LEU B 18 -1.15 -5.02 -38.09
N VAL B 19 -2.02 -5.20 -37.09
CA VAL B 19 -3.26 -4.44 -37.02
C VAL B 19 -3.03 -3.09 -36.36
N GLY B 20 -2.04 -2.98 -35.48
CA GLY B 20 -1.79 -1.73 -34.79
C GLY B 20 -0.40 -1.70 -34.20
N SER B 21 0.09 -0.48 -33.98
CA SER B 21 1.44 -0.29 -33.46
C SER B 21 1.44 0.94 -32.56
N LEU B 22 1.94 0.76 -31.33
CA LEU B 22 2.11 1.84 -30.38
C LEU B 22 3.57 1.94 -29.96
N PRO B 23 4.14 3.15 -29.87
CA PRO B 23 5.59 3.25 -29.64
C PRO B 23 6.01 2.97 -28.21
N PHE B 24 5.11 3.12 -27.23
CA PHE B 24 5.43 2.76 -25.87
C PHE B 24 4.17 2.21 -25.20
N LEU B 25 4.35 1.69 -23.99
CA LEU B 25 3.27 0.99 -23.31
C LEU B 25 2.30 1.98 -22.69
N PRO B 26 0.99 1.81 -22.86
CA PRO B 26 0.04 2.65 -22.16
C PRO B 26 0.08 2.41 -20.66
N ARG B 27 -0.13 3.48 -19.90
CA ARG B 27 -0.21 3.42 -18.44
C ARG B 27 1.06 2.88 -17.81
N HIS B 28 2.20 2.99 -18.49
CA HIS B 28 3.51 2.71 -17.93
C HIS B 28 4.33 3.99 -18.01
N GLY B 29 4.56 4.62 -16.87
CA GLY B 29 5.23 5.91 -16.83
C GLY B 29 4.29 7.04 -17.21
N HIS B 30 4.71 8.25 -16.86
CA HIS B 30 3.93 9.44 -17.20
C HIS B 30 4.01 9.72 -18.70
N MET B 31 2.88 10.14 -19.27
CA MET B 31 2.84 10.41 -20.70
C MET B 31 3.89 11.44 -21.11
N HIS B 32 3.92 12.59 -20.40
CA HIS B 32 4.79 13.69 -20.82
C HIS B 32 6.24 13.26 -20.94
N ASN B 33 6.69 12.33 -20.09
CA ASN B 33 8.07 11.86 -20.18
C ASN B 33 8.24 10.75 -21.22
N ASN B 34 7.20 9.95 -21.44
CA ASN B 34 7.29 8.92 -22.48
C ASN B 34 7.42 9.55 -23.86
N PHE B 35 6.65 10.62 -24.13
CA PHE B 35 6.81 11.34 -25.39
C PHE B 35 8.18 12.00 -25.46
N PHE B 36 8.67 12.52 -24.33
CA PHE B 36 9.98 13.18 -24.33
C PHE B 36 11.08 12.18 -24.70
N LYS B 37 10.99 10.96 -24.18
CA LYS B 37 12.00 9.94 -24.50
C LYS B 37 11.93 9.52 -25.97
N LEU B 38 10.76 9.66 -26.60
CA LEU B 38 10.64 9.31 -28.01
C LEU B 38 11.39 10.29 -28.91
N GLN B 39 11.68 11.49 -28.42
CA GLN B 39 12.38 12.47 -29.26
C GLN B 39 13.78 11.99 -29.62
N LYS B 40 14.42 11.22 -28.74
CA LYS B 40 15.73 10.63 -29.07
C LYS B 40 15.67 9.82 -30.35
N LYS B 41 14.48 9.41 -30.78
CA LYS B 41 14.30 8.39 -31.79
C LYS B 41 13.69 8.93 -33.07
N TYR B 42 12.79 9.91 -32.97
CA TYR B 42 12.08 10.44 -34.12
C TYR B 42 12.24 11.94 -34.30
N GLY B 43 12.88 12.64 -33.36
CA GLY B 43 13.01 14.07 -33.41
C GLY B 43 11.99 14.76 -32.53
N PRO B 44 11.96 16.09 -32.59
CA PRO B 44 11.10 16.86 -31.68
C PRO B 44 9.64 16.95 -32.09
N ILE B 45 9.24 16.35 -33.21
CA ILE B 45 7.86 16.44 -33.69
C ILE B 45 7.49 15.15 -34.40
N TYR B 46 6.39 14.55 -33.99
CA TYR B 46 5.89 13.33 -34.61
C TYR B 46 4.39 13.23 -34.34
N SER B 47 3.75 12.26 -34.97
CA SER B 47 2.31 12.13 -34.93
C SER B 47 1.89 10.71 -34.56
N VAL B 48 0.66 10.61 -34.08
CA VAL B 48 0.02 9.33 -33.79
C VAL B 48 -1.39 9.37 -34.36
N ARG B 49 -1.82 8.27 -34.97
CA ARG B 49 -3.15 8.15 -35.54
C ARG B 49 -4.02 7.27 -34.65
N MET B 50 -5.21 7.75 -34.31
CA MET B 50 -6.17 7.01 -33.48
C MET B 50 -7.48 6.94 -34.25
N GLY B 51 -7.62 5.90 -35.08
CA GLY B 51 -8.75 5.83 -35.98
C GLY B 51 -8.64 6.90 -37.04
N THR B 52 -9.42 7.97 -36.89
CA THR B 52 -9.29 9.15 -37.73
C THR B 52 -8.55 10.28 -37.01
N LYS B 53 -8.63 10.32 -35.68
CA LYS B 53 -7.91 11.32 -34.91
C LYS B 53 -6.41 11.19 -35.10
N THR B 54 -5.81 12.14 -35.81
CA THR B 54 -4.36 12.27 -35.83
C THR B 54 -3.95 13.29 -34.78
N THR B 55 -2.89 12.97 -34.04
CA THR B 55 -2.40 13.82 -32.98
C THR B 55 -0.92 14.10 -33.21
N VAL B 56 -0.52 15.36 -33.05
CA VAL B 56 0.85 15.80 -33.25
C VAL B 56 1.42 16.21 -31.91
N ILE B 57 2.58 15.66 -31.57
CA ILE B 57 3.29 16.00 -30.34
C ILE B 57 4.48 16.88 -30.71
N VAL B 58 4.63 17.99 -30.00
CA VAL B 58 5.68 18.97 -30.26
C VAL B 58 6.52 19.10 -29.00
N GLY B 59 7.84 19.02 -29.15
CA GLY B 59 8.72 18.97 -28.00
C GLY B 59 9.94 19.86 -28.07
N HIS B 60 9.91 20.89 -28.93
CA HIS B 60 11.00 21.85 -29.02
C HIS B 60 10.42 23.25 -28.96
N HIS B 61 11.16 24.17 -28.33
CA HIS B 61 10.61 25.50 -28.07
C HIS B 61 10.35 26.28 -29.34
N GLN B 62 11.17 26.08 -30.38
CA GLN B 62 10.95 26.80 -31.63
C GLN B 62 9.64 26.36 -32.28
N LEU B 63 9.39 25.06 -32.35
CA LEU B 63 8.12 24.57 -32.86
C LEU B 63 6.96 24.90 -31.93
N ALA B 64 7.23 24.95 -30.62
CA ALA B 64 6.19 25.33 -29.66
C ALA B 64 5.78 26.78 -29.86
N LYS B 65 6.76 27.68 -30.00
CA LYS B 65 6.45 29.09 -30.18
C LYS B 65 5.84 29.37 -31.55
N GLU B 66 6.08 28.50 -32.54
CA GLU B 66 5.37 28.61 -33.82
C GLU B 66 3.91 28.24 -33.64
N VAL B 67 3.64 27.13 -32.94
CA VAL B 67 2.26 26.71 -32.70
C VAL B 67 1.53 27.72 -31.83
N LEU B 68 2.17 28.16 -30.74
CA LEU B 68 1.49 28.98 -29.75
C LEU B 68 1.41 30.44 -30.14
N ILE B 69 2.43 30.97 -30.83
CA ILE B 69 2.53 32.41 -31.03
C ILE B 69 2.48 32.76 -32.51
N LYS B 70 3.52 32.37 -33.25
CA LYS B 70 3.63 32.75 -34.66
C LYS B 70 2.38 32.41 -35.45
N LYS B 71 1.76 31.27 -35.13
CA LYS B 71 0.51 30.85 -35.77
C LYS B 71 -0.55 30.55 -34.74
N GLY B 72 -0.60 31.37 -33.68
CA GLY B 72 -1.55 31.13 -32.61
C GLY B 72 -2.96 30.94 -33.09
N LYS B 73 -3.44 31.85 -33.95
CA LYS B 73 -4.81 31.79 -34.41
C LYS B 73 -5.11 30.48 -35.13
N ASP B 74 -4.10 29.87 -35.76
CA ASP B 74 -4.34 28.64 -36.52
C ASP B 74 -4.51 27.44 -35.60
N PHE B 75 -3.75 27.38 -34.50
CA PHE B 75 -3.78 26.25 -33.58
C PHE B 75 -4.41 26.62 -32.24
N SER B 76 -5.43 27.47 -32.27
CA SER B 76 -6.07 27.97 -31.06
C SER B 76 -7.34 27.19 -30.70
N GLY B 77 -7.62 26.09 -31.38
CA GLY B 77 -8.78 25.29 -31.05
C GLY B 77 -8.51 24.30 -29.94
N ARG B 78 -9.61 23.73 -29.43
CA ARG B 78 -9.54 22.67 -28.44
C ARG B 78 -10.23 21.43 -28.99
N PRO B 79 -9.63 20.25 -28.86
CA PRO B 79 -10.34 19.03 -29.28
C PRO B 79 -11.53 18.76 -28.36
N GLN B 80 -12.39 17.86 -28.81
CA GLN B 80 -13.60 17.51 -28.07
C GLN B 80 -13.40 16.17 -27.38
N MET B 81 -13.74 16.13 -26.09
CA MET B 81 -13.63 14.91 -25.30
C MET B 81 -14.89 14.74 -24.47
N ALA B 82 -15.24 13.48 -24.21
CA ALA B 82 -16.47 13.19 -23.48
C ALA B 82 -16.43 13.78 -22.08
N THR B 83 -15.31 13.62 -21.37
CA THR B 83 -15.21 14.13 -20.01
C THR B 83 -15.23 15.66 -20.00
N LEU B 84 -14.50 16.29 -20.92
CA LEU B 84 -14.49 17.75 -20.96
C LEU B 84 -15.85 18.31 -21.36
N ASP B 85 -16.61 17.59 -22.19
CA ASP B 85 -17.97 17.98 -22.49
C ASP B 85 -18.78 18.18 -21.21
N ILE B 86 -18.69 17.21 -20.30
CA ILE B 86 -19.48 17.26 -19.08
C ILE B 86 -18.95 18.35 -18.14
N ALA B 87 -17.63 18.43 -18.01
CA ALA B 87 -17.06 19.42 -17.10
C ALA B 87 -17.31 20.85 -17.57
N SER B 88 -17.37 21.07 -18.87
CA SER B 88 -17.54 22.41 -19.43
C SER B 88 -18.98 22.69 -19.84
N ASN B 89 -19.93 21.85 -19.43
CA ASN B 89 -21.33 22.02 -19.80
C ASN B 89 -21.46 22.16 -21.31
N ASN B 90 -20.79 21.25 -22.03
CA ASN B 90 -20.80 21.20 -23.50
C ASN B 90 -19.98 22.36 -24.10
N ARG B 91 -18.73 22.47 -23.65
CA ARG B 91 -17.74 23.36 -24.27
C ARG B 91 -18.16 24.83 -24.20
N LYS B 92 -18.72 25.23 -23.07
CA LYS B 92 -18.85 26.63 -22.74
C LYS B 92 -17.66 27.03 -21.86
N GLY B 93 -17.67 28.25 -21.34
CA GLY B 93 -16.54 28.71 -20.57
C GLY B 93 -15.36 29.10 -21.45
N ILE B 94 -14.16 29.00 -20.89
CA ILE B 94 -12.93 29.43 -21.54
C ILE B 94 -12.02 28.25 -21.85
N ALA B 95 -11.57 27.53 -20.82
CA ALA B 95 -10.46 26.60 -20.97
C ALA B 95 -10.76 25.51 -22.00
N PHE B 96 -11.92 24.88 -21.90
CA PHE B 96 -12.27 23.77 -22.78
C PHE B 96 -13.16 24.19 -23.93
N ALA B 97 -13.57 25.46 -23.99
CA ALA B 97 -14.34 25.95 -25.12
C ALA B 97 -13.47 26.01 -26.37
N ASP B 98 -14.10 25.73 -27.51
CA ASP B 98 -13.41 25.85 -28.79
C ASP B 98 -13.32 27.32 -29.20
N SER B 99 -12.36 27.62 -30.07
CA SER B 99 -12.19 28.99 -30.53
C SER B 99 -13.41 29.45 -31.32
N GLY B 100 -13.82 30.68 -31.05
CA GLY B 100 -15.04 31.20 -31.63
C GLY B 100 -15.49 32.43 -30.86
N ALA B 101 -16.68 32.91 -31.23
CA ALA B 101 -17.20 34.12 -30.60
C ALA B 101 -17.41 33.92 -29.10
N HIS B 102 -17.92 32.75 -28.71
CA HIS B 102 -18.19 32.52 -27.29
C HIS B 102 -16.90 32.48 -26.48
N TRP B 103 -15.85 31.84 -27.01
CA TRP B 103 -14.58 31.79 -26.30
C TRP B 103 -13.93 33.17 -26.24
N GLN B 104 -13.81 33.83 -27.40
CA GLN B 104 -13.13 35.12 -27.44
C GLN B 104 -13.79 36.12 -26.49
N LEU B 105 -15.12 36.09 -26.41
CA LEU B 105 -15.82 37.05 -25.56
C LEU B 105 -15.60 36.76 -24.09
N HIS B 106 -15.86 35.52 -23.66
CA HIS B 106 -15.71 35.19 -22.24
C HIS B 106 -14.27 35.36 -21.79
N ARG B 107 -13.30 35.03 -22.65
CA ARG B 107 -11.91 35.24 -22.29
C ARG B 107 -11.60 36.72 -22.12
N ARG B 108 -12.16 37.56 -23.00
CA ARG B 108 -11.92 39.00 -22.90
C ARG B 108 -12.54 39.56 -21.62
N LEU B 109 -13.77 39.17 -21.31
CA LEU B 109 -14.44 39.67 -20.12
C LEU B 109 -13.70 39.24 -18.85
N ALA B 110 -13.22 37.99 -18.81
CA ALA B 110 -12.47 37.52 -17.65
C ALA B 110 -11.22 38.37 -17.45
N MET B 111 -10.44 38.58 -18.53
CA MET B 111 -9.27 39.44 -18.44
C MET B 111 -9.67 40.84 -18.00
N ALA B 112 -10.80 41.35 -18.50
CA ALA B 112 -11.25 42.68 -18.10
C ALA B 112 -11.46 42.76 -16.60
N THR B 113 -12.09 41.75 -16.00
CA THR B 113 -12.36 41.79 -14.56
C THR B 113 -11.07 41.96 -13.77
N PHE B 114 -10.01 41.24 -14.15
CA PHE B 114 -8.76 41.35 -13.42
C PHE B 114 -8.19 42.77 -13.45
N ALA B 115 -8.76 43.67 -14.25
CA ALA B 115 -8.36 45.07 -14.22
C ALA B 115 -8.99 45.82 -13.06
N LEU B 116 -10.20 45.44 -12.65
CA LEU B 116 -10.84 46.07 -11.50
C LEU B 116 -10.03 45.94 -10.22
N PHE B 117 -9.01 45.09 -10.21
CA PHE B 117 -8.18 44.85 -9.03
C PHE B 117 -6.74 45.28 -9.26
N LYS B 118 -6.54 46.29 -10.12
CA LYS B 118 -5.22 46.83 -10.39
C LYS B 118 -4.85 47.97 -9.46
N ASP B 119 -5.82 48.60 -8.79
CA ASP B 119 -5.56 49.83 -8.06
C ASP B 119 -6.66 50.13 -7.07
N GLY B 120 -6.29 50.64 -5.91
CA GLY B 120 -7.21 51.35 -5.04
C GLY B 120 -7.77 50.47 -3.93
N ASP B 121 -9.09 50.52 -3.75
CA ASP B 121 -9.72 49.87 -2.60
C ASP B 121 -9.58 48.35 -2.69
N GLN B 122 -10.02 47.77 -3.80
CA GLN B 122 -9.92 46.32 -4.01
C GLN B 122 -8.59 45.92 -4.64
N LYS B 123 -7.48 46.57 -4.29
CA LYS B 123 -6.19 46.17 -4.83
C LYS B 123 -5.98 44.68 -4.60
N LEU B 124 -5.47 44.00 -5.64
CA LEU B 124 -5.38 42.56 -5.58
C LEU B 124 -4.49 42.08 -4.44
N GLU B 125 -3.45 42.84 -4.12
CA GLU B 125 -2.57 42.45 -3.01
C GLU B 125 -3.30 42.53 -1.68
N LYS B 126 -4.18 43.52 -1.50
CA LYS B 126 -4.87 43.68 -0.23
C LYS B 126 -5.79 42.51 0.06
N ILE B 127 -6.46 41.99 -0.97
CA ILE B 127 -7.37 40.86 -0.76
C ILE B 127 -6.59 39.60 -0.42
N ILE B 128 -5.44 39.40 -1.07
CA ILE B 128 -4.64 38.21 -0.82
C ILE B 128 -4.03 38.26 0.58
N CYS B 129 -3.56 39.44 1.01
CA CYS B 129 -2.99 39.55 2.34
C CYS B 129 -4.06 39.40 3.42
N GLN B 130 -5.32 39.74 3.10
CA GLN B 130 -6.40 39.54 4.05
C GLN B 130 -6.56 38.06 4.40
N GLU B 131 -6.59 37.21 3.38
CA GLU B 131 -6.81 35.78 3.61
C GLU B 131 -5.53 35.07 4.04
N ILE B 132 -4.37 35.53 3.57
CA ILE B 132 -3.12 34.95 4.05
C ILE B 132 -2.95 35.23 5.54
N SER B 133 -3.47 36.36 6.03
CA SER B 133 -3.41 36.63 7.46
C SER B 133 -4.30 35.67 8.24
N THR B 134 -5.52 35.43 7.76
CA THR B 134 -6.38 34.41 8.35
C THR B 134 -5.68 33.05 8.34
N LEU B 135 -5.13 32.67 7.20
CA LEU B 135 -4.44 31.38 7.07
C LEU B 135 -3.33 31.25 8.10
N CYS B 136 -2.61 32.34 8.39
CA CYS B 136 -1.49 32.26 9.33
C CYS B 136 -1.99 32.17 10.77
N ASP B 137 -3.08 32.86 11.09
CA ASP B 137 -3.61 32.81 12.45
C ASP B 137 -4.06 31.39 12.81
N MET B 138 -4.69 30.70 11.85
CA MET B 138 -5.12 29.32 12.10
C MET B 138 -3.94 28.38 12.22
N LEU B 139 -3.06 28.39 11.21
CA LEU B 139 -1.88 27.52 11.23
C LEU B 139 -1.08 27.69 12.51
N ALA B 140 -1.06 28.90 13.07
CA ALA B 140 -0.32 29.12 14.31
C ALA B 140 -0.88 28.28 15.45
N THR B 141 -2.19 27.99 15.43
CA THR B 141 -2.76 27.16 16.48
C THR B 141 -2.15 25.76 16.48
N HIS B 142 -1.71 25.29 15.31
CA HIS B 142 -1.10 23.97 15.18
C HIS B 142 0.38 23.97 15.54
N ASN B 143 0.86 24.95 16.30
CA ASN B 143 2.26 25.01 16.68
C ASN B 143 2.71 23.71 17.32
N GLY B 144 3.82 23.16 16.83
CA GLY B 144 4.38 21.94 17.37
C GLY B 144 3.80 20.67 16.79
N GLN B 145 2.85 20.76 15.85
CA GLN B 145 2.16 19.60 15.30
C GLN B 145 2.52 19.42 13.83
N SER B 146 2.24 18.22 13.33
CA SER B 146 2.41 17.88 11.93
C SER B 146 1.05 17.76 11.26
N ILE B 147 0.84 18.50 10.17
CA ILE B 147 -0.46 18.60 9.52
C ILE B 147 -0.30 18.54 8.02
N ASP B 148 -1.40 18.22 7.35
CA ASP B 148 -1.53 18.42 5.90
C ASP B 148 -2.17 19.78 5.68
N ILE B 149 -1.44 20.69 5.03
CA ILE B 149 -1.86 22.08 4.93
C ILE B 149 -2.68 22.31 3.66
N SER B 150 -3.15 21.23 3.04
CA SER B 150 -3.92 21.36 1.81
C SER B 150 -5.20 22.16 2.04
N PHE B 151 -5.99 21.78 3.05
CA PHE B 151 -7.29 22.42 3.25
C PHE B 151 -7.12 23.87 3.70
N PRO B 152 -6.28 24.20 4.67
CA PRO B 152 -6.06 25.63 5.00
C PRO B 152 -5.78 26.49 3.79
N VAL B 153 -4.84 26.08 2.94
CA VAL B 153 -4.54 26.85 1.73
C VAL B 153 -5.74 26.84 0.80
N PHE B 154 -6.38 25.69 0.63
CA PHE B 154 -7.58 25.60 -0.19
C PHE B 154 -8.61 26.63 0.22
N VAL B 155 -8.72 26.91 1.52
CA VAL B 155 -9.67 27.92 1.99
C VAL B 155 -9.15 29.33 1.70
N ALA B 156 -7.85 29.55 1.90
CA ALA B 156 -7.28 30.87 1.64
C ALA B 156 -7.55 31.30 0.21
N VAL B 157 -7.19 30.47 -0.77
CA VAL B 157 -7.34 30.83 -2.17
C VAL B 157 -8.77 30.71 -2.65
N THR B 158 -9.61 29.91 -1.98
CA THR B 158 -11.02 29.86 -2.35
C THR B 158 -11.74 31.15 -1.97
N ASN B 159 -11.31 31.81 -0.91
CA ASN B 159 -11.92 33.09 -0.53
C ASN B 159 -11.44 34.22 -1.44
N VAL B 160 -10.18 34.18 -1.87
CA VAL B 160 -9.67 35.19 -2.79
C VAL B 160 -10.44 35.14 -4.10
N ILE B 161 -10.47 33.96 -4.74
CA ILE B 161 -11.15 33.84 -6.02
C ILE B 161 -12.66 34.01 -5.86
N SER B 162 -13.19 33.78 -4.66
CA SER B 162 -14.61 34.02 -4.42
C SER B 162 -14.90 35.50 -4.29
N LEU B 163 -14.03 36.25 -3.62
CA LEU B 163 -14.19 37.70 -3.55
C LEU B 163 -14.11 38.32 -4.94
N ILE B 164 -13.16 37.87 -5.76
CA ILE B 164 -13.03 38.40 -7.12
C ILE B 164 -14.26 38.07 -7.95
N CYS B 165 -14.89 36.91 -7.69
CA CYS B 165 -15.97 36.46 -8.55
C CYS B 165 -17.31 37.08 -8.17
N PHE B 166 -17.63 37.15 -6.87
CA PHE B 166 -18.89 37.73 -6.44
C PHE B 166 -18.76 38.63 -5.23
N ASN B 167 -17.55 39.03 -4.84
CA ASN B 167 -17.33 39.86 -3.67
C ASN B 167 -17.86 39.22 -2.38
N THR B 168 -18.06 37.90 -2.39
CA THR B 168 -18.44 37.15 -1.20
C THR B 168 -17.29 36.24 -0.79
N SER B 169 -17.40 35.69 0.42
CA SER B 169 -16.39 34.78 0.94
C SER B 169 -16.98 34.04 2.12
N TYR B 170 -16.37 32.90 2.43
CA TYR B 170 -16.88 31.99 3.44
C TYR B 170 -16.26 32.25 4.80
N LYS B 171 -17.08 32.19 5.85
CA LYS B 171 -16.55 32.28 7.20
C LYS B 171 -15.96 30.94 7.63
N ASN B 172 -15.04 31.01 8.59
CA ASN B 172 -14.43 29.80 9.13
C ASN B 172 -15.51 28.83 9.60
N GLY B 173 -15.44 27.60 9.10
CA GLY B 173 -16.34 26.55 9.51
C GLY B 173 -17.52 26.31 8.58
N ASP B 174 -17.64 27.07 7.50
CA ASP B 174 -18.74 26.88 6.57
C ASP B 174 -18.61 25.51 5.90
N PRO B 175 -19.58 24.61 6.06
CA PRO B 175 -19.45 23.28 5.45
C PRO B 175 -19.39 23.31 3.93
N GLU B 176 -19.77 24.42 3.31
CA GLU B 176 -19.71 24.51 1.85
C GLU B 176 -18.28 24.39 1.34
N LEU B 177 -17.30 24.82 2.13
CA LEU B 177 -15.91 24.62 1.74
C LEU B 177 -15.58 23.14 1.62
N ASN B 178 -16.16 22.31 2.48
CA ASN B 178 -15.95 20.87 2.36
C ASN B 178 -16.66 20.33 1.13
N VAL B 179 -17.86 20.83 0.83
CA VAL B 179 -18.61 20.36 -0.34
C VAL B 179 -17.82 20.63 -1.61
N ILE B 180 -17.28 21.85 -1.73
CA ILE B 180 -16.49 22.19 -2.91
C ILE B 180 -15.25 21.31 -2.99
N GLN B 181 -14.51 21.20 -1.88
CA GLN B 181 -13.35 20.33 -1.82
C GLN B 181 -13.69 18.93 -2.31
N ASN B 182 -14.91 18.46 -2.00
CA ASN B 182 -15.28 17.08 -2.32
C ASN B 182 -15.47 16.89 -3.82
N TYR B 183 -16.30 17.72 -4.46
CA TYR B 183 -16.54 17.52 -5.88
C TYR B 183 -15.40 18.04 -6.74
N ASN B 184 -14.58 18.95 -6.24
CA ASN B 184 -13.33 19.28 -6.93
C ASN B 184 -12.45 18.05 -7.04
N GLU B 185 -12.31 17.30 -5.94
CA GLU B 185 -11.52 16.07 -5.96
C GLU B 185 -12.15 15.01 -6.86
N GLY B 186 -13.49 14.96 -6.89
CA GLY B 186 -14.15 13.95 -7.69
C GLY B 186 -14.08 14.22 -9.18
N ILE B 187 -14.22 15.48 -9.58
CA ILE B 187 -14.12 15.84 -10.99
C ILE B 187 -12.69 15.63 -11.48
N ILE B 188 -11.71 16.13 -10.73
CA ILE B 188 -10.31 15.97 -11.13
C ILE B 188 -9.96 14.49 -11.28
N ASP B 189 -10.50 13.65 -10.41
CA ASP B 189 -10.14 12.23 -10.43
C ASP B 189 -10.75 11.50 -11.62
N ASN B 190 -11.97 11.89 -12.03
CA ASN B 190 -12.63 11.23 -13.14
C ASN B 190 -12.48 11.97 -14.46
N LEU B 191 -11.97 13.20 -14.45
CA LEU B 191 -11.75 13.92 -15.70
C LEU B 191 -10.74 13.20 -16.58
N SER B 192 -9.85 12.41 -15.98
CA SER B 192 -8.86 11.63 -16.71
C SER B 192 -8.06 10.79 -15.72
N LYS B 193 -7.73 9.55 -16.10
CA LYS B 193 -6.89 8.72 -15.24
C LYS B 193 -5.51 9.33 -15.10
N ASP B 194 -4.84 9.56 -16.23
CA ASP B 194 -3.55 10.24 -16.24
C ASP B 194 -3.73 11.67 -16.76
N SER B 195 -2.81 12.14 -17.60
CA SER B 195 -2.97 13.44 -18.24
C SER B 195 -4.21 13.39 -19.14
N LEU B 196 -4.57 14.53 -19.73
CA LEU B 196 -5.71 14.57 -20.64
C LEU B 196 -5.43 13.88 -21.97
N VAL B 197 -4.19 13.48 -22.22
CA VAL B 197 -3.82 12.78 -23.44
C VAL B 197 -3.81 11.29 -23.15
N ASP B 198 -4.73 10.55 -23.76
CA ASP B 198 -4.77 9.10 -23.69
C ASP B 198 -4.75 8.56 -25.11
N LEU B 199 -3.71 7.80 -25.45
CA LEU B 199 -3.61 7.22 -26.78
C LEU B 199 -4.82 6.35 -27.08
N VAL B 200 -5.12 5.40 -26.20
CA VAL B 200 -6.23 4.48 -26.39
C VAL B 200 -7.47 5.06 -25.72
N PRO B 201 -8.63 5.09 -26.39
CA PRO B 201 -9.86 5.62 -25.76
C PRO B 201 -10.54 4.57 -24.90
N TRP B 202 -9.99 4.38 -23.70
CA TRP B 202 -10.35 3.23 -22.88
C TRP B 202 -11.84 3.23 -22.52
N LEU B 203 -12.37 4.38 -22.10
CA LEU B 203 -13.74 4.38 -21.58
C LEU B 203 -14.79 4.21 -22.66
N LYS B 204 -14.43 4.31 -23.94
CA LYS B 204 -15.30 3.92 -25.03
C LYS B 204 -15.13 2.44 -25.41
N ILE B 205 -14.23 1.73 -24.74
CA ILE B 205 -13.86 0.36 -25.11
C ILE B 205 -14.43 -0.64 -24.13
N PHE B 206 -14.29 -0.38 -22.84
CA PHE B 206 -14.76 -1.28 -21.79
C PHE B 206 -15.84 -0.61 -20.97
N PRO B 207 -16.76 -1.38 -20.39
CA PRO B 207 -17.83 -0.77 -19.59
C PRO B 207 -17.26 -0.20 -18.29
N ASN B 208 -17.75 0.98 -17.94
CA ASN B 208 -17.26 1.68 -16.75
C ASN B 208 -18.26 2.77 -16.38
N LYS B 209 -18.07 3.31 -15.17
CA LYS B 209 -18.97 4.31 -14.62
C LYS B 209 -18.33 5.69 -14.53
N THR B 210 -17.29 5.95 -15.33
CA THR B 210 -16.56 7.21 -15.20
C THR B 210 -17.46 8.41 -15.46
N LEU B 211 -18.11 8.44 -16.64
CA LEU B 211 -18.96 9.57 -16.98
C LEU B 211 -20.12 9.71 -16.01
N GLU B 212 -20.69 8.58 -15.57
CA GLU B 212 -21.71 8.62 -14.54
C GLU B 212 -21.19 9.35 -13.31
N LYS B 213 -20.07 8.89 -12.76
CA LYS B 213 -19.46 9.54 -11.60
C LYS B 213 -19.19 11.02 -11.90
N LEU B 214 -18.66 11.31 -13.09
CA LEU B 214 -18.32 12.69 -13.44
C LEU B 214 -19.57 13.58 -13.41
N LYS B 215 -20.68 13.10 -13.98
CA LYS B 215 -21.90 13.88 -13.99
C LYS B 215 -22.42 14.13 -12.57
N SER B 216 -22.23 13.15 -11.68
CA SER B 216 -22.67 13.33 -10.29
C SER B 216 -21.97 14.52 -9.65
N HIS B 217 -20.63 14.54 -9.72
CA HIS B 217 -19.89 15.65 -9.12
C HIS B 217 -20.22 16.97 -9.81
N VAL B 218 -20.36 16.95 -11.13
CA VAL B 218 -20.67 18.19 -11.85
C VAL B 218 -22.06 18.69 -11.48
N LYS B 219 -23.03 17.79 -11.35
CA LYS B 219 -24.38 18.23 -11.00
C LYS B 219 -24.39 18.95 -9.66
N ILE B 220 -23.64 18.44 -8.68
CA ILE B 220 -23.55 19.13 -7.39
C ILE B 220 -22.86 20.48 -7.57
N ARG B 221 -21.85 20.55 -8.43
CA ARG B 221 -21.19 21.81 -8.69
C ARG B 221 -22.14 22.80 -9.37
N ASN B 222 -22.90 22.34 -10.37
CA ASN B 222 -23.79 23.25 -11.10
C ASN B 222 -24.94 23.72 -10.22
N ASP B 223 -25.57 22.82 -9.47
CA ASP B 223 -26.64 23.23 -8.58
C ASP B 223 -26.18 24.32 -7.62
N LEU B 224 -24.94 24.22 -7.15
CA LEU B 224 -24.41 25.24 -6.25
C LEU B 224 -24.06 26.53 -6.98
N LEU B 225 -23.79 26.46 -8.30
CA LEU B 225 -23.58 27.68 -9.07
C LEU B 225 -24.89 28.33 -9.47
N ASN B 226 -25.86 27.53 -9.94
CA ASN B 226 -27.17 28.09 -10.28
C ASN B 226 -27.81 28.80 -9.11
N LYS B 227 -27.58 28.31 -7.88
CA LYS B 227 -28.15 28.97 -6.71
C LYS B 227 -27.53 30.33 -6.49
N ILE B 228 -26.22 30.46 -6.73
CA ILE B 228 -25.56 31.75 -6.51
C ILE B 228 -26.06 32.78 -7.52
N LEU B 229 -26.29 32.37 -8.76
CA LEU B 229 -26.74 33.31 -9.77
C LEU B 229 -28.17 33.76 -9.49
N GLU B 230 -29.05 32.84 -9.08
CA GLU B 230 -30.42 33.21 -8.76
C GLU B 230 -30.46 34.20 -7.60
N ASN B 231 -29.69 33.93 -6.55
CA ASN B 231 -29.64 34.84 -5.41
C ASN B 231 -28.96 36.16 -5.75
N TYR B 232 -28.10 36.18 -6.77
CA TYR B 232 -27.38 37.39 -7.14
C TYR B 232 -28.13 38.23 -8.17
N LYS B 233 -28.99 37.61 -8.97
CA LYS B 233 -29.72 38.34 -10.00
C LYS B 233 -30.49 39.52 -9.42
N GLU B 234 -30.90 39.44 -8.16
CA GLU B 234 -31.61 40.53 -7.53
C GLU B 234 -30.66 41.61 -7.03
N LYS B 235 -29.55 41.22 -6.40
CA LYS B 235 -28.60 42.18 -5.86
C LYS B 235 -27.91 42.98 -6.95
N PHE B 236 -27.99 42.54 -8.21
CA PHE B 236 -27.21 43.17 -9.26
C PHE B 236 -27.77 44.54 -9.64
N ARG B 237 -26.87 45.51 -9.80
CA ARG B 237 -27.23 46.86 -10.20
C ARG B 237 -26.14 47.40 -11.12
N SER B 238 -26.55 47.92 -12.28
CA SER B 238 -25.59 48.27 -13.32
C SER B 238 -24.63 49.36 -12.87
N ASP B 239 -25.07 50.26 -12.00
CA ASP B 239 -24.24 51.39 -11.60
C ASP B 239 -22.99 50.98 -10.83
N SER B 240 -22.92 49.73 -10.35
CA SER B 240 -21.77 49.25 -9.60
C SER B 240 -21.27 47.96 -10.24
N ILE B 241 -20.01 47.98 -10.66
CA ILE B 241 -19.36 46.84 -11.31
C ILE B 241 -18.05 46.60 -10.56
N THR B 242 -18.00 45.54 -9.77
CA THR B 242 -16.86 45.30 -8.89
C THR B 242 -16.33 43.87 -8.90
N ASN B 243 -17.04 42.92 -9.50
CA ASN B 243 -16.59 41.53 -9.53
C ASN B 243 -16.82 40.95 -10.92
N MET B 244 -16.39 39.71 -11.12
CA MET B 244 -16.49 39.07 -12.42
C MET B 244 -17.94 38.84 -12.81
N LEU B 245 -18.82 38.54 -11.85
CA LEU B 245 -20.21 38.27 -12.19
C LEU B 245 -20.94 39.56 -12.61
N ASP B 246 -20.64 40.67 -11.94
CA ASP B 246 -21.13 41.96 -12.43
C ASP B 246 -20.70 42.19 -13.88
N THR B 247 -19.44 41.90 -14.18
CA THR B 247 -18.92 42.11 -15.53
C THR B 247 -19.68 41.27 -16.56
N LEU B 248 -20.12 40.08 -16.16
CA LEU B 248 -20.80 39.19 -17.10
C LEU B 248 -22.27 39.54 -17.26
N MET B 249 -22.92 40.06 -16.21
CA MET B 249 -24.33 40.42 -16.31
C MET B 249 -24.50 41.76 -17.01
N GLN B 250 -23.66 42.74 -16.67
CA GLN B 250 -23.65 44.01 -17.41
C GLN B 250 -23.48 43.79 -18.91
N ALA B 251 -22.87 42.68 -19.31
CA ALA B 251 -22.68 42.37 -20.72
C ALA B 251 -23.97 41.86 -21.35
N LYS B 252 -24.63 40.89 -20.71
CA LYS B 252 -25.95 40.47 -21.14
C LYS B 252 -26.96 41.60 -21.06
N MET B 253 -26.60 42.71 -20.39
CA MET B 253 -27.49 43.86 -20.26
C MET B 253 -27.28 44.85 -21.41
N ASN B 254 -26.04 45.31 -21.61
CA ASN B 254 -25.75 46.17 -22.75
C ASN B 254 -26.17 45.50 -24.04
N SER B 255 -25.73 44.26 -24.25
CA SER B 255 -26.36 43.41 -25.25
C SER B 255 -27.82 43.20 -24.86
N ASP B 256 -28.70 43.19 -25.85
CA ASP B 256 -30.14 43.08 -25.59
C ASP B 256 -30.62 44.28 -24.78
N ASN B 257 -30.44 45.47 -25.36
CA ASN B 257 -30.83 46.71 -24.71
C ASN B 257 -30.96 47.84 -25.72
N ASP B 265 -24.83 38.76 -29.18
CA ASP B 265 -24.11 38.48 -27.94
C ASP B 265 -25.04 37.97 -26.85
N SER B 266 -26.33 38.30 -26.96
CA SER B 266 -27.31 37.75 -26.02
C SER B 266 -27.30 36.23 -26.06
N GLU B 267 -27.23 35.66 -27.27
CA GLU B 267 -27.05 34.23 -27.43
C GLU B 267 -25.85 33.72 -26.63
N LEU B 268 -24.78 34.52 -26.58
CA LEU B 268 -23.50 34.09 -26.03
C LEU B 268 -23.35 34.35 -24.53
N LEU B 269 -24.38 34.84 -23.86
CA LEU B 269 -24.29 35.16 -22.44
C LEU B 269 -25.51 34.62 -21.70
N SER B 270 -25.95 33.42 -22.06
CA SER B 270 -27.05 32.79 -21.33
C SER B 270 -26.59 32.46 -19.90
N ASP B 271 -27.54 31.99 -19.09
CA ASP B 271 -27.21 31.58 -17.73
C ASP B 271 -26.11 30.52 -17.73
N ASN B 272 -26.21 29.55 -18.65
CA ASN B 272 -25.21 28.49 -18.72
C ASN B 272 -23.84 29.05 -19.08
N HIS B 273 -23.78 29.88 -20.12
CA HIS B 273 -22.50 30.43 -20.56
C HIS B 273 -21.81 31.18 -19.44
N ILE B 274 -22.57 31.91 -18.62
CA ILE B 274 -21.99 32.64 -17.50
C ILE B 274 -21.64 31.70 -16.36
N LEU B 275 -22.53 30.75 -16.05
CA LEU B 275 -22.26 29.77 -15.01
C LEU B 275 -20.94 29.04 -15.28
N THR B 276 -20.73 28.61 -16.52
CA THR B 276 -19.54 27.82 -16.84
C THR B 276 -18.26 28.65 -16.75
N THR B 277 -18.30 29.90 -17.24
CA THR B 277 -17.13 30.76 -17.17
C THR B 277 -16.70 30.98 -15.72
N ILE B 278 -17.65 31.14 -14.80
CA ILE B 278 -17.33 31.29 -13.39
C ILE B 278 -16.71 30.00 -12.86
N GLY B 279 -17.25 28.85 -13.25
CA GLY B 279 -16.69 27.58 -12.79
C GLY B 279 -15.23 27.44 -13.19
N ASP B 280 -14.91 27.74 -14.44
CA ASP B 280 -13.52 27.69 -14.89
C ASP B 280 -12.62 28.55 -14.01
N ILE B 281 -13.00 29.82 -13.83
CA ILE B 281 -12.19 30.73 -13.02
C ILE B 281 -12.10 30.23 -11.58
N PHE B 282 -13.25 30.01 -10.96
CA PHE B 282 -13.28 29.49 -9.59
C PHE B 282 -12.46 28.21 -9.48
N GLY B 283 -12.70 27.26 -10.38
CA GLY B 283 -11.99 25.99 -10.31
C GLY B 283 -10.49 26.16 -10.52
N ALA B 284 -10.09 26.81 -11.62
CA ALA B 284 -8.68 26.97 -11.91
C ALA B 284 -7.97 27.79 -10.86
N GLY B 285 -8.65 28.77 -10.26
CA GLY B 285 -8.01 29.66 -9.32
C GLY B 285 -7.72 29.03 -7.97
N VAL B 286 -8.26 27.85 -7.69
CA VAL B 286 -8.08 27.17 -6.42
C VAL B 286 -7.13 25.98 -6.54
N GLU B 287 -7.39 25.10 -7.51
CA GLU B 287 -6.65 23.84 -7.60
C GLU B 287 -5.22 24.04 -8.12
N THR B 288 -5.00 25.01 -9.00
CA THR B 288 -3.67 25.21 -9.56
C THR B 288 -2.72 25.81 -8.52
N THR B 289 -3.19 26.84 -7.81
CA THR B 289 -2.30 27.54 -6.87
C THR B 289 -2.09 26.74 -5.59
N THR B 290 -3.12 26.05 -5.10
CA THR B 290 -2.91 25.13 -3.99
C THR B 290 -1.89 24.06 -4.36
N SER B 291 -1.94 23.59 -5.61
CA SER B 291 -0.98 22.57 -6.05
C SER B 291 0.44 23.10 -6.03
N VAL B 292 0.66 24.32 -6.54
CA VAL B 292 2.02 24.85 -6.62
C VAL B 292 2.59 25.11 -5.22
N VAL B 293 1.76 25.63 -4.31
CA VAL B 293 2.22 25.85 -2.94
C VAL B 293 2.69 24.53 -2.34
N LYS B 294 1.91 23.47 -2.52
CA LYS B 294 2.30 22.15 -2.02
C LYS B 294 3.64 21.72 -2.62
N TRP B 295 3.76 21.80 -3.96
CA TRP B 295 5.02 21.46 -4.60
C TRP B 295 6.18 22.26 -4.03
N THR B 296 5.96 23.54 -3.76
CA THR B 296 7.05 24.39 -3.28
C THR B 296 7.47 23.98 -1.88
N LEU B 297 6.52 23.85 -0.95
CA LEU B 297 6.85 23.35 0.38
C LEU B 297 7.55 22.00 0.29
N ALA B 298 7.18 21.17 -0.70
CA ALA B 298 7.77 19.85 -0.81
C ALA B 298 9.24 19.93 -1.21
N PHE B 299 9.56 20.77 -2.21
CA PHE B 299 10.96 20.94 -2.59
C PHE B 299 11.77 21.59 -1.48
N LEU B 300 11.13 22.43 -0.65
CA LEU B 300 11.87 23.06 0.44
C LEU B 300 12.19 22.07 1.56
N LEU B 301 11.38 21.03 1.72
CA LEU B 301 11.67 19.99 2.69
C LEU B 301 12.79 19.07 2.21
N HIS B 302 12.93 18.90 0.90
CA HIS B 302 14.04 18.15 0.32
C HIS B 302 15.29 18.98 0.17
N ASN B 303 15.21 20.29 0.38
CA ASN B 303 16.35 21.20 0.15
C ASN B 303 16.44 22.18 1.32
N PRO B 304 16.88 21.70 2.48
CA PRO B 304 16.95 22.59 3.64
C PRO B 304 17.93 23.74 3.47
N GLN B 305 19.01 23.56 2.71
CA GLN B 305 19.97 24.64 2.54
C GLN B 305 19.42 25.76 1.66
N VAL B 306 18.48 25.44 0.76
CA VAL B 306 17.73 26.50 0.10
C VAL B 306 16.76 27.15 1.07
N LYS B 307 16.15 26.35 1.96
CA LYS B 307 15.24 26.90 2.95
C LYS B 307 15.99 27.81 3.93
N LYS B 308 17.24 27.45 4.27
CA LYS B 308 18.01 28.28 5.19
C LYS B 308 18.29 29.65 4.58
N LYS B 309 18.54 29.69 3.27
CA LYS B 309 18.83 30.96 2.61
C LYS B 309 17.58 31.81 2.43
N LEU B 310 16.42 31.19 2.19
CA LEU B 310 15.18 31.94 2.12
C LEU B 310 14.85 32.61 3.44
N TYR B 311 14.96 31.86 4.54
CA TYR B 311 14.76 32.43 5.87
C TYR B 311 15.70 33.61 6.09
N GLU B 312 16.95 33.50 5.65
CA GLU B 312 17.91 34.58 5.84
C GLU B 312 17.60 35.75 4.90
N GLU B 313 17.18 35.45 3.66
CA GLU B 313 16.85 36.51 2.72
C GLU B 313 15.68 37.35 3.24
N ILE B 314 14.71 36.70 3.89
CA ILE B 314 13.51 37.40 4.32
C ILE B 314 13.72 38.13 5.65
N ASP B 315 14.65 37.64 6.49
CA ASP B 315 15.00 38.39 7.70
C ASP B 315 15.79 39.64 7.36
N GLN B 316 16.63 39.59 6.32
CA GLN B 316 17.41 40.75 5.92
C GLN B 316 16.52 41.86 5.37
N ASN B 317 15.71 41.55 4.36
CA ASN B 317 15.07 42.57 3.54
C ASN B 317 13.66 42.91 3.99
N VAL B 318 13.10 42.23 4.98
CA VAL B 318 11.76 42.56 5.45
C VAL B 318 11.75 42.57 6.98
N GLY B 319 12.40 41.60 7.59
CA GLY B 319 12.52 41.58 9.04
C GLY B 319 11.23 41.16 9.69
N PHE B 320 10.79 41.92 10.70
CA PHE B 320 9.64 41.55 11.49
C PHE B 320 8.77 42.73 11.90
N SER B 321 9.06 43.94 11.42
CA SER B 321 8.24 45.10 11.76
C SER B 321 6.97 45.19 10.94
N ARG B 322 6.79 44.34 9.95
CA ARG B 322 5.64 44.41 9.06
C ARG B 322 5.50 43.10 8.31
N THR B 323 4.29 42.85 7.81
CA THR B 323 4.06 41.71 6.95
C THR B 323 4.62 41.99 5.55
N PRO B 324 4.95 40.94 4.79
CA PRO B 324 5.46 41.16 3.43
C PRO B 324 4.39 41.70 2.51
N THR B 325 4.84 42.44 1.49
CA THR B 325 3.96 43.05 0.50
C THR B 325 4.47 42.70 -0.89
N ILE B 326 3.66 42.99 -1.89
CA ILE B 326 4.00 42.61 -3.27
C ILE B 326 5.18 43.42 -3.78
N SER B 327 5.43 44.61 -3.24
CA SER B 327 6.61 45.37 -3.60
C SER B 327 7.90 44.71 -3.10
N ASP B 328 7.79 43.69 -2.25
CA ASP B 328 8.98 43.02 -1.73
C ASP B 328 9.61 42.07 -2.73
N ARG B 329 8.91 41.72 -3.81
CA ARG B 329 9.50 40.85 -4.82
C ARG B 329 10.64 41.52 -5.57
N ASN B 330 10.79 42.85 -5.42
CA ASN B 330 11.98 43.53 -5.93
C ASN B 330 13.24 43.11 -5.20
N ARG B 331 13.10 42.61 -3.95
CA ARG B 331 14.25 42.35 -3.11
C ARG B 331 14.21 40.98 -2.41
N LEU B 332 13.16 40.19 -2.61
CA LEU B 332 13.15 38.79 -2.20
C LEU B 332 13.43 37.91 -3.42
N LEU B 333 14.66 37.99 -3.90
CA LEU B 333 14.99 37.43 -5.20
C LEU B 333 15.08 35.91 -5.14
N LEU B 334 15.79 35.37 -4.14
CA LEU B 334 15.91 33.92 -4.05
C LEU B 334 14.55 33.24 -4.00
N LEU B 335 13.53 33.94 -3.47
CA LEU B 335 12.20 33.36 -3.38
C LEU B 335 11.55 33.25 -4.74
N GLU B 336 11.49 34.37 -5.49
CA GLU B 336 10.88 34.34 -6.82
C GLU B 336 11.61 33.37 -7.72
N ALA B 337 12.93 33.20 -7.54
CA ALA B 337 13.67 32.21 -8.30
C ALA B 337 13.26 30.79 -7.91
N THR B 338 12.85 30.59 -6.65
CA THR B 338 12.37 29.28 -6.23
C THR B 338 11.00 28.98 -6.83
N ILE B 339 10.12 29.98 -6.88
CA ILE B 339 8.82 29.78 -7.52
C ILE B 339 8.99 29.53 -9.00
N ARG B 340 9.96 30.19 -9.63
CA ARG B 340 10.22 29.94 -11.05
C ARG B 340 10.72 28.51 -11.27
N GLU B 341 11.59 28.02 -10.39
CA GLU B 341 12.18 26.70 -10.59
C GLU B 341 11.16 25.59 -10.32
N VAL B 342 10.20 25.82 -9.42
CA VAL B 342 9.13 24.85 -9.25
C VAL B 342 8.28 24.78 -10.51
N LEU B 343 7.96 25.92 -11.10
CA LEU B 343 7.17 25.95 -12.32
C LEU B 343 7.92 25.34 -13.50
N ARG B 344 9.25 25.22 -13.41
CA ARG B 344 10.01 24.55 -14.46
C ARG B 344 9.99 23.04 -14.27
N LEU B 345 10.36 22.58 -13.06
CA LEU B 345 10.48 21.15 -12.82
C LEU B 345 9.12 20.47 -12.79
N ARG B 346 8.11 21.15 -12.27
CA ARG B 346 6.77 20.59 -12.09
C ARG B 346 5.74 21.56 -12.63
N PRO B 347 5.71 21.74 -13.94
CA PRO B 347 4.68 22.61 -14.53
C PRO B 347 3.28 22.13 -14.16
N VAL B 348 2.43 23.09 -13.80
CA VAL B 348 1.04 22.77 -13.49
C VAL B 348 0.42 21.98 -14.62
N ALA B 349 0.78 22.30 -15.86
CA ALA B 349 0.27 21.62 -17.05
C ALA B 349 1.47 21.19 -17.88
N PRO B 350 2.03 20.02 -17.61
CA PRO B 350 3.24 19.59 -18.35
C PRO B 350 3.00 19.38 -19.84
N MET B 351 1.74 19.38 -20.28
CA MET B 351 1.41 19.33 -21.70
C MET B 351 0.36 20.37 -22.03
N LEU B 352 0.31 21.44 -21.26
CA LEU B 352 -0.69 22.51 -21.43
C LEU B 352 -2.06 21.84 -21.47
N ILE B 353 -2.97 22.41 -22.25
CA ILE B 353 -4.25 21.78 -22.58
C ILE B 353 -4.21 21.50 -24.08
N PRO B 354 -4.70 20.34 -24.54
CA PRO B 354 -4.57 20.01 -25.97
C PRO B 354 -5.08 21.14 -26.87
N HIS B 355 -4.31 21.44 -27.91
CA HIS B 355 -4.67 22.40 -28.93
C HIS B 355 -5.24 21.67 -30.14
N LYS B 356 -5.78 22.46 -31.08
CA LYS B 356 -6.32 21.90 -32.32
C LYS B 356 -6.14 22.90 -33.44
N ALA B 357 -5.90 22.39 -34.64
CA ALA B 357 -5.73 23.21 -35.83
C ALA B 357 -7.11 23.62 -36.36
N ASN B 358 -7.40 24.93 -36.31
CA ASN B 358 -8.64 25.44 -36.90
C ASN B 358 -8.61 25.43 -38.41
N VAL B 359 -7.42 25.37 -39.02
CA VAL B 359 -7.26 25.48 -40.45
C VAL B 359 -6.19 24.48 -40.90
N ASP B 360 -6.07 24.33 -42.22
CA ASP B 360 -4.88 23.70 -42.78
C ASP B 360 -3.69 24.59 -42.56
N SER B 361 -2.60 24.03 -42.04
CA SER B 361 -1.45 24.85 -41.68
C SER B 361 -0.21 23.95 -41.64
N SER B 362 0.84 24.42 -40.97
CA SER B 362 2.10 23.70 -40.93
C SER B 362 2.81 24.02 -39.63
N ILE B 363 3.70 23.11 -39.23
CA ILE B 363 4.58 23.29 -38.10
C ILE B 363 5.96 22.84 -38.53
N GLY B 364 6.93 23.76 -38.47
CA GLY B 364 8.28 23.44 -38.90
C GLY B 364 8.33 22.93 -40.31
N GLU B 365 7.40 23.40 -41.16
CA GLU B 365 7.31 23.12 -42.58
C GLU B 365 6.62 21.77 -42.86
N PHE B 366 6.29 20.99 -41.85
CA PHE B 366 5.47 19.81 -42.05
C PHE B 366 4.00 20.19 -42.14
N ALA B 367 3.25 19.47 -42.98
CA ALA B 367 1.83 19.75 -43.15
C ALA B 367 1.03 19.25 -41.96
N VAL B 368 0.00 20.03 -41.59
CA VAL B 368 -0.85 19.71 -40.44
C VAL B 368 -2.29 20.03 -40.84
N ASP B 369 -3.09 18.99 -41.06
CA ASP B 369 -4.44 19.17 -41.59
C ASP B 369 -5.36 19.82 -40.55
N LYS B 370 -6.36 20.53 -41.06
CA LYS B 370 -7.41 21.09 -40.22
C LYS B 370 -8.00 20.00 -39.32
N GLY B 371 -8.36 20.38 -38.10
CA GLY B 371 -8.95 19.46 -37.15
C GLY B 371 -7.97 18.61 -36.39
N THR B 372 -6.68 18.68 -36.71
CA THR B 372 -5.69 17.85 -36.04
C THR B 372 -5.41 18.37 -34.63
N GLU B 373 -5.20 17.45 -33.71
CA GLU B 373 -4.87 17.78 -32.33
C GLU B 373 -3.37 17.94 -32.20
N VAL B 374 -2.94 19.04 -31.56
CA VAL B 374 -1.53 19.34 -31.37
C VAL B 374 -1.27 19.51 -29.88
N ILE B 375 -0.20 18.88 -29.40
CA ILE B 375 0.14 18.85 -27.98
C ILE B 375 1.55 19.39 -27.82
N ILE B 376 1.70 20.39 -26.95
CA ILE B 376 3.00 20.95 -26.62
C ILE B 376 3.53 20.21 -25.40
N ASN B 377 4.61 19.46 -25.58
CA ASN B 377 5.26 18.78 -24.46
C ASN B 377 6.13 19.80 -23.74
N LEU B 378 5.48 20.59 -22.87
CA LEU B 378 6.21 21.55 -22.06
C LEU B 378 7.27 20.86 -21.20
N TRP B 379 6.96 19.65 -20.72
CA TRP B 379 7.95 18.87 -19.97
C TRP B 379 9.24 18.73 -20.75
N ALA B 380 9.13 18.44 -22.05
CA ALA B 380 10.33 18.34 -22.89
C ALA B 380 11.06 19.68 -22.96
N LEU B 381 10.33 20.78 -23.13
CA LEU B 381 10.95 22.10 -23.20
C LEU B 381 11.70 22.42 -21.91
N HIS B 382 11.08 22.16 -20.77
CA HIS B 382 11.68 22.49 -19.48
C HIS B 382 12.80 21.56 -19.07
N HIS B 383 13.02 20.46 -19.80
CA HIS B 383 14.07 19.51 -19.46
C HIS B 383 15.07 19.30 -20.59
N ASN B 384 15.03 20.12 -21.63
CA ASN B 384 16.00 20.00 -22.72
C ASN B 384 17.42 20.12 -22.19
N GLU B 385 18.21 19.07 -22.40
CA GLU B 385 19.57 19.05 -21.88
C GLU B 385 20.42 20.17 -22.46
N LYS B 386 20.08 20.64 -23.68
CA LYS B 386 20.87 21.69 -24.31
C LYS B 386 20.50 23.07 -23.82
N GLU B 387 19.26 23.26 -23.35
CA GLU B 387 18.80 24.55 -22.87
C GLU B 387 18.97 24.72 -21.37
N TRP B 388 19.19 23.65 -20.63
CA TRP B 388 19.23 23.69 -19.19
C TRP B 388 20.43 22.92 -18.65
N HIS B 389 21.08 23.49 -17.64
CA HIS B 389 22.14 22.79 -16.93
C HIS B 389 21.51 21.92 -15.85
N GLN B 390 21.75 20.61 -15.93
CA GLN B 390 21.21 19.66 -14.95
C GLN B 390 19.71 19.87 -14.83
N PRO B 391 18.94 19.56 -15.87
CA PRO B 391 17.51 19.92 -15.86
C PRO B 391 16.70 19.18 -14.80
N ASP B 392 17.08 17.95 -14.45
CA ASP B 392 16.32 17.19 -13.47
C ASP B 392 16.58 17.63 -12.04
N GLN B 393 17.45 18.60 -11.83
CA GLN B 393 17.80 19.08 -10.50
C GLN B 393 16.99 20.32 -10.14
N PHE B 394 16.77 20.51 -8.84
CA PHE B 394 16.07 21.67 -8.31
C PHE B 394 17.12 22.69 -7.91
N MET B 395 17.32 23.71 -8.75
CA MET B 395 18.33 24.74 -8.53
C MET B 395 17.71 26.10 -8.79
N PRO B 396 17.18 26.76 -7.76
CA PRO B 396 16.71 28.14 -7.94
C PRO B 396 17.84 29.09 -8.30
N GLU B 397 19.09 28.70 -8.03
CA GLU B 397 20.24 29.53 -8.40
C GLU B 397 20.35 29.72 -9.90
N ARG B 398 19.64 28.91 -10.69
CA ARG B 398 19.74 29.01 -12.15
C ARG B 398 19.02 30.24 -12.68
N PHE B 399 18.01 30.73 -11.96
CA PHE B 399 17.31 31.95 -12.32
C PHE B 399 17.93 33.19 -11.69
N LEU B 400 19.16 33.10 -11.21
CA LEU B 400 19.87 34.24 -10.64
C LEU B 400 21.23 34.37 -11.29
N ASN B 401 21.72 35.60 -11.40
CA ASN B 401 23.10 35.81 -11.81
C ASN B 401 24.01 35.21 -10.75
N PRO B 402 25.29 35.02 -11.06
CA PRO B 402 26.18 34.38 -10.07
C PRO B 402 26.25 35.16 -8.76
N ALA B 403 26.22 36.49 -8.83
CA ALA B 403 26.21 37.30 -7.60
C ALA B 403 24.93 37.14 -6.80
N GLY B 404 23.87 36.65 -7.43
CA GLY B 404 22.58 36.53 -6.74
C GLY B 404 21.96 37.86 -6.42
N THR B 405 22.10 38.85 -7.31
CA THR B 405 21.58 40.19 -7.07
C THR B 405 20.47 40.60 -8.03
N GLN B 406 20.14 39.77 -9.02
CA GLN B 406 18.99 40.04 -9.86
C GLN B 406 18.60 38.77 -10.60
N LEU B 407 17.32 38.69 -10.97
CA LEU B 407 16.79 37.53 -11.67
C LEU B 407 17.20 37.55 -13.14
N ILE B 408 17.20 36.37 -13.75
CA ILE B 408 17.61 36.20 -15.14
C ILE B 408 16.71 35.16 -15.80
N SER B 409 16.66 35.22 -17.13
CA SER B 409 16.02 34.18 -17.93
C SER B 409 17.10 33.28 -18.53
N PRO B 410 17.43 32.16 -17.88
CA PRO B 410 18.55 31.33 -18.38
C PRO B 410 18.25 30.60 -19.67
N SER B 411 17.00 30.57 -20.12
CA SER B 411 16.65 29.80 -21.31
C SER B 411 15.33 30.30 -21.87
N VAL B 412 15.23 30.36 -23.21
CA VAL B 412 13.97 30.70 -23.86
C VAL B 412 13.05 29.50 -23.97
N SER B 413 13.48 28.32 -23.53
CA SER B 413 12.65 27.12 -23.55
C SER B 413 11.88 26.98 -22.24
N TYR B 414 11.09 28.01 -21.93
CA TYR B 414 10.48 28.14 -20.62
C TYR B 414 9.14 28.85 -20.78
N LEU B 415 8.05 28.08 -20.67
CA LEU B 415 6.68 28.58 -20.90
C LEU B 415 5.75 28.05 -19.82
N PRO B 416 5.97 28.41 -18.56
CA PRO B 416 5.08 27.90 -17.50
C PRO B 416 3.61 28.24 -17.73
N PHE B 417 3.30 29.48 -18.10
CA PHE B 417 1.93 29.93 -18.25
C PHE B 417 1.45 29.90 -19.69
N GLY B 418 2.17 29.23 -20.58
CA GLY B 418 1.80 29.18 -21.97
C GLY B 418 2.15 30.45 -22.71
N ALA B 419 1.62 30.56 -23.93
CA ALA B 419 1.85 31.73 -24.76
C ALA B 419 0.81 31.76 -25.88
N GLY B 420 0.46 32.97 -26.30
CA GLY B 420 -0.42 33.16 -27.42
C GLY B 420 -1.88 33.23 -27.05
N PRO B 421 -2.75 33.05 -28.05
CA PRO B 421 -4.20 33.17 -27.79
C PRO B 421 -4.70 32.36 -26.60
N ARG B 422 -4.14 31.17 -26.36
CA ARG B 422 -4.63 30.27 -25.33
C ARG B 422 -3.80 30.32 -24.05
N SER B 423 -3.04 31.39 -23.84
CA SER B 423 -2.19 31.48 -22.66
C SER B 423 -3.04 31.71 -21.41
N CYS B 424 -2.38 31.66 -20.26
CA CYS B 424 -3.09 31.76 -18.99
C CYS B 424 -3.60 33.17 -18.76
N ILE B 425 -4.86 33.27 -18.31
CA ILE B 425 -5.46 34.55 -17.96
C ILE B 425 -5.42 34.82 -16.45
N GLY B 426 -4.85 33.90 -15.67
CA GLY B 426 -4.74 34.09 -14.24
C GLY B 426 -3.30 34.11 -13.79
N GLU B 427 -2.39 34.46 -14.70
CA GLU B 427 -0.97 34.50 -14.35
C GLU B 427 -0.70 35.56 -13.29
N ILE B 428 -1.30 36.74 -13.43
CA ILE B 428 -1.06 37.82 -12.47
C ILE B 428 -1.49 37.37 -11.08
N LEU B 429 -2.74 36.89 -10.96
CA LEU B 429 -3.24 36.41 -9.68
C LEU B 429 -2.38 35.30 -9.11
N ALA B 430 -1.89 34.41 -9.98
CA ALA B 430 -1.14 33.25 -9.50
C ALA B 430 0.22 33.66 -8.95
N ARG B 431 0.98 34.48 -9.69
CA ARG B 431 2.30 34.88 -9.23
C ARG B 431 2.20 35.64 -7.91
N GLN B 432 1.20 36.49 -7.75
CA GLN B 432 1.04 37.22 -6.50
C GLN B 432 0.65 36.29 -5.36
N GLU B 433 -0.36 35.43 -5.59
CA GLU B 433 -0.77 34.48 -4.57
C GLU B 433 0.41 33.65 -4.07
N LEU B 434 1.20 33.10 -4.99
CA LEU B 434 2.28 32.20 -4.61
C LEU B 434 3.39 32.96 -3.87
N PHE B 435 3.81 34.10 -4.40
CA PHE B 435 4.88 34.85 -3.76
C PHE B 435 4.48 35.28 -2.35
N LEU B 436 3.25 35.76 -2.17
CA LEU B 436 2.83 36.26 -0.87
C LEU B 436 2.66 35.12 0.14
N ILE B 437 2.03 34.01 -0.28
CA ILE B 437 1.82 32.90 0.64
C ILE B 437 3.14 32.39 1.18
N MET B 438 4.14 32.24 0.31
CA MET B 438 5.43 31.74 0.77
C MET B 438 6.13 32.78 1.65
N ALA B 439 6.09 34.05 1.25
CA ALA B 439 6.75 35.10 2.04
C ALA B 439 6.21 35.12 3.46
N TRP B 440 4.89 35.23 3.63
CA TRP B 440 4.29 35.24 4.95
C TRP B 440 4.66 33.98 5.73
N LEU B 441 4.44 32.81 5.12
CA LEU B 441 4.69 31.55 5.84
C LEU B 441 6.15 31.46 6.29
N LEU B 442 7.09 31.82 5.42
CA LEU B 442 8.50 31.72 5.76
C LEU B 442 8.91 32.72 6.84
N GLN B 443 8.17 33.83 6.97
CA GLN B 443 8.50 34.82 8.00
C GLN B 443 8.09 34.35 9.39
N ARG B 444 6.99 33.60 9.50
CA ARG B 444 6.40 33.30 10.80
C ARG B 444 6.56 31.85 11.24
N PHE B 445 6.87 30.93 10.33
CA PHE B 445 6.82 29.50 10.63
C PHE B 445 8.11 28.80 10.23
N ASP B 446 8.59 27.95 11.13
CA ASP B 446 9.55 26.91 10.74
C ASP B 446 8.77 25.74 10.14
N LEU B 447 9.18 25.31 8.97
CA LEU B 447 8.49 24.26 8.23
C LEU B 447 9.47 23.11 8.04
N GLU B 448 9.32 22.07 8.85
CA GLU B 448 10.29 21.00 8.98
C GLU B 448 9.64 19.65 8.70
N VAL B 449 10.47 18.62 8.62
CA VAL B 449 9.99 17.26 8.40
C VAL B 449 9.29 16.77 9.66
N PRO B 450 8.17 16.02 9.54
CA PRO B 450 7.44 15.60 10.75
C PRO B 450 8.28 14.81 11.73
N ASP B 451 7.72 14.48 12.89
CA ASP B 451 8.41 13.65 13.85
C ASP B 451 8.84 12.32 13.23
N ASP B 452 7.97 11.72 12.42
CA ASP B 452 8.39 10.63 11.57
C ASP B 452 9.29 11.16 10.45
N GLY B 453 10.13 10.28 9.91
CA GLY B 453 11.16 10.72 8.99
C GLY B 453 10.71 10.85 7.54
N GLN B 454 9.40 10.92 7.30
CA GLN B 454 8.89 10.85 5.94
C GLN B 454 8.97 12.19 5.23
N LEU B 455 9.28 12.14 3.94
CA LEU B 455 9.25 13.27 3.03
C LEU B 455 8.23 13.01 1.93
N PRO B 456 7.78 14.03 1.22
CA PRO B 456 6.85 13.80 0.12
C PRO B 456 7.55 13.22 -1.10
N SER B 457 6.81 12.40 -1.84
CA SER B 457 7.29 11.91 -3.12
C SER B 457 7.18 13.02 -4.16
N LEU B 458 8.30 13.37 -4.77
CA LEU B 458 8.32 14.38 -5.83
C LEU B 458 8.05 13.79 -7.20
N GLU B 459 7.70 12.51 -7.27
CA GLU B 459 7.33 11.89 -8.55
C GLU B 459 6.07 12.53 -9.11
N GLY B 460 5.03 12.65 -8.29
CA GLY B 460 3.84 13.39 -8.65
C GLY B 460 2.76 12.52 -9.28
N ILE B 461 1.60 13.15 -9.47
CA ILE B 461 0.42 12.48 -9.99
C ILE B 461 -0.11 13.25 -11.20
N PRO B 462 0.23 12.86 -12.43
CA PRO B 462 -0.31 13.56 -13.60
C PRO B 462 -1.81 13.43 -13.73
N LYS B 463 -2.53 14.52 -13.47
CA LYS B 463 -3.95 14.62 -13.83
C LYS B 463 -4.12 15.82 -14.75
N VAL B 464 -5.34 16.37 -14.83
CA VAL B 464 -5.53 17.61 -15.57
C VAL B 464 -4.59 18.68 -15.01
N VAL B 465 -4.26 18.59 -13.73
CA VAL B 465 -3.18 19.36 -13.11
C VAL B 465 -2.15 18.36 -12.60
N PHE B 466 -0.90 18.80 -12.53
CA PHE B 466 0.20 17.95 -12.07
C PHE B 466 0.24 18.06 -10.54
N LEU B 467 -0.35 17.08 -9.87
CA LEU B 467 -0.51 17.10 -8.42
C LEU B 467 0.62 16.34 -7.73
N ILE B 468 0.76 16.58 -6.43
CA ILE B 468 1.71 15.87 -5.59
C ILE B 468 0.92 15.07 -4.55
N ASP B 469 1.41 13.87 -4.23
CA ASP B 469 0.85 13.11 -3.12
C ASP B 469 0.79 13.98 -1.87
N SER B 470 -0.31 13.87 -1.13
CA SER B 470 -0.45 14.65 0.09
C SER B 470 0.61 14.23 1.10
N PHE B 471 1.08 15.20 1.88
CA PHE B 471 2.13 14.97 2.86
C PHE B 471 1.88 15.86 4.07
N LYS B 472 2.68 15.66 5.11
CA LYS B 472 2.56 16.41 6.34
C LYS B 472 3.83 17.21 6.62
N VAL B 473 3.67 18.25 7.42
CA VAL B 473 4.75 19.20 7.73
C VAL B 473 4.64 19.57 9.19
N LYS B 474 5.76 19.54 9.90
CA LYS B 474 5.80 20.03 11.28
C LYS B 474 5.90 21.55 11.25
N ILE B 475 4.92 22.23 11.83
CA ILE B 475 4.84 23.69 11.80
C ILE B 475 5.17 24.21 13.19
N LYS B 476 6.19 25.07 13.27
CA LYS B 476 6.59 25.71 14.51
C LYS B 476 6.69 27.21 14.28
N VAL B 477 6.08 28.00 15.16
CA VAL B 477 6.24 29.45 15.09
C VAL B 477 7.70 29.79 15.31
N ARG B 478 8.22 30.68 14.48
CA ARG B 478 9.65 30.98 14.51
C ARG B 478 10.04 31.69 15.80
N GLN B 479 11.23 31.34 16.31
CA GLN B 479 11.80 32.04 17.46
C GLN B 479 11.77 33.55 17.26
N ALA B 480 12.35 34.02 16.15
CA ALA B 480 12.49 35.45 15.93
C ALA B 480 11.14 36.16 15.91
N TRP B 481 10.16 35.59 15.21
CA TRP B 481 8.86 36.25 15.10
C TRP B 481 8.18 36.35 16.46
N ARG B 482 8.05 35.22 17.16
CA ARG B 482 7.50 35.24 18.50
C ARG B 482 8.29 36.18 19.41
N GLU B 483 9.59 36.32 19.16
CA GLU B 483 10.46 37.16 19.97
C GLU B 483 10.32 38.64 19.63
N ALA B 484 9.87 38.98 18.42
CA ALA B 484 9.71 40.37 18.00
C ALA B 484 8.33 40.92 18.36
N GLN B 485 7.81 40.59 19.54
CA GLN B 485 6.47 40.99 19.92
C GLN B 485 6.46 41.58 21.33
N LEU C 13 5.09 19.96 -50.24
CA LEU C 13 5.02 20.01 -48.78
C LEU C 13 5.54 18.73 -48.15
N LEU C 14 5.90 18.82 -46.88
CA LEU C 14 6.58 17.75 -46.16
C LEU C 14 5.61 17.02 -45.22
N SER C 15 6.03 15.83 -44.80
CA SER C 15 5.15 14.94 -44.04
C SER C 15 5.81 14.53 -42.73
N LEU C 16 5.03 14.59 -41.64
CA LEU C 16 5.52 14.17 -40.35
C LEU C 16 5.84 12.68 -40.35
N PRO C 17 6.69 12.24 -39.41
CA PRO C 17 6.81 10.80 -39.14
C PRO C 17 5.59 10.30 -38.39
N LEU C 18 4.88 9.34 -38.96
CA LEU C 18 3.79 8.66 -38.26
C LEU C 18 4.39 7.50 -37.47
N VAL C 19 4.27 7.56 -36.15
CA VAL C 19 5.06 6.74 -35.25
C VAL C 19 4.23 5.71 -34.50
N GLY C 20 2.91 5.81 -34.55
CA GLY C 20 2.03 4.80 -33.99
C GLY C 20 0.63 5.01 -34.51
N SER C 21 -0.09 3.93 -34.81
CA SER C 21 -1.45 4.07 -35.32
C SER C 21 -2.28 2.85 -34.95
N LEU C 22 -3.52 3.10 -34.52
CA LEU C 22 -4.52 2.06 -34.29
C LEU C 22 -5.66 2.31 -35.27
N PRO C 23 -5.64 1.67 -36.44
CA PRO C 23 -6.63 2.01 -37.48
C PRO C 23 -8.07 1.66 -37.16
N PHE C 24 -8.34 0.90 -36.09
CA PHE C 24 -9.70 0.41 -35.87
C PHE C 24 -10.33 0.96 -34.60
N LEU C 25 -10.44 0.13 -33.55
CA LEU C 25 -11.06 0.53 -32.29
C LEU C 25 -12.58 0.47 -32.37
N PRO C 26 -13.23 -0.51 -31.70
CA PRO C 26 -14.69 -0.60 -31.75
C PRO C 26 -15.37 0.15 -30.63
N ARG C 27 -16.66 -0.12 -30.42
CA ARG C 27 -17.36 0.34 -29.22
C ARG C 27 -18.16 -0.82 -28.63
N HIS C 28 -19.12 -1.33 -29.40
CA HIS C 28 -19.97 -2.42 -28.94
C HIS C 28 -19.21 -3.74 -28.96
N GLY C 29 -19.70 -4.69 -28.16
CA GLY C 29 -19.33 -6.08 -28.28
C GLY C 29 -18.27 -6.50 -27.28
N HIS C 30 -18.06 -7.81 -27.25
CA HIS C 30 -16.99 -8.41 -26.47
C HIS C 30 -15.73 -8.51 -27.32
N MET C 31 -14.58 -8.55 -26.65
CA MET C 31 -13.32 -8.58 -27.36
C MET C 31 -13.24 -9.78 -28.31
N HIS C 32 -13.62 -10.96 -27.82
CA HIS C 32 -13.53 -12.16 -28.65
C HIS C 32 -14.37 -12.01 -29.91
N ASN C 33 -15.48 -11.27 -29.84
CA ASN C 33 -16.30 -11.06 -31.02
C ASN C 33 -15.76 -9.94 -31.90
N ASN C 34 -15.11 -8.93 -31.30
CA ASN C 34 -14.44 -7.90 -32.10
C ASN C 34 -13.21 -8.47 -32.79
N PHE C 35 -12.41 -9.27 -32.07
CA PHE C 35 -11.29 -9.95 -32.69
C PHE C 35 -11.76 -10.85 -33.84
N PHE C 36 -12.87 -11.55 -33.64
CA PHE C 36 -13.43 -12.37 -34.70
C PHE C 36 -13.79 -11.51 -35.91
N LYS C 37 -14.49 -10.40 -35.67
CA LYS C 37 -14.91 -9.54 -36.77
C LYS C 37 -13.72 -8.96 -37.53
N LEU C 38 -12.60 -8.75 -36.85
CA LEU C 38 -11.42 -8.22 -37.53
C LEU C 38 -10.79 -9.24 -38.47
N GLN C 39 -11.06 -10.54 -38.27
CA GLN C 39 -10.54 -11.55 -39.18
C GLN C 39 -11.06 -11.36 -40.60
N LYS C 40 -12.15 -10.62 -40.78
CA LYS C 40 -12.68 -10.39 -42.12
C LYS C 40 -11.72 -9.54 -42.94
N LYS C 41 -11.08 -8.55 -42.31
CA LYS C 41 -10.08 -7.73 -42.99
C LYS C 41 -8.71 -8.39 -42.99
N TYR C 42 -8.28 -8.93 -41.84
CA TYR C 42 -6.89 -9.33 -41.64
C TYR C 42 -6.66 -10.83 -41.67
N GLY C 43 -7.71 -11.65 -41.70
CA GLY C 43 -7.53 -13.07 -41.78
C GLY C 43 -7.43 -13.73 -40.41
N PRO C 44 -7.03 -15.00 -40.38
CA PRO C 44 -7.10 -15.79 -39.16
C PRO C 44 -5.91 -15.67 -38.21
N ILE C 45 -4.92 -14.85 -38.53
CA ILE C 45 -3.80 -14.62 -37.62
C ILE C 45 -3.23 -13.23 -37.88
N TYR C 46 -3.26 -12.37 -36.86
CA TYR C 46 -2.73 -11.02 -36.96
C TYR C 46 -2.11 -10.66 -35.62
N SER C 47 -1.50 -9.47 -35.54
CA SER C 47 -0.71 -9.11 -34.38
C SER C 47 -0.89 -7.63 -34.05
N VAL C 48 -0.44 -7.26 -32.85
CA VAL C 48 -0.45 -5.88 -32.38
C VAL C 48 0.83 -5.64 -31.60
N ARG C 49 1.49 -4.50 -31.85
CA ARG C 49 2.71 -4.12 -31.15
C ARG C 49 2.42 -2.95 -30.23
N MET C 50 2.95 -3.02 -29.01
CA MET C 50 2.92 -1.92 -28.06
C MET C 50 4.28 -1.86 -27.38
N GLY C 51 5.07 -0.86 -27.73
CA GLY C 51 6.45 -0.81 -27.25
C GLY C 51 7.17 -2.07 -27.69
N THR C 52 7.61 -2.87 -26.72
CA THR C 52 8.27 -4.14 -27.00
C THR C 52 7.30 -5.31 -27.02
N LYS C 53 6.17 -5.21 -26.32
CA LYS C 53 5.21 -6.30 -26.30
C LYS C 53 4.66 -6.57 -27.70
N THR C 54 4.46 -7.86 -28.00
CA THR C 54 3.80 -8.28 -29.22
C THR C 54 2.75 -9.32 -28.85
N THR C 55 1.55 -9.18 -29.43
CA THR C 55 0.44 -10.08 -29.15
C THR C 55 -0.09 -10.63 -30.47
N VAL C 56 -0.13 -11.96 -30.58
CA VAL C 56 -0.72 -12.64 -31.73
C VAL C 56 -2.07 -13.18 -31.33
N ILE C 57 -3.07 -13.01 -32.21
CA ILE C 57 -4.39 -13.59 -32.03
C ILE C 57 -4.60 -14.62 -33.13
N VAL C 58 -5.06 -15.81 -32.75
CA VAL C 58 -5.28 -16.92 -33.68
C VAL C 58 -6.76 -17.26 -33.68
N GLY C 59 -7.34 -17.41 -34.87
CA GLY C 59 -8.76 -17.62 -34.99
C GLY C 59 -9.17 -18.64 -36.03
N HIS C 60 -8.33 -19.66 -36.24
CA HIS C 60 -8.66 -20.77 -37.13
C HIS C 60 -8.14 -22.06 -36.52
N HIS C 61 -8.96 -23.12 -36.62
CA HIS C 61 -8.68 -24.33 -35.86
C HIS C 61 -7.32 -24.93 -36.21
N GLN C 62 -6.91 -24.85 -37.47
CA GLN C 62 -5.66 -25.49 -37.86
C GLN C 62 -4.46 -24.77 -37.27
N LEU C 63 -4.49 -23.44 -37.23
CA LEU C 63 -3.41 -22.70 -36.59
C LEU C 63 -3.43 -22.89 -35.08
N ALA C 64 -4.62 -23.00 -34.49
CA ALA C 64 -4.72 -23.23 -33.05
C ALA C 64 -4.15 -24.59 -32.69
N LYS C 65 -4.53 -25.64 -33.43
CA LYS C 65 -4.00 -26.96 -33.15
C LYS C 65 -2.49 -27.02 -33.35
N GLU C 66 -1.90 -26.03 -34.02
CA GLU C 66 -0.45 -25.94 -34.10
C GLU C 66 0.14 -25.25 -32.86
N VAL C 67 -0.53 -24.20 -32.38
CA VAL C 67 -0.10 -23.54 -31.16
C VAL C 67 -0.22 -24.47 -29.97
N LEU C 68 -1.31 -25.24 -29.91
CA LEU C 68 -1.64 -26.00 -28.71
C LEU C 68 -1.12 -27.43 -28.75
N ILE C 69 -1.10 -28.08 -29.92
CA ILE C 69 -0.74 -29.48 -30.00
C ILE C 69 0.61 -29.65 -30.71
N LYS C 70 0.63 -29.44 -32.02
CA LYS C 70 1.81 -29.79 -32.81
C LYS C 70 3.06 -29.11 -32.29
N LYS C 71 2.96 -27.84 -31.88
CA LYS C 71 4.05 -27.11 -31.27
C LYS C 71 3.69 -26.68 -29.85
N GLY C 72 2.89 -27.50 -29.17
CA GLY C 72 2.38 -27.10 -27.86
C GLY C 72 3.46 -26.69 -26.87
N LYS C 73 4.61 -27.34 -26.94
CA LYS C 73 5.68 -27.03 -25.99
C LYS C 73 6.29 -25.66 -26.27
N ASP C 74 6.39 -25.28 -27.54
CA ASP C 74 6.89 -23.94 -27.87
C ASP C 74 6.02 -22.84 -27.29
N PHE C 75 4.72 -23.08 -27.18
CA PHE C 75 3.76 -22.05 -26.82
C PHE C 75 3.05 -22.32 -25.49
N SER C 76 3.66 -23.12 -24.62
CA SER C 76 3.05 -23.45 -23.34
C SER C 76 3.34 -22.44 -22.25
N GLY C 77 3.86 -21.26 -22.60
CA GLY C 77 4.15 -20.24 -21.62
C GLY C 77 2.94 -19.39 -21.29
N ARG C 78 3.10 -18.58 -20.24
CA ARG C 78 2.04 -17.68 -19.81
C ARG C 78 2.62 -16.27 -19.72
N PRO C 79 1.93 -15.26 -20.25
CA PRO C 79 2.42 -13.89 -20.10
C PRO C 79 2.31 -13.41 -18.67
N GLN C 80 3.16 -12.44 -18.32
CA GLN C 80 3.19 -11.87 -16.99
C GLN C 80 2.27 -10.65 -16.97
N MET C 81 1.31 -10.64 -16.05
CA MET C 81 0.31 -9.58 -15.96
C MET C 81 0.16 -9.15 -14.51
N ALA C 82 0.17 -7.83 -14.29
CA ALA C 82 0.07 -7.31 -12.93
C ALA C 82 -1.19 -7.81 -12.23
N THR C 83 -2.32 -7.77 -12.93
CA THR C 83 -3.58 -8.22 -12.33
C THR C 83 -3.50 -9.68 -11.89
N LEU C 84 -2.75 -10.51 -12.62
CA LEU C 84 -2.66 -11.93 -12.30
C LEU C 84 -1.57 -12.22 -11.27
N ASP C 85 -0.56 -11.36 -11.16
CA ASP C 85 0.43 -11.54 -10.10
C ASP C 85 -0.23 -11.47 -8.73
N ILE C 86 -1.22 -10.58 -8.57
CA ILE C 86 -1.93 -10.46 -7.30
C ILE C 86 -2.73 -11.73 -7.03
N ALA C 87 -3.45 -12.22 -8.04
CA ALA C 87 -4.39 -13.32 -7.86
C ALA C 87 -3.71 -14.68 -7.83
N SER C 88 -2.41 -14.76 -8.16
CA SER C 88 -1.70 -16.04 -8.17
C SER C 88 -0.45 -16.00 -7.29
N ASN C 89 -0.36 -15.02 -6.38
CA ASN C 89 0.80 -14.86 -5.51
C ASN C 89 2.10 -14.88 -6.33
N ASN C 90 2.15 -14.01 -7.33
CA ASN C 90 3.32 -13.85 -8.19
C ASN C 90 3.61 -15.11 -9.00
N ARG C 91 2.63 -15.55 -9.79
CA ARG C 91 2.81 -16.58 -10.80
C ARG C 91 3.06 -17.96 -10.19
N LYS C 92 2.49 -18.23 -9.02
CA LYS C 92 2.51 -19.58 -8.46
C LYS C 92 1.24 -20.31 -8.90
N GLY C 93 1.12 -21.57 -8.48
CA GLY C 93 -0.04 -22.37 -8.83
C GLY C 93 0.12 -23.07 -10.17
N ILE C 94 -0.97 -23.15 -10.94
CA ILE C 94 -0.98 -23.87 -12.21
C ILE C 94 -1.39 -22.93 -13.33
N ALA C 95 -2.61 -22.38 -13.23
CA ALA C 95 -3.23 -21.70 -14.36
C ALA C 95 -2.37 -20.53 -14.87
N PHE C 96 -1.84 -19.72 -13.95
CA PHE C 96 -1.14 -18.49 -14.33
C PHE C 96 0.36 -18.59 -14.12
N ALA C 97 0.91 -19.80 -14.00
CA ALA C 97 2.34 -19.99 -13.82
C ALA C 97 3.02 -20.25 -15.15
N ASP C 98 4.18 -19.65 -15.34
CA ASP C 98 4.95 -19.88 -16.56
C ASP C 98 5.38 -21.34 -16.63
N SER C 99 5.68 -21.80 -17.83
CA SER C 99 6.21 -23.15 -18.00
C SER C 99 7.55 -23.26 -17.26
N GLY C 100 7.69 -24.32 -16.48
CA GLY C 100 8.90 -24.50 -15.68
C GLY C 100 8.72 -25.63 -14.69
N ALA C 101 9.55 -25.59 -13.65
CA ALA C 101 9.49 -26.63 -12.62
C ALA C 101 8.27 -26.43 -11.73
N HIS C 102 7.98 -25.19 -11.33
CA HIS C 102 6.75 -24.89 -10.61
C HIS C 102 5.55 -25.56 -11.27
N TRP C 103 5.34 -25.27 -12.56
CA TRP C 103 4.11 -25.63 -13.22
C TRP C 103 4.03 -27.12 -13.55
N GLN C 104 5.14 -27.69 -14.03
CA GLN C 104 5.11 -29.10 -14.42
C GLN C 104 4.87 -30.00 -13.21
N LEU C 105 5.50 -29.69 -12.08
CA LEU C 105 5.33 -30.51 -10.88
C LEU C 105 3.90 -30.41 -10.35
N HIS C 106 3.43 -29.19 -10.08
CA HIS C 106 2.12 -29.01 -9.46
C HIS C 106 1.00 -29.45 -10.38
N ARG C 107 1.20 -29.37 -11.71
CA ARG C 107 0.21 -29.92 -12.63
C ARG C 107 0.23 -31.44 -12.59
N ARG C 108 1.42 -32.03 -12.46
CA ARG C 108 1.54 -33.48 -12.30
C ARG C 108 0.77 -33.96 -11.08
N LEU C 109 0.88 -33.22 -9.96
CA LEU C 109 0.30 -33.67 -8.70
C LEU C 109 -1.20 -33.47 -8.65
N ALA C 110 -1.74 -32.51 -9.40
CA ALA C 110 -3.18 -32.31 -9.42
C ALA C 110 -3.87 -33.43 -10.18
N MET C 111 -3.35 -33.80 -11.34
CA MET C 111 -3.89 -34.95 -12.06
C MET C 111 -3.73 -36.23 -11.25
N ALA C 112 -2.68 -36.33 -10.45
CA ALA C 112 -2.52 -37.48 -9.56
C ALA C 112 -3.69 -37.58 -8.59
N THR C 113 -4.06 -36.47 -7.95
CA THR C 113 -5.17 -36.48 -7.02
C THR C 113 -6.45 -36.97 -7.70
N PHE C 114 -6.70 -36.52 -8.94
CA PHE C 114 -7.90 -36.92 -9.65
C PHE C 114 -7.94 -38.42 -9.96
N ALA C 115 -6.81 -39.12 -9.79
CA ALA C 115 -6.82 -40.57 -9.90
C ALA C 115 -7.35 -41.21 -8.63
N LEU C 116 -7.05 -40.63 -7.46
CA LEU C 116 -7.55 -41.16 -6.21
C LEU C 116 -9.07 -41.34 -6.21
N PHE C 117 -9.77 -40.56 -7.03
CA PHE C 117 -11.23 -40.60 -7.07
C PHE C 117 -11.76 -41.36 -8.28
N LYS C 118 -10.91 -42.15 -8.94
CA LYS C 118 -11.36 -42.94 -10.08
C LYS C 118 -12.30 -44.06 -9.62
N ASP C 119 -11.81 -44.93 -8.74
CA ASP C 119 -12.58 -46.06 -8.24
C ASP C 119 -12.53 -46.08 -6.72
N GLY C 120 -13.32 -46.97 -6.13
CA GLY C 120 -13.51 -47.06 -4.71
C GLY C 120 -14.86 -46.51 -4.29
N ASP C 121 -15.00 -46.29 -2.99
CA ASP C 121 -16.14 -45.53 -2.49
C ASP C 121 -15.84 -44.05 -2.43
N GLN C 122 -14.58 -43.66 -2.62
CA GLN C 122 -14.22 -42.30 -2.97
C GLN C 122 -14.50 -41.98 -4.44
N LYS C 123 -15.22 -42.86 -5.13
CA LYS C 123 -15.52 -42.65 -6.54
C LYS C 123 -16.12 -41.27 -6.75
N LEU C 124 -15.65 -40.59 -7.80
CA LEU C 124 -16.08 -39.22 -8.04
C LEU C 124 -17.59 -39.12 -8.18
N GLU C 125 -18.20 -40.12 -8.82
CA GLU C 125 -19.65 -40.13 -8.98
C GLU C 125 -20.35 -40.08 -7.62
N LYS C 126 -19.92 -40.92 -6.67
CA LYS C 126 -20.59 -40.99 -5.38
C LYS C 126 -20.47 -39.66 -4.63
N ILE C 127 -19.31 -39.01 -4.70
CA ILE C 127 -19.14 -37.71 -4.08
C ILE C 127 -20.10 -36.70 -4.69
N ILE C 128 -20.19 -36.69 -6.02
CA ILE C 128 -21.04 -35.72 -6.72
C ILE C 128 -22.51 -35.96 -6.37
N CYS C 129 -22.96 -37.21 -6.47
CA CYS C 129 -24.37 -37.50 -6.26
C CYS C 129 -24.80 -37.22 -4.83
N GLN C 130 -23.90 -37.40 -3.86
CA GLN C 130 -24.23 -37.04 -2.47
C GLN C 130 -24.59 -35.57 -2.37
N GLU C 131 -23.88 -34.70 -3.10
CA GLU C 131 -24.11 -33.27 -2.99
C GLU C 131 -25.29 -32.79 -3.82
N ILE C 132 -25.55 -33.41 -4.96
CA ILE C 132 -26.75 -33.07 -5.73
C ILE C 132 -28.00 -33.43 -4.94
N SER C 133 -27.95 -34.57 -4.23
CA SER C 133 -29.05 -34.95 -3.35
C SER C 133 -29.39 -33.80 -2.39
N THR C 134 -28.38 -33.23 -1.75
CA THR C 134 -28.59 -32.07 -0.89
C THR C 134 -29.17 -30.90 -1.69
N LEU C 135 -28.67 -30.70 -2.91
CA LEU C 135 -29.14 -29.59 -3.73
C LEU C 135 -30.61 -29.74 -4.08
N CYS C 136 -31.02 -30.93 -4.49
CA CYS C 136 -32.40 -31.13 -4.89
C CYS C 136 -33.36 -30.96 -3.72
N ASP C 137 -32.99 -31.45 -2.55
CA ASP C 137 -33.81 -31.23 -1.37
C ASP C 137 -33.89 -29.75 -1.03
N MET C 138 -32.77 -29.04 -1.15
CA MET C 138 -32.78 -27.59 -0.94
C MET C 138 -33.76 -26.92 -1.89
N LEU C 139 -33.64 -27.20 -3.19
CA LEU C 139 -34.53 -26.61 -4.18
C LEU C 139 -35.98 -27.04 -4.01
N ALA C 140 -36.22 -28.19 -3.37
CA ALA C 140 -37.60 -28.63 -3.15
C ALA C 140 -38.33 -27.68 -2.20
N THR C 141 -37.62 -27.08 -1.24
CA THR C 141 -38.23 -26.15 -0.31
C THR C 141 -38.63 -24.84 -0.95
N HIS C 142 -38.35 -24.65 -2.24
CA HIS C 142 -38.77 -23.46 -2.98
C HIS C 142 -39.87 -23.78 -3.98
N ASN C 143 -40.53 -24.92 -3.80
CA ASN C 143 -41.60 -25.36 -4.71
C ASN C 143 -42.59 -24.23 -4.96
N GLY C 144 -42.73 -23.85 -6.23
CA GLY C 144 -43.64 -22.82 -6.66
C GLY C 144 -43.01 -21.46 -6.83
N GLN C 145 -41.93 -21.18 -6.12
CA GLN C 145 -41.30 -19.87 -6.15
C GLN C 145 -40.48 -19.68 -7.42
N SER C 146 -40.16 -18.42 -7.70
CA SER C 146 -39.26 -18.04 -8.80
C SER C 146 -38.00 -17.45 -8.16
N ILE C 147 -36.89 -18.19 -8.24
CA ILE C 147 -35.69 -17.88 -7.48
C ILE C 147 -34.49 -17.85 -8.43
N ASP C 148 -33.36 -17.41 -7.88
CA ASP C 148 -32.07 -17.49 -8.55
C ASP C 148 -31.32 -18.69 -7.99
N ILE C 149 -31.03 -19.66 -8.86
CA ILE C 149 -30.49 -20.95 -8.43
C ILE C 149 -28.97 -20.90 -8.34
N SER C 150 -28.40 -19.69 -8.34
CA SER C 150 -26.95 -19.55 -8.30
C SER C 150 -26.37 -20.10 -7.00
N PHE C 151 -26.88 -19.64 -5.86
CA PHE C 151 -26.28 -20.03 -4.57
C PHE C 151 -26.46 -21.52 -4.29
N PRO C 152 -27.65 -22.10 -4.39
CA PRO C 152 -27.77 -23.55 -4.13
C PRO C 152 -26.86 -24.40 -5.01
N VAL C 153 -26.72 -24.04 -6.29
CA VAL C 153 -25.76 -24.75 -7.15
C VAL C 153 -24.34 -24.49 -6.68
N PHE C 154 -24.06 -23.25 -6.26
CA PHE C 154 -22.73 -22.90 -5.78
C PHE C 154 -22.31 -23.78 -4.60
N VAL C 155 -23.24 -24.02 -3.67
CA VAL C 155 -22.91 -24.82 -2.49
C VAL C 155 -22.52 -26.24 -2.89
N ALA C 156 -23.26 -26.83 -3.83
CA ALA C 156 -23.00 -28.21 -4.21
C ALA C 156 -21.58 -28.37 -4.77
N VAL C 157 -21.25 -27.61 -5.81
CA VAL C 157 -19.93 -27.73 -6.42
C VAL C 157 -18.84 -27.31 -5.45
N THR C 158 -19.14 -26.36 -4.55
CA THR C 158 -18.15 -26.00 -3.53
C THR C 158 -17.85 -27.17 -2.61
N ASN C 159 -18.90 -27.92 -2.21
CA ASN C 159 -18.68 -29.07 -1.35
C ASN C 159 -17.94 -30.18 -2.08
N VAL C 160 -18.26 -30.41 -3.35
CA VAL C 160 -17.57 -31.45 -4.11
C VAL C 160 -16.07 -31.20 -4.11
N ILE C 161 -15.65 -30.02 -4.58
CA ILE C 161 -14.23 -29.73 -4.68
C ILE C 161 -13.60 -29.54 -3.30
N SER C 162 -14.40 -29.21 -2.29
CA SER C 162 -13.87 -29.14 -0.93
C SER C 162 -13.59 -30.52 -0.38
N LEU C 163 -14.35 -31.54 -0.79
CA LEU C 163 -14.03 -32.91 -0.43
C LEU C 163 -12.87 -33.46 -1.24
N ILE C 164 -12.70 -32.99 -2.48
CA ILE C 164 -11.56 -33.40 -3.29
C ILE C 164 -10.28 -32.77 -2.78
N CYS C 165 -10.37 -31.60 -2.16
CA CYS C 165 -9.20 -30.88 -1.70
C CYS C 165 -8.88 -31.16 -0.22
N PHE C 166 -9.90 -31.31 0.62
CA PHE C 166 -9.68 -31.43 2.06
C PHE C 166 -10.44 -32.57 2.72
N ASN C 167 -11.32 -33.27 2.00
CA ASN C 167 -12.21 -34.26 2.62
C ASN C 167 -13.08 -33.61 3.69
N THR C 168 -13.51 -32.38 3.43
CA THR C 168 -14.44 -31.68 4.31
C THR C 168 -15.51 -31.02 3.46
N SER C 169 -16.62 -30.66 4.12
CA SER C 169 -17.75 -30.05 3.43
C SER C 169 -18.48 -29.14 4.40
N TYR C 170 -19.32 -28.27 3.84
CA TYR C 170 -20.05 -27.28 4.60
C TYR C 170 -21.51 -27.70 4.78
N LYS C 171 -22.04 -27.47 5.98
CA LYS C 171 -23.48 -27.58 6.18
C LYS C 171 -24.16 -26.38 5.55
N ASN C 172 -25.41 -26.58 5.13
CA ASN C 172 -26.20 -25.44 4.65
C ASN C 172 -26.41 -24.45 5.79
N GLY C 173 -26.12 -23.18 5.52
CA GLY C 173 -26.17 -22.15 6.53
C GLY C 173 -24.83 -21.76 7.10
N ASP C 174 -23.78 -22.51 6.81
CA ASP C 174 -22.45 -22.14 7.25
C ASP C 174 -22.08 -20.78 6.65
N PRO C 175 -21.76 -19.77 7.46
CA PRO C 175 -21.46 -18.45 6.88
C PRO C 175 -20.20 -18.43 6.03
N GLU C 176 -19.32 -19.42 6.16
CA GLU C 176 -18.12 -19.45 5.32
C GLU C 176 -18.46 -19.63 3.85
N LEU C 177 -19.61 -20.21 3.53
CA LEU C 177 -20.04 -20.31 2.14
C LEU C 177 -20.29 -18.93 1.55
N ASN C 178 -20.88 -18.02 2.33
CA ASN C 178 -21.07 -16.65 1.85
C ASN C 178 -19.73 -15.91 1.77
N VAL C 179 -18.84 -16.16 2.71
CA VAL C 179 -17.48 -15.63 2.62
C VAL C 179 -16.84 -16.03 1.30
N ILE C 180 -16.83 -17.34 1.01
CA ILE C 180 -16.25 -17.83 -0.23
C ILE C 180 -16.95 -17.23 -1.43
N GLN C 181 -18.26 -17.03 -1.33
CA GLN C 181 -19.02 -16.56 -2.48
C GLN C 181 -18.75 -15.09 -2.78
N ASN C 182 -18.50 -14.29 -1.74
CA ASN C 182 -18.32 -12.86 -1.96
C ASN C 182 -16.93 -12.53 -2.50
N TYR C 183 -15.88 -13.20 -2.02
CA TYR C 183 -14.56 -12.94 -2.57
C TYR C 183 -14.39 -13.61 -3.94
N ASN C 184 -15.12 -14.70 -4.19
CA ASN C 184 -15.19 -15.24 -5.54
C ASN C 184 -15.81 -14.20 -6.48
N GLU C 185 -16.90 -13.58 -6.06
CA GLU C 185 -17.53 -12.53 -6.85
C GLU C 185 -16.60 -11.34 -7.00
N GLY C 186 -15.98 -10.90 -5.90
CA GLY C 186 -15.18 -9.69 -5.94
C GLY C 186 -13.92 -9.84 -6.78
N ILE C 187 -13.24 -10.98 -6.66
CA ILE C 187 -11.99 -11.17 -7.39
C ILE C 187 -12.25 -11.23 -8.89
N ILE C 188 -13.21 -12.06 -9.30
CA ILE C 188 -13.53 -12.17 -10.72
C ILE C 188 -13.92 -10.81 -11.29
N ASP C 189 -14.67 -10.02 -10.52
CA ASP C 189 -15.17 -8.76 -11.05
C ASP C 189 -14.06 -7.74 -11.26
N ASN C 190 -13.06 -7.73 -10.38
CA ASN C 190 -11.99 -6.75 -10.42
C ASN C 190 -10.73 -7.27 -11.07
N LEU C 191 -10.72 -8.53 -11.52
CA LEU C 191 -9.53 -9.07 -12.17
C LEU C 191 -9.38 -8.53 -13.59
N SER C 192 -10.50 -8.27 -14.26
CA SER C 192 -10.47 -7.74 -15.62
C SER C 192 -11.89 -7.33 -16.00
N LYS C 193 -11.98 -6.51 -17.05
CA LYS C 193 -13.26 -6.09 -17.61
C LYS C 193 -13.64 -6.91 -18.84
N ASP C 194 -12.83 -7.90 -19.20
CA ASP C 194 -13.06 -8.73 -20.38
C ASP C 194 -12.18 -9.96 -20.29
N SER C 195 -11.91 -10.61 -21.43
CA SER C 195 -11.01 -11.76 -21.42
C SER C 195 -9.57 -11.29 -21.22
N LEU C 196 -8.78 -12.14 -20.56
CA LEU C 196 -7.42 -11.78 -20.19
C LEU C 196 -6.56 -11.57 -21.42
N VAL C 197 -5.95 -10.39 -21.52
CA VAL C 197 -5.02 -10.06 -22.59
C VAL C 197 -4.00 -9.08 -22.02
N ASP C 198 -2.71 -9.39 -22.21
CA ASP C 198 -1.66 -8.56 -21.64
C ASP C 198 -1.52 -7.21 -22.36
N LEU C 199 -2.19 -7.02 -23.50
CA LEU C 199 -2.21 -5.72 -24.15
C LEU C 199 -2.79 -4.63 -23.26
N VAL C 200 -3.58 -5.00 -22.26
CA VAL C 200 -4.42 -4.07 -21.51
C VAL C 200 -3.85 -3.93 -20.10
N PRO C 201 -3.60 -2.71 -19.62
CA PRO C 201 -3.25 -2.53 -18.19
C PRO C 201 -4.51 -2.51 -17.33
N TRP C 202 -5.03 -3.71 -17.04
CA TRP C 202 -6.35 -3.83 -16.43
C TRP C 202 -6.45 -3.05 -15.13
N LEU C 203 -5.37 -2.97 -14.36
CA LEU C 203 -5.40 -2.30 -13.07
C LEU C 203 -5.28 -0.79 -13.18
N LYS C 204 -5.13 -0.24 -14.38
CA LYS C 204 -4.76 1.16 -14.55
C LYS C 204 -5.59 1.93 -15.56
N ILE C 205 -6.57 1.30 -16.20
CA ILE C 205 -7.28 1.99 -17.28
C ILE C 205 -8.30 2.98 -16.74
N PHE C 206 -8.84 2.75 -15.53
CA PHE C 206 -9.89 3.61 -15.01
C PHE C 206 -9.59 4.05 -13.59
N PRO C 207 -10.09 5.23 -13.18
CA PRO C 207 -9.96 5.69 -11.78
C PRO C 207 -11.07 5.12 -10.91
N ASN C 208 -10.98 3.83 -10.61
CA ASN C 208 -12.09 3.14 -9.97
C ASN C 208 -11.68 2.22 -8.83
N LYS C 209 -10.49 2.41 -8.25
CA LYS C 209 -10.06 1.63 -7.09
C LYS C 209 -10.07 0.13 -7.38
N THR C 210 -9.76 -0.26 -8.63
CA THR C 210 -9.77 -1.67 -8.99
C THR C 210 -8.66 -2.43 -8.27
N LEU C 211 -7.46 -1.86 -8.21
CA LEU C 211 -6.36 -2.52 -7.51
C LEU C 211 -6.67 -2.67 -6.03
N GLU C 212 -7.19 -1.62 -5.40
CA GLU C 212 -7.56 -1.69 -3.99
C GLU C 212 -8.54 -2.83 -3.74
N LYS C 213 -9.61 -2.89 -4.53
CA LYS C 213 -10.65 -3.88 -4.30
C LYS C 213 -10.15 -5.29 -4.54
N LEU C 214 -9.39 -5.50 -5.63
CA LEU C 214 -8.86 -6.83 -5.90
C LEU C 214 -8.03 -7.35 -4.73
N LYS C 215 -7.08 -6.53 -4.25
CA LYS C 215 -6.21 -6.95 -3.15
C LYS C 215 -7.01 -7.29 -1.90
N SER C 216 -8.11 -6.57 -1.65
CA SER C 216 -8.86 -6.78 -0.42
C SER C 216 -9.59 -8.12 -0.43
N HIS C 217 -10.19 -8.49 -1.57
CA HIS C 217 -10.81 -9.81 -1.66
C HIS C 217 -9.77 -10.91 -1.64
N VAL C 218 -8.63 -10.69 -2.29
CA VAL C 218 -7.57 -11.71 -2.31
C VAL C 218 -6.99 -11.92 -0.91
N LYS C 219 -7.07 -10.90 -0.06
CA LYS C 219 -6.57 -11.05 1.31
C LYS C 219 -7.46 -11.97 2.12
N ILE C 220 -8.77 -11.76 2.04
CA ILE C 220 -9.72 -12.65 2.73
C ILE C 220 -9.50 -14.09 2.29
N ARG C 221 -9.32 -14.31 0.98
CA ARG C 221 -9.12 -15.66 0.48
C ARG C 221 -7.81 -16.25 0.98
N ASN C 222 -6.73 -15.45 0.96
CA ASN C 222 -5.44 -15.96 1.43
C ASN C 222 -5.45 -16.21 2.93
N ASP C 223 -6.04 -15.30 3.71
CA ASP C 223 -6.12 -15.50 5.14
C ASP C 223 -6.91 -16.76 5.50
N LEU C 224 -7.90 -17.12 4.68
CA LEU C 224 -8.69 -18.31 4.93
C LEU C 224 -7.95 -19.58 4.50
N LEU C 225 -7.20 -19.51 3.40
CA LEU C 225 -6.36 -20.64 3.02
C LEU C 225 -5.28 -20.91 4.05
N ASN C 226 -4.78 -19.86 4.70
CA ASN C 226 -3.81 -20.05 5.78
C ASN C 226 -4.47 -20.66 7.01
N LYS C 227 -5.71 -20.26 7.29
CA LYS C 227 -6.44 -20.86 8.41
C LYS C 227 -6.63 -22.36 8.20
N ILE C 228 -6.94 -22.77 6.97
CA ILE C 228 -7.16 -24.18 6.68
C ILE C 228 -5.85 -24.96 6.83
N LEU C 229 -4.79 -24.51 6.16
CA LEU C 229 -3.51 -25.23 6.22
C LEU C 229 -3.01 -25.32 7.66
N GLU C 230 -3.13 -24.24 8.43
CA GLU C 230 -2.71 -24.26 9.82
C GLU C 230 -3.35 -25.43 10.56
N ASN C 231 -4.69 -25.49 10.55
CA ASN C 231 -5.41 -26.56 11.23
C ASN C 231 -5.13 -27.92 10.61
N TYR C 232 -4.67 -27.97 9.36
CA TYR C 232 -4.47 -29.25 8.70
C TYR C 232 -3.10 -29.86 9.00
N LYS C 233 -2.09 -29.04 9.30
CA LYS C 233 -0.79 -29.58 9.68
C LYS C 233 -0.89 -30.52 10.87
N GLU C 234 -1.94 -30.40 11.69
CA GLU C 234 -2.15 -31.33 12.78
C GLU C 234 -2.84 -32.62 12.29
N LYS C 235 -3.86 -32.48 11.45
CA LYS C 235 -4.61 -33.64 10.99
C LYS C 235 -3.84 -34.48 9.98
N PHE C 236 -2.78 -33.94 9.38
CA PHE C 236 -2.13 -34.65 8.28
C PHE C 236 -1.41 -35.90 8.79
N ARG C 237 -1.52 -36.97 8.00
CA ARG C 237 -0.85 -38.23 8.29
C ARG C 237 -0.50 -38.89 6.96
N SER C 238 0.78 -39.21 6.78
CA SER C 238 1.23 -39.73 5.49
C SER C 238 0.78 -41.15 5.22
N ASP C 239 0.32 -41.87 6.25
CA ASP C 239 -0.23 -43.20 6.03
C ASP C 239 -1.61 -43.19 5.38
N SER C 240 -2.13 -42.01 5.03
CA SER C 240 -3.48 -41.90 4.47
C SER C 240 -3.52 -40.67 3.57
N ILE C 241 -3.43 -40.90 2.26
CA ILE C 241 -3.43 -39.83 1.26
C ILE C 241 -4.73 -39.95 0.49
N THR C 242 -5.69 -39.06 0.76
CA THR C 242 -7.05 -39.18 0.25
C THR C 242 -7.60 -37.88 -0.32
N ASN C 243 -6.77 -36.86 -0.53
CA ASN C 243 -7.23 -35.61 -1.12
C ASN C 243 -6.03 -34.90 -1.72
N MET C 244 -6.27 -33.69 -2.24
CA MET C 244 -5.22 -32.97 -2.94
C MET C 244 -4.20 -32.40 -1.97
N LEU C 245 -4.65 -31.77 -0.90
CA LEU C 245 -3.72 -31.24 0.09
C LEU C 245 -2.83 -32.34 0.66
N ASP C 246 -3.40 -33.52 0.90
CA ASP C 246 -2.59 -34.67 1.31
C ASP C 246 -1.51 -34.95 0.28
N THR C 247 -1.86 -34.92 -1.00
CA THR C 247 -0.89 -35.24 -2.06
C THR C 247 0.26 -34.25 -2.07
N LEU C 248 -0.04 -32.95 -1.91
CA LEU C 248 1.01 -31.94 -1.97
C LEU C 248 1.93 -32.02 -0.75
N MET C 249 1.37 -32.34 0.42
CA MET C 249 2.20 -32.43 1.61
C MET C 249 3.08 -33.68 1.58
N GLN C 250 2.54 -34.80 1.11
CA GLN C 250 3.36 -36.01 0.96
C GLN C 250 4.52 -35.76 0.01
N ALA C 251 4.29 -34.98 -1.06
CA ALA C 251 5.37 -34.65 -1.99
C ALA C 251 6.41 -33.77 -1.33
N LYS C 252 5.99 -32.79 -0.54
CA LYS C 252 6.93 -31.96 0.21
C LYS C 252 7.72 -32.81 1.19
N MET C 253 7.08 -33.80 1.80
CA MET C 253 7.77 -34.67 2.75
C MET C 253 8.83 -35.51 2.06
N ASN C 254 8.46 -36.16 0.95
CA ASN C 254 9.38 -37.08 0.30
C ASN C 254 10.55 -36.36 -0.35
N SER C 255 10.35 -35.14 -0.85
CA SER C 255 11.45 -34.41 -1.44
C SER C 255 12.54 -34.10 -0.41
N ASP C 256 12.13 -33.71 0.80
CA ASP C 256 13.10 -33.37 1.84
C ASP C 256 13.84 -34.60 2.34
N ASN C 257 13.14 -35.70 2.55
CA ASN C 257 13.74 -36.91 3.09
C ASN C 257 14.64 -37.55 2.02
N GLY C 258 15.15 -38.74 2.33
CA GLY C 258 16.00 -39.47 1.41
C GLY C 258 17.14 -38.63 0.86
N GLY C 261 19.70 -36.81 0.07
CA GLY C 261 19.42 -35.45 0.52
C GLY C 261 18.12 -34.91 -0.04
N PRO C 262 17.82 -33.64 0.27
CA PRO C 262 16.59 -33.03 -0.27
C PRO C 262 16.65 -32.90 -1.79
N ASP C 263 15.50 -33.10 -2.42
CA ASP C 263 15.37 -33.05 -3.86
C ASP C 263 15.41 -31.59 -4.33
N GLN C 264 15.10 -31.37 -5.61
CA GLN C 264 14.96 -30.03 -6.16
C GLN C 264 13.55 -29.49 -5.99
N ASP C 265 12.67 -30.24 -5.34
CA ASP C 265 11.27 -29.87 -5.20
C ASP C 265 10.95 -29.27 -3.84
N SER C 266 11.84 -29.40 -2.86
CA SER C 266 11.65 -28.67 -1.61
C SER C 266 11.55 -27.17 -1.88
N GLU C 267 12.35 -26.67 -2.83
CA GLU C 267 12.19 -25.30 -3.30
C GLU C 267 10.77 -25.06 -3.79
N LEU C 268 10.20 -26.03 -4.51
CA LEU C 268 8.98 -25.83 -5.27
C LEU C 268 7.71 -26.20 -4.52
N LEU C 269 7.82 -26.62 -3.26
CA LEU C 269 6.66 -27.06 -2.49
C LEU C 269 6.55 -26.31 -1.17
N SER C 270 6.97 -25.05 -1.14
CA SER C 270 6.73 -24.20 0.01
C SER C 270 5.23 -24.12 0.27
N ASP C 271 4.87 -23.61 1.45
CA ASP C 271 3.46 -23.53 1.81
C ASP C 271 2.69 -22.60 0.88
N ASN C 272 3.37 -21.63 0.26
CA ASN C 272 2.67 -20.70 -0.63
C ASN C 272 2.39 -21.32 -1.99
N HIS C 273 3.32 -22.13 -2.51
CA HIS C 273 3.04 -22.88 -3.73
C HIS C 273 1.86 -23.82 -3.54
N ILE C 274 1.86 -24.55 -2.42
CA ILE C 274 0.78 -25.48 -2.13
C ILE C 274 -0.56 -24.75 -2.07
N LEU C 275 -0.61 -23.66 -1.31
CA LEU C 275 -1.87 -22.94 -1.13
C LEU C 275 -2.36 -22.33 -2.43
N THR C 276 -1.46 -21.79 -3.25
CA THR C 276 -1.89 -21.20 -4.52
C THR C 276 -2.46 -22.26 -5.45
N THR C 277 -1.88 -23.46 -5.44
CA THR C 277 -2.39 -24.54 -6.27
C THR C 277 -3.77 -25.01 -5.78
N ILE C 278 -3.91 -25.23 -4.48
CA ILE C 278 -5.22 -25.55 -3.92
C ILE C 278 -6.23 -24.47 -4.30
N GLY C 279 -5.83 -23.21 -4.18
CA GLY C 279 -6.74 -22.12 -4.51
C GLY C 279 -7.16 -22.13 -5.97
N ASP C 280 -6.23 -22.46 -6.88
CA ASP C 280 -6.57 -22.58 -8.29
C ASP C 280 -7.64 -23.65 -8.49
N ILE C 281 -7.38 -24.86 -8.00
CA ILE C 281 -8.34 -25.95 -8.15
C ILE C 281 -9.68 -25.58 -7.50
N PHE C 282 -9.63 -25.11 -6.25
CA PHE C 282 -10.87 -24.76 -5.55
C PHE C 282 -11.62 -23.67 -6.30
N GLY C 283 -10.91 -22.64 -6.77
CA GLY C 283 -11.58 -21.53 -7.43
C GLY C 283 -12.17 -21.92 -8.77
N ALA C 284 -11.41 -22.67 -9.58
CA ALA C 284 -11.92 -23.10 -10.87
C ALA C 284 -13.03 -24.13 -10.73
N GLY C 285 -12.84 -25.11 -9.84
CA GLY C 285 -13.84 -26.15 -9.66
C GLY C 285 -15.22 -25.62 -9.37
N VAL C 286 -15.31 -24.46 -8.74
CA VAL C 286 -16.59 -23.90 -8.33
C VAL C 286 -17.17 -22.96 -9.38
N GLU C 287 -16.36 -22.04 -9.90
CA GLU C 287 -16.89 -20.96 -10.73
C GLU C 287 -17.10 -21.36 -12.18
N THR C 288 -16.42 -22.39 -12.68
CA THR C 288 -16.65 -22.82 -14.05
C THR C 288 -17.95 -23.62 -14.17
N THR C 289 -18.12 -24.65 -13.33
CA THR C 289 -19.31 -25.48 -13.41
C THR C 289 -20.56 -24.70 -13.02
N THR C 290 -20.48 -23.89 -11.97
CA THR C 290 -21.61 -23.04 -11.61
C THR C 290 -22.04 -22.19 -12.81
N SER C 291 -21.07 -21.71 -13.59
CA SER C 291 -21.39 -20.85 -14.73
C SER C 291 -22.06 -21.65 -15.85
N VAL C 292 -21.51 -22.82 -16.17
CA VAL C 292 -22.05 -23.61 -17.28
C VAL C 292 -23.45 -24.12 -16.93
N VAL C 293 -23.67 -24.51 -15.68
CA VAL C 293 -25.01 -24.93 -15.26
C VAL C 293 -26.01 -23.80 -15.47
N LYS C 294 -25.63 -22.59 -15.06
CA LYS C 294 -26.51 -21.44 -15.25
C LYS C 294 -26.75 -21.16 -16.72
N TRP C 295 -25.71 -21.23 -17.55
CA TRP C 295 -25.88 -21.08 -18.99
C TRP C 295 -26.86 -22.10 -19.54
N THR C 296 -26.71 -23.36 -19.11
CA THR C 296 -27.54 -24.44 -19.68
C THR C 296 -29.02 -24.19 -19.41
N LEU C 297 -29.37 -23.76 -18.19
CA LEU C 297 -30.77 -23.48 -17.89
C LEU C 297 -31.27 -22.29 -18.69
N ALA C 298 -30.42 -21.30 -18.91
CA ALA C 298 -30.83 -20.13 -19.69
C ALA C 298 -31.20 -20.52 -21.12
N PHE C 299 -30.40 -21.38 -21.75
CA PHE C 299 -30.72 -21.83 -23.10
C PHE C 299 -31.96 -22.71 -23.13
N LEU C 300 -32.21 -23.48 -22.06
CA LEU C 300 -33.40 -24.31 -22.02
C LEU C 300 -34.65 -23.46 -21.87
N LEU C 301 -34.58 -22.38 -21.08
CA LEU C 301 -35.71 -21.46 -20.98
C LEU C 301 -36.01 -20.78 -22.30
N HIS C 302 -34.99 -20.58 -23.14
CA HIS C 302 -35.19 -19.99 -24.45
C HIS C 302 -35.62 -21.01 -25.50
N ASN C 303 -35.46 -22.30 -25.23
CA ASN C 303 -35.75 -23.36 -26.20
C ASN C 303 -36.58 -24.43 -25.52
N PRO C 304 -37.90 -24.23 -25.40
CA PRO C 304 -38.72 -25.23 -24.71
C PRO C 304 -38.82 -26.55 -25.44
N GLN C 305 -38.70 -26.54 -26.77
CA GLN C 305 -38.76 -27.77 -27.55
C GLN C 305 -37.68 -28.74 -27.12
N VAL C 306 -36.42 -28.30 -27.16
CA VAL C 306 -35.31 -29.13 -26.70
C VAL C 306 -35.56 -29.60 -25.28
N LYS C 307 -36.03 -28.70 -24.42
CA LYS C 307 -36.26 -29.04 -23.03
C LYS C 307 -37.27 -30.18 -22.90
N LYS C 308 -38.40 -30.08 -23.61
CA LYS C 308 -39.41 -31.12 -23.54
C LYS C 308 -38.84 -32.47 -23.96
N LYS C 309 -38.01 -32.49 -25.01
CA LYS C 309 -37.41 -33.75 -25.44
C LYS C 309 -36.49 -34.31 -24.38
N LEU C 310 -35.79 -33.44 -23.64
CA LEU C 310 -34.91 -33.92 -22.57
C LEU C 310 -35.71 -34.63 -21.49
N TYR C 311 -36.83 -34.04 -21.07
CA TYR C 311 -37.72 -34.72 -20.13
C TYR C 311 -38.13 -36.09 -20.66
N GLU C 312 -38.53 -36.15 -21.93
CA GLU C 312 -38.93 -37.42 -22.52
C GLU C 312 -37.76 -38.40 -22.56
N GLU C 313 -36.54 -37.90 -22.77
CA GLU C 313 -35.39 -38.79 -22.82
C GLU C 313 -35.11 -39.42 -21.45
N ILE C 314 -35.06 -38.58 -20.40
CA ILE C 314 -34.73 -39.09 -19.08
C ILE C 314 -35.85 -40.00 -18.56
N ASP C 315 -37.08 -39.80 -19.03
CA ASP C 315 -38.17 -40.68 -18.62
C ASP C 315 -38.09 -42.03 -19.32
N GLN C 316 -37.76 -42.04 -20.61
CA GLN C 316 -37.66 -43.30 -21.35
C GLN C 316 -36.48 -44.13 -20.86
N ASN C 317 -35.38 -43.48 -20.49
CA ASN C 317 -34.11 -44.16 -20.29
C ASN C 317 -33.72 -44.34 -18.84
N VAL C 318 -34.24 -43.51 -17.92
CA VAL C 318 -33.91 -43.60 -16.51
C VAL C 318 -35.14 -43.87 -15.65
N GLY C 319 -36.25 -43.20 -15.93
CA GLY C 319 -37.44 -43.40 -15.15
C GLY C 319 -37.30 -42.80 -13.76
N PHE C 320 -38.15 -43.27 -12.86
CA PHE C 320 -38.21 -42.76 -11.50
C PHE C 320 -37.88 -43.82 -10.45
N SER C 321 -37.52 -45.03 -10.86
CA SER C 321 -37.12 -46.07 -9.92
C SER C 321 -35.74 -45.83 -9.32
N ARG C 322 -35.03 -44.79 -9.75
CA ARG C 322 -33.68 -44.52 -9.28
C ARG C 322 -33.29 -43.11 -9.71
N THR C 323 -32.23 -42.60 -9.08
CA THR C 323 -31.64 -41.36 -9.53
C THR C 323 -30.62 -41.62 -10.62
N PRO C 324 -30.25 -40.60 -11.40
CA PRO C 324 -29.33 -40.82 -12.51
C PRO C 324 -27.93 -41.20 -12.03
N THR C 325 -27.17 -41.79 -12.96
CA THR C 325 -25.79 -42.16 -12.73
C THR C 325 -24.98 -41.80 -13.97
N ILE C 326 -23.65 -41.75 -13.83
CA ILE C 326 -22.82 -41.37 -14.96
C ILE C 326 -22.94 -42.37 -16.09
N SER C 327 -23.17 -43.65 -15.77
CA SER C 327 -23.35 -44.65 -16.81
C SER C 327 -24.54 -44.34 -17.71
N ASP C 328 -25.44 -43.44 -17.27
CA ASP C 328 -26.54 -43.00 -18.12
C ASP C 328 -26.08 -42.07 -19.23
N ARG C 329 -24.82 -41.64 -19.21
CA ARG C 329 -24.25 -40.95 -20.35
C ARG C 329 -24.54 -41.71 -21.65
N ASN C 330 -24.48 -43.04 -21.60
CA ASN C 330 -24.63 -43.89 -22.77
C ASN C 330 -26.06 -43.98 -23.27
N ARG C 331 -27.00 -43.26 -22.66
CA ARG C 331 -28.40 -43.32 -23.09
C ARG C 331 -29.10 -41.97 -23.08
N LEU C 332 -28.69 -41.01 -22.24
CA LEU C 332 -29.18 -39.64 -22.32
C LEU C 332 -28.29 -38.85 -23.27
N LEU C 333 -28.44 -39.15 -24.56
CA LEU C 333 -27.53 -38.59 -25.56
C LEU C 333 -27.88 -37.14 -25.90
N LEU C 334 -29.17 -36.81 -25.96
CA LEU C 334 -29.54 -35.43 -26.24
C LEU C 334 -29.09 -34.51 -25.11
N LEU C 335 -28.96 -35.04 -23.89
CA LEU C 335 -28.45 -34.23 -22.79
C LEU C 335 -26.95 -34.00 -22.93
N GLU C 336 -26.19 -35.06 -23.19
CA GLU C 336 -24.77 -34.90 -23.46
C GLU C 336 -24.54 -33.93 -24.62
N ALA C 337 -25.41 -33.98 -25.64
CA ALA C 337 -25.27 -33.08 -26.77
C ALA C 337 -25.65 -31.66 -26.41
N THR C 338 -26.69 -31.48 -25.59
CA THR C 338 -27.04 -30.16 -25.10
C THR C 338 -25.85 -29.50 -24.41
N ILE C 339 -25.15 -30.27 -23.58
CA ILE C 339 -23.98 -29.73 -22.88
C ILE C 339 -22.87 -29.41 -23.87
N ARG C 340 -22.64 -30.29 -24.86
CA ARG C 340 -21.63 -30.01 -25.87
C ARG C 340 -21.92 -28.71 -26.60
N GLU C 341 -23.21 -28.41 -26.81
CA GLU C 341 -23.59 -27.21 -27.56
C GLU C 341 -23.39 -25.95 -26.73
N VAL C 342 -23.72 -26.00 -25.44
CA VAL C 342 -23.52 -24.83 -24.58
C VAL C 342 -22.04 -24.46 -24.54
N LEU C 343 -21.16 -25.45 -24.51
CA LEU C 343 -19.74 -25.18 -24.50
C LEU C 343 -19.24 -24.70 -25.86
N ARG C 344 -20.00 -24.92 -26.92
CA ARG C 344 -19.65 -24.33 -28.21
C ARG C 344 -20.11 -22.88 -28.28
N LEU C 345 -21.39 -22.64 -28.01
CA LEU C 345 -21.94 -21.30 -28.12
C LEU C 345 -21.30 -20.35 -27.12
N ARG C 346 -21.21 -20.78 -25.86
CA ARG C 346 -20.72 -19.95 -24.76
C ARG C 346 -19.53 -20.64 -24.11
N PRO C 347 -18.38 -20.67 -24.77
CA PRO C 347 -17.19 -21.26 -24.14
C PRO C 347 -16.91 -20.62 -22.80
N VAL C 348 -16.57 -21.46 -21.82
CA VAL C 348 -16.24 -20.96 -20.48
C VAL C 348 -15.10 -19.95 -20.57
N ALA C 349 -14.10 -20.24 -21.39
CA ALA C 349 -12.97 -19.34 -21.63
C ALA C 349 -12.93 -19.04 -23.12
N PRO C 350 -13.68 -18.04 -23.59
CA PRO C 350 -13.81 -17.82 -25.04
C PRO C 350 -12.49 -17.52 -25.72
N MET C 351 -11.50 -17.04 -24.97
CA MET C 351 -10.15 -16.84 -25.50
C MET C 351 -9.14 -17.65 -24.71
N LEU C 352 -9.57 -18.81 -24.21
CA LEU C 352 -8.75 -19.66 -23.36
C LEU C 352 -8.11 -18.83 -22.25
N ILE C 353 -6.87 -19.17 -21.93
CA ILE C 353 -6.00 -18.35 -21.09
C ILE C 353 -4.77 -18.03 -21.93
N PRO C 354 -4.33 -16.78 -22.00
CA PRO C 354 -3.30 -16.42 -23.00
C PRO C 354 -2.04 -17.25 -22.85
N HIS C 355 -1.47 -17.63 -23.99
CA HIS C 355 -0.22 -18.39 -24.04
C HIS C 355 0.95 -17.44 -24.27
N LYS C 356 2.14 -18.01 -24.38
CA LYS C 356 3.35 -17.24 -24.61
C LYS C 356 4.38 -18.11 -25.31
N ALA C 357 5.04 -17.53 -26.32
CA ALA C 357 6.11 -18.23 -27.00
C ALA C 357 7.33 -18.34 -26.08
N ASN C 358 7.71 -19.57 -25.76
CA ASN C 358 8.90 -19.79 -24.95
C ASN C 358 10.17 -19.67 -25.77
N VAL C 359 10.09 -19.96 -27.08
CA VAL C 359 11.23 -19.92 -27.98
C VAL C 359 10.77 -19.33 -29.30
N ASP C 360 11.74 -18.77 -30.04
CA ASP C 360 11.46 -18.32 -31.40
C ASP C 360 10.88 -19.49 -32.19
N SER C 361 9.72 -19.27 -32.80
CA SER C 361 9.00 -20.35 -33.44
C SER C 361 8.22 -19.80 -34.63
N SER C 362 7.17 -20.51 -35.02
CA SER C 362 6.34 -20.09 -36.15
C SER C 362 4.93 -20.61 -35.92
N ILE C 363 3.97 -19.97 -36.61
CA ILE C 363 2.59 -20.43 -36.64
C ILE C 363 2.14 -20.34 -38.09
N GLY C 364 2.03 -21.49 -38.75
CA GLY C 364 1.70 -21.48 -40.16
C GLY C 364 2.81 -20.83 -40.95
N GLU C 365 2.44 -19.82 -41.74
CA GLU C 365 3.38 -19.16 -42.63
C GLU C 365 4.26 -18.14 -41.94
N PHE C 366 3.96 -17.77 -40.70
CA PHE C 366 4.53 -16.59 -40.07
C PHE C 366 5.47 -16.94 -38.93
N ALA C 367 6.42 -16.04 -38.66
CA ALA C 367 7.38 -16.19 -37.59
C ALA C 367 6.84 -15.62 -36.29
N VAL C 368 7.35 -16.13 -35.17
CA VAL C 368 6.92 -15.68 -33.85
C VAL C 368 8.14 -15.70 -32.94
N ASP C 369 8.46 -14.54 -32.37
CA ASP C 369 9.65 -14.41 -31.53
C ASP C 369 9.37 -14.86 -30.11
N LYS C 370 10.43 -15.28 -29.41
CA LYS C 370 10.30 -15.64 -28.02
C LYS C 370 9.70 -14.47 -27.24
N GLY C 371 8.81 -14.79 -26.30
CA GLY C 371 8.18 -13.80 -25.47
C GLY C 371 6.88 -13.25 -26.01
N THR C 372 6.48 -13.64 -27.22
CA THR C 372 5.25 -13.12 -27.80
C THR C 372 4.04 -13.77 -27.13
N GLU C 373 3.05 -12.94 -26.80
CA GLU C 373 1.79 -13.44 -26.26
C GLU C 373 0.94 -13.99 -27.38
N VAL C 374 0.47 -15.23 -27.22
CA VAL C 374 -0.31 -15.92 -28.24
C VAL C 374 -1.69 -16.21 -27.66
N ILE C 375 -2.72 -15.73 -28.34
CA ILE C 375 -4.10 -15.84 -27.87
C ILE C 375 -4.89 -16.67 -28.89
N ILE C 376 -5.59 -17.67 -28.40
CA ILE C 376 -6.49 -18.48 -29.22
C ILE C 376 -7.89 -17.91 -29.06
N ASN C 377 -8.47 -17.42 -30.14
CA ASN C 377 -9.86 -16.95 -30.12
C ASN C 377 -10.77 -18.16 -30.32
N LEU C 378 -10.97 -18.91 -29.24
CA LEU C 378 -11.81 -20.09 -29.29
C LEU C 378 -13.21 -19.77 -29.76
N TRP C 379 -13.72 -18.58 -29.41
CA TRP C 379 -15.03 -18.16 -29.89
C TRP C 379 -15.10 -18.20 -31.41
N ALA C 380 -13.99 -17.86 -32.08
CA ALA C 380 -13.98 -17.87 -33.54
C ALA C 380 -14.04 -19.30 -34.07
N LEU C 381 -13.21 -20.19 -33.52
CA LEU C 381 -13.24 -21.59 -33.92
C LEU C 381 -14.64 -22.16 -33.81
N HIS C 382 -15.39 -21.74 -32.80
CA HIS C 382 -16.72 -22.30 -32.53
C HIS C 382 -17.83 -21.62 -33.32
N HIS C 383 -17.56 -20.50 -33.98
CA HIS C 383 -18.54 -19.81 -34.81
C HIS C 383 -18.10 -19.68 -36.26
N ASN C 384 -17.00 -20.33 -36.63
CA ASN C 384 -16.57 -20.36 -38.03
C ASN C 384 -17.72 -20.86 -38.91
N GLU C 385 -18.16 -20.01 -39.83
CA GLU C 385 -19.32 -20.34 -40.66
C GLU C 385 -19.05 -21.48 -41.61
N LYS C 386 -17.78 -21.75 -41.94
CA LYS C 386 -17.43 -22.81 -42.88
C LYS C 386 -17.19 -24.16 -42.20
N GLU C 387 -17.20 -24.20 -40.87
CA GLU C 387 -17.05 -25.45 -40.13
C GLU C 387 -18.30 -25.83 -39.35
N TRP C 388 -19.25 -24.91 -39.18
CA TRP C 388 -20.47 -25.15 -38.44
C TRP C 388 -21.66 -24.72 -39.26
N HIS C 389 -22.76 -25.46 -39.12
CA HIS C 389 -24.02 -25.11 -39.76
C HIS C 389 -24.81 -24.20 -38.83
N GLN C 390 -25.06 -22.96 -39.26
CA GLN C 390 -25.80 -21.99 -38.48
C GLN C 390 -25.16 -21.83 -37.09
N PRO C 391 -23.90 -21.38 -37.03
CA PRO C 391 -23.17 -21.43 -35.75
C PRO C 391 -23.80 -20.60 -34.64
N ASP C 392 -24.62 -19.60 -34.96
CA ASP C 392 -25.23 -18.78 -33.93
C ASP C 392 -26.59 -19.32 -33.46
N GLN C 393 -26.97 -20.52 -33.89
CA GLN C 393 -28.18 -21.16 -33.43
C GLN C 393 -27.86 -22.20 -32.36
N PHE C 394 -28.71 -22.28 -31.35
CA PHE C 394 -28.63 -23.34 -30.34
C PHE C 394 -29.30 -24.58 -30.91
N MET C 395 -28.48 -25.52 -31.39
CA MET C 395 -28.97 -26.77 -31.98
C MET C 395 -28.21 -27.93 -31.37
N PRO C 396 -28.65 -28.43 -30.21
CA PRO C 396 -28.01 -29.63 -29.64
C PRO C 396 -27.96 -30.78 -30.62
N GLU C 397 -28.86 -30.77 -31.59
CA GLU C 397 -28.98 -31.87 -32.54
C GLU C 397 -27.76 -31.97 -33.46
N ARG C 398 -26.93 -30.92 -33.53
CA ARG C 398 -25.77 -30.98 -34.40
C ARG C 398 -24.78 -32.05 -33.95
N PHE C 399 -24.79 -32.39 -32.65
CA PHE C 399 -23.90 -33.40 -32.11
C PHE C 399 -24.55 -34.79 -32.09
N LEU C 400 -25.63 -34.99 -32.83
CA LEU C 400 -26.30 -36.27 -32.91
C LEU C 400 -26.43 -36.68 -34.37
N ASN C 401 -26.36 -37.99 -34.61
CA ASN C 401 -26.56 -38.52 -35.95
C ASN C 401 -28.04 -38.53 -36.29
N PRO C 402 -28.39 -38.66 -37.57
CA PRO C 402 -29.81 -38.54 -37.96
C PRO C 402 -30.75 -39.42 -37.16
N ALA C 403 -30.39 -40.69 -36.93
CA ALA C 403 -31.25 -41.58 -36.16
C ALA C 403 -31.42 -41.11 -34.72
N GLY C 404 -30.47 -40.35 -34.20
CA GLY C 404 -30.51 -39.95 -32.81
C GLY C 404 -30.01 -40.99 -31.84
N THR C 405 -29.09 -41.85 -32.29
CA THR C 405 -28.67 -43.02 -31.53
C THR C 405 -27.20 -43.00 -31.14
N GLN C 406 -26.46 -41.96 -31.48
CA GLN C 406 -25.09 -41.85 -30.99
C GLN C 406 -24.57 -40.44 -31.27
N LEU C 407 -23.73 -39.96 -30.37
CA LEU C 407 -23.10 -38.66 -30.54
C LEU C 407 -22.11 -38.70 -31.70
N ILE C 408 -21.88 -37.53 -32.29
CA ILE C 408 -20.94 -37.38 -33.38
C ILE C 408 -20.18 -36.06 -33.19
N SER C 409 -18.99 -36.00 -33.78
CA SER C 409 -18.19 -34.78 -33.78
C SER C 409 -18.34 -34.12 -35.15
N PRO C 410 -19.23 -33.13 -35.32
CA PRO C 410 -19.45 -32.56 -36.65
C PRO C 410 -18.43 -31.53 -37.08
N SER C 411 -17.39 -31.28 -36.29
CA SER C 411 -16.39 -30.29 -36.66
C SER C 411 -15.10 -30.52 -35.89
N VAL C 412 -13.98 -30.43 -36.61
CA VAL C 412 -12.67 -30.42 -35.96
C VAL C 412 -12.37 -29.08 -35.30
N SER C 413 -13.21 -28.08 -35.51
CA SER C 413 -13.01 -26.74 -34.95
C SER C 413 -13.78 -26.58 -33.65
N TYR C 414 -13.42 -27.42 -32.67
CA TYR C 414 -14.18 -27.53 -31.42
C TYR C 414 -13.21 -27.93 -30.32
N LEU C 415 -12.94 -27.01 -29.39
CA LEU C 415 -11.95 -27.22 -28.33
C LEU C 415 -12.43 -26.52 -27.06
N PRO C 416 -13.52 -27.00 -26.45
CA PRO C 416 -14.02 -26.34 -25.24
C PRO C 416 -13.06 -26.43 -24.06
N PHE C 417 -12.25 -27.48 -23.98
CA PHE C 417 -11.30 -27.65 -22.88
C PHE C 417 -9.86 -27.42 -23.33
N GLY C 418 -9.66 -26.72 -24.43
CA GLY C 418 -8.31 -26.54 -24.95
C GLY C 418 -7.71 -27.85 -25.39
N ALA C 419 -6.38 -27.81 -25.57
CA ALA C 419 -5.65 -28.99 -26.03
C ALA C 419 -4.18 -28.78 -25.73
N GLY C 420 -3.46 -29.89 -25.61
CA GLY C 420 -2.02 -29.86 -25.47
C GLY C 420 -1.54 -29.69 -24.04
N PRO C 421 -0.32 -29.17 -23.88
CA PRO C 421 0.29 -29.14 -22.54
C PRO C 421 -0.45 -28.29 -21.52
N ARG C 422 -1.26 -27.32 -21.95
CA ARG C 422 -1.95 -26.43 -21.02
C ARG C 422 -3.46 -26.67 -21.02
N SER C 423 -3.92 -27.83 -21.48
CA SER C 423 -5.35 -28.08 -21.54
C SER C 423 -5.91 -28.29 -20.14
N CYS C 424 -7.24 -28.25 -20.05
CA CYS C 424 -7.91 -28.34 -18.77
C CYS C 424 -7.57 -29.64 -18.06
N ILE C 425 -7.19 -29.52 -16.78
CA ILE C 425 -6.97 -30.71 -15.95
C ILE C 425 -8.22 -31.08 -15.15
N GLY C 426 -9.29 -30.31 -15.27
CA GLY C 426 -10.52 -30.61 -14.57
C GLY C 426 -11.66 -31.06 -15.47
N GLU C 427 -11.34 -31.44 -16.71
CA GLU C 427 -12.37 -31.80 -17.67
C GLU C 427 -13.26 -32.94 -17.15
N ILE C 428 -12.64 -33.99 -16.62
CA ILE C 428 -13.41 -35.16 -16.21
C ILE C 428 -14.36 -34.81 -15.07
N LEU C 429 -13.85 -34.09 -14.06
CA LEU C 429 -14.73 -33.62 -12.99
C LEU C 429 -15.86 -32.78 -13.56
N ALA C 430 -15.54 -31.88 -14.50
CA ALA C 430 -16.54 -30.95 -15.01
C ALA C 430 -17.62 -31.66 -15.81
N ARG C 431 -17.21 -32.61 -16.66
CA ARG C 431 -18.20 -33.33 -17.46
C ARG C 431 -19.14 -34.14 -16.60
N GLN C 432 -18.63 -34.71 -15.49
CA GLN C 432 -19.47 -35.53 -14.63
C GLN C 432 -20.39 -34.66 -13.76
N GLU C 433 -19.88 -33.55 -13.24
CA GLU C 433 -20.72 -32.63 -12.48
C GLU C 433 -21.82 -32.05 -13.36
N LEU C 434 -21.45 -31.57 -14.55
CA LEU C 434 -22.44 -30.96 -15.44
C LEU C 434 -23.54 -31.94 -15.81
N PHE C 435 -23.17 -33.19 -16.12
CA PHE C 435 -24.16 -34.16 -16.55
C PHE C 435 -25.09 -34.55 -15.41
N LEU C 436 -24.53 -34.81 -14.23
CA LEU C 436 -25.36 -35.29 -13.12
C LEU C 436 -26.23 -34.17 -12.55
N ILE C 437 -25.72 -32.94 -12.49
CA ILE C 437 -26.53 -31.83 -12.00
C ILE C 437 -27.75 -31.63 -12.90
N MET C 438 -27.56 -31.73 -14.21
CA MET C 438 -28.68 -31.54 -15.13
C MET C 438 -29.64 -32.72 -15.09
N ALA C 439 -29.11 -33.94 -15.18
CA ALA C 439 -29.97 -35.12 -15.18
C ALA C 439 -30.82 -35.17 -13.92
N TRP C 440 -30.20 -34.95 -12.75
CA TRP C 440 -30.95 -34.95 -11.50
C TRP C 440 -32.02 -33.87 -11.49
N LEU C 441 -31.66 -32.66 -11.93
CA LEU C 441 -32.60 -31.54 -11.89
C LEU C 441 -33.76 -31.76 -12.85
N LEU C 442 -33.50 -32.38 -14.00
CA LEU C 442 -34.57 -32.60 -14.97
C LEU C 442 -35.47 -33.77 -14.59
N GLN C 443 -34.90 -34.78 -13.93
CA GLN C 443 -35.72 -35.89 -13.42
C GLN C 443 -36.77 -35.39 -12.45
N ARG C 444 -36.46 -34.34 -11.68
CA ARG C 444 -37.21 -34.01 -10.48
C ARG C 444 -37.95 -32.68 -10.53
N PHE C 445 -37.60 -31.76 -11.43
CA PHE C 445 -38.08 -30.39 -11.35
C PHE C 445 -38.61 -29.91 -12.71
N ASP C 446 -39.75 -29.25 -12.66
CA ASP C 446 -40.20 -28.40 -13.76
C ASP C 446 -39.48 -27.06 -13.66
N LEU C 447 -38.82 -26.65 -14.75
CA LEU C 447 -38.01 -25.45 -14.76
C LEU C 447 -38.55 -24.53 -15.85
N GLU C 448 -39.34 -23.53 -15.45
CA GLU C 448 -40.11 -22.71 -16.36
C GLU C 448 -39.75 -21.24 -16.20
N VAL C 449 -40.29 -20.42 -17.11
CA VAL C 449 -40.03 -18.98 -17.06
C VAL C 449 -40.66 -18.40 -15.80
N PRO C 450 -39.99 -17.47 -15.09
CA PRO C 450 -40.54 -16.95 -13.83
C PRO C 450 -41.93 -16.35 -13.97
N ASP C 451 -42.46 -15.85 -12.85
CA ASP C 451 -43.83 -15.34 -12.82
C ASP C 451 -44.05 -14.30 -13.90
N ASP C 452 -43.32 -13.18 -13.82
CA ASP C 452 -43.32 -12.22 -14.91
C ASP C 452 -42.63 -12.81 -16.13
N GLY C 453 -42.92 -12.24 -17.30
CA GLY C 453 -42.48 -12.82 -18.55
C GLY C 453 -40.98 -12.81 -18.77
N GLN C 454 -40.20 -12.26 -17.84
CA GLN C 454 -38.77 -12.04 -18.05
C GLN C 454 -38.07 -13.32 -18.49
N LEU C 455 -37.30 -13.22 -19.58
CA LEU C 455 -36.35 -14.23 -20.01
C LEU C 455 -34.94 -13.80 -19.66
N PRO C 456 -34.00 -14.74 -19.58
CA PRO C 456 -32.62 -14.36 -19.26
C PRO C 456 -31.90 -13.80 -20.47
N SER C 457 -31.11 -12.75 -20.24
CA SER C 457 -30.24 -12.22 -21.28
C SER C 457 -29.12 -13.20 -21.55
N LEU C 458 -28.96 -13.59 -22.81
CA LEU C 458 -27.87 -14.45 -23.23
C LEU C 458 -26.68 -13.65 -23.74
N GLU C 459 -26.65 -12.34 -23.50
CA GLU C 459 -25.57 -11.50 -24.01
C GLU C 459 -24.23 -11.92 -23.41
N GLY C 460 -24.17 -12.04 -22.09
CA GLY C 460 -22.99 -12.52 -21.41
C GLY C 460 -22.15 -11.40 -20.82
N ILE C 461 -21.35 -11.76 -19.83
CA ILE C 461 -20.41 -10.86 -19.19
C ILE C 461 -19.02 -11.48 -19.27
N PRO C 462 -18.17 -11.02 -20.19
CA PRO C 462 -16.86 -11.66 -20.36
C PRO C 462 -15.92 -11.28 -19.23
N LYS C 463 -15.44 -12.30 -18.50
CA LYS C 463 -14.42 -12.12 -17.47
C LYS C 463 -13.39 -13.22 -17.71
N VAL C 464 -12.58 -13.52 -16.69
CA VAL C 464 -11.75 -14.71 -16.75
C VAL C 464 -12.63 -15.92 -17.05
N VAL C 465 -13.89 -15.87 -16.65
CA VAL C 465 -14.90 -16.85 -17.01
C VAL C 465 -16.01 -16.10 -17.74
N PHE C 466 -16.58 -16.73 -18.77
CA PHE C 466 -17.65 -16.14 -19.55
C PHE C 466 -18.96 -16.37 -18.78
N LEU C 467 -19.48 -15.32 -18.15
CA LEU C 467 -20.60 -15.44 -17.23
C LEU C 467 -21.90 -14.93 -17.86
N ILE C 468 -23.01 -15.30 -17.22
CA ILE C 468 -24.34 -14.87 -17.64
C ILE C 468 -24.91 -13.98 -16.55
N ASP C 469 -25.70 -12.98 -16.97
CA ASP C 469 -26.45 -12.18 -16.01
C ASP C 469 -27.31 -13.09 -15.15
N SER C 470 -27.38 -12.79 -13.85
CA SER C 470 -28.20 -13.57 -12.96
C SER C 470 -29.67 -13.42 -13.34
N PHE C 471 -30.42 -14.51 -13.19
CA PHE C 471 -31.81 -14.56 -13.61
C PHE C 471 -32.58 -15.47 -12.66
N LYS C 472 -33.89 -15.46 -12.79
CA LYS C 472 -34.77 -16.24 -11.94
C LYS C 472 -35.42 -17.37 -12.73
N VAL C 473 -35.70 -18.47 -12.02
CA VAL C 473 -36.36 -19.64 -12.59
C VAL C 473 -37.54 -19.99 -11.71
N LYS C 474 -38.67 -20.30 -12.33
CA LYS C 474 -39.81 -20.86 -11.61
C LYS C 474 -39.60 -22.36 -11.46
N ILE C 475 -39.44 -22.83 -10.23
CA ILE C 475 -39.07 -24.21 -9.95
C ILE C 475 -40.24 -24.91 -9.27
N LYS C 476 -40.61 -26.07 -9.80
CA LYS C 476 -41.67 -26.89 -9.23
C LYS C 476 -41.23 -28.35 -9.28
N VAL C 477 -41.65 -29.11 -8.26
CA VAL C 477 -41.44 -30.56 -8.30
C VAL C 477 -42.36 -31.15 -9.36
N ARG C 478 -41.78 -31.97 -10.24
CA ARG C 478 -42.53 -32.47 -11.38
C ARG C 478 -43.75 -33.26 -10.93
N GLN C 479 -44.78 -33.26 -11.79
CA GLN C 479 -45.95 -34.08 -11.56
C GLN C 479 -45.55 -35.55 -11.45
N ALA C 480 -44.89 -36.08 -12.48
CA ALA C 480 -44.55 -37.50 -12.52
C ALA C 480 -43.70 -37.92 -11.33
N TRP C 481 -42.82 -37.05 -10.84
CA TRP C 481 -41.91 -37.45 -9.77
C TRP C 481 -42.66 -37.62 -8.46
N ARG C 482 -43.54 -36.68 -8.11
CA ARG C 482 -44.40 -36.87 -6.95
C ARG C 482 -45.38 -38.00 -7.18
N GLU C 483 -45.93 -38.10 -8.39
CA GLU C 483 -46.90 -39.15 -8.73
C GLU C 483 -46.31 -40.55 -8.65
N ALA C 484 -44.99 -40.68 -8.54
CA ALA C 484 -44.32 -41.96 -8.74
C ALA C 484 -43.47 -42.38 -7.54
N GLN C 485 -43.76 -41.88 -6.35
CA GLN C 485 -43.03 -42.26 -5.14
C GLN C 485 -43.91 -43.09 -4.19
N ALA C 486 -44.88 -43.80 -4.74
CA ALA C 486 -45.72 -44.71 -3.95
C ALA C 486 -46.02 -45.97 -4.75
N SER D 12 -5.28 -21.52 46.85
CA SER D 12 -4.18 -21.31 47.79
C SER D 12 -3.03 -22.27 47.53
N LEU D 13 -3.30 -23.32 46.73
CA LEU D 13 -2.42 -24.48 46.70
C LEU D 13 -2.19 -25.06 45.31
N LEU D 14 -2.79 -24.49 44.26
CA LEU D 14 -2.67 -25.03 42.92
C LEU D 14 -1.89 -24.06 42.04
N SER D 15 -1.09 -24.60 41.13
CA SER D 15 -0.20 -23.80 40.29
C SER D 15 -0.77 -23.66 38.90
N LEU D 16 -0.77 -22.43 38.38
CA LEU D 16 -1.16 -22.19 37.01
C LEU D 16 -0.15 -22.82 36.05
N PRO D 17 -0.55 -23.07 34.82
CA PRO D 17 0.42 -23.48 33.79
C PRO D 17 1.21 -22.27 33.31
N LEU D 18 2.52 -22.30 33.56
CA LEU D 18 3.43 -21.31 32.97
C LEU D 18 3.71 -21.73 31.54
N VAL D 19 3.34 -20.88 30.59
CA VAL D 19 3.26 -21.27 29.18
C VAL D 19 4.22 -20.48 28.29
N GLY D 20 4.88 -19.45 28.83
CA GLY D 20 5.92 -18.76 28.10
C GLY D 20 6.80 -18.03 29.08
N SER D 21 8.09 -17.94 28.76
CA SER D 21 9.05 -17.41 29.71
C SER D 21 10.20 -16.70 29.01
N LEU D 22 10.56 -15.52 29.51
CA LEU D 22 11.73 -14.77 29.05
C LEU D 22 12.45 -14.23 30.28
N PRO D 23 13.26 -15.06 30.93
CA PRO D 23 13.84 -14.65 32.22
C PRO D 23 14.70 -13.39 32.17
N PHE D 24 15.35 -13.07 31.06
CA PHE D 24 16.31 -11.97 31.03
C PHE D 24 16.02 -11.01 29.88
N LEU D 25 16.32 -9.73 30.12
CA LEU D 25 16.09 -8.66 29.17
C LEU D 25 17.25 -7.66 29.24
N PRO D 26 17.89 -7.33 28.12
CA PRO D 26 18.99 -6.36 28.16
C PRO D 26 18.53 -4.96 27.85
N ARG D 27 19.06 -3.95 28.54
CA ARG D 27 18.65 -2.56 28.31
C ARG D 27 19.74 -1.85 27.51
N HIS D 28 19.60 -1.89 26.18
CA HIS D 28 20.26 -0.98 25.26
C HIS D 28 21.76 -1.18 25.13
N GLY D 29 22.26 -2.37 25.43
CA GLY D 29 23.52 -2.79 24.86
C GLY D 29 23.34 -3.10 23.38
N HIS D 30 24.45 -3.29 22.69
CA HIS D 30 24.37 -3.78 21.32
C HIS D 30 24.00 -5.25 21.33
N MET D 31 23.07 -5.62 20.45
CA MET D 31 22.49 -6.96 20.50
C MET D 31 23.56 -8.04 20.48
N HIS D 32 24.63 -7.83 19.71
CA HIS D 32 25.70 -8.83 19.65
C HIS D 32 26.47 -8.91 20.95
N ASN D 33 26.49 -7.85 21.75
CA ASN D 33 27.19 -7.88 23.04
C ASN D 33 26.34 -8.47 24.15
N ASN D 34 25.02 -8.39 24.04
CA ASN D 34 24.14 -9.03 25.02
C ASN D 34 24.11 -10.54 24.81
N PHE D 35 24.10 -10.99 23.55
CA PHE D 35 24.23 -12.42 23.27
C PHE D 35 25.55 -12.96 23.81
N PHE D 36 26.61 -12.17 23.74
CA PHE D 36 27.90 -12.59 24.27
C PHE D 36 27.85 -12.72 25.78
N LYS D 37 27.29 -11.71 26.46
CA LYS D 37 27.16 -11.75 27.91
C LYS D 37 26.40 -13.00 28.35
N LEU D 38 25.33 -13.35 27.65
CA LEU D 38 24.52 -14.50 28.04
C LEU D 38 25.31 -15.79 28.03
N GLN D 39 26.47 -15.83 27.36
CA GLN D 39 27.28 -17.04 27.36
C GLN D 39 27.85 -17.36 28.73
N LYS D 40 28.18 -16.33 29.52
CA LYS D 40 28.59 -16.58 30.90
C LYS D 40 27.52 -17.33 31.68
N LYS D 41 26.26 -17.28 31.22
CA LYS D 41 25.15 -17.88 31.93
C LYS D 41 24.59 -19.12 31.24
N TYR D 42 24.89 -19.34 29.96
CA TYR D 42 24.37 -20.49 29.23
C TYR D 42 25.40 -21.18 28.36
N GLY D 43 26.60 -20.62 28.17
CA GLY D 43 27.61 -21.26 27.36
C GLY D 43 27.65 -20.74 25.94
N PRO D 44 28.42 -21.40 25.08
CA PRO D 44 28.66 -20.89 23.72
C PRO D 44 27.55 -21.15 22.74
N ILE D 45 26.45 -21.80 23.14
CA ILE D 45 25.38 -22.12 22.21
C ILE D 45 24.07 -22.31 22.95
N TYR D 46 23.03 -21.61 22.50
CA TYR D 46 21.71 -21.69 23.11
C TYR D 46 20.69 -21.27 22.06
N SER D 47 19.40 -21.35 22.43
CA SER D 47 18.33 -21.09 21.49
C SER D 47 17.18 -20.37 22.17
N VAL D 48 16.30 -19.83 21.33
CA VAL D 48 15.09 -19.13 21.76
C VAL D 48 13.95 -19.59 20.86
N ARG D 49 12.80 -19.85 21.46
CA ARG D 49 11.63 -20.31 20.72
C ARG D 49 10.54 -19.24 20.76
N MET D 50 9.93 -18.98 19.61
CA MET D 50 8.79 -18.06 19.51
C MET D 50 7.80 -18.69 18.55
N GLY D 51 6.68 -19.17 19.09
CA GLY D 51 5.76 -19.95 18.27
C GLY D 51 6.46 -21.19 17.77
N THR D 52 6.42 -21.39 16.46
CA THR D 52 7.12 -22.50 15.83
C THR D 52 8.52 -22.13 15.34
N LYS D 53 8.84 -20.85 15.29
CA LYS D 53 10.18 -20.42 14.88
C LYS D 53 11.17 -20.66 16.02
N THR D 54 12.32 -21.22 15.66
CA THR D 54 13.42 -21.41 16.59
C THR D 54 14.66 -20.71 16.05
N THR D 55 15.54 -20.29 16.97
CA THR D 55 16.75 -19.57 16.59
C THR D 55 17.88 -19.98 17.52
N VAL D 56 18.97 -20.47 16.95
CA VAL D 56 20.18 -20.83 17.69
C VAL D 56 21.22 -19.74 17.50
N ILE D 57 21.84 -19.31 18.59
CA ILE D 57 22.96 -18.39 18.55
C ILE D 57 24.22 -19.17 18.94
N VAL D 58 25.31 -18.91 18.20
CA VAL D 58 26.56 -19.62 18.38
C VAL D 58 27.67 -18.59 18.60
N GLY D 59 28.50 -18.83 19.62
CA GLY D 59 29.53 -17.88 19.98
C GLY D 59 30.87 -18.50 20.32
N HIS D 60 31.25 -19.55 19.59
CA HIS D 60 32.55 -20.17 19.78
C HIS D 60 33.05 -20.67 18.42
N HIS D 61 34.37 -20.58 18.21
CA HIS D 61 34.92 -20.86 16.89
C HIS D 61 34.76 -22.33 16.52
N GLN D 62 34.88 -23.24 17.48
CA GLN D 62 34.65 -24.65 17.20
C GLN D 62 33.25 -24.88 16.65
N LEU D 63 32.24 -24.34 17.33
CA LEU D 63 30.87 -24.51 16.88
C LEU D 63 30.61 -23.73 15.59
N ALA D 64 31.14 -22.50 15.50
CA ALA D 64 30.93 -21.70 14.30
C ALA D 64 31.52 -22.38 13.07
N LYS D 65 32.69 -22.99 13.21
CA LYS D 65 33.33 -23.63 12.07
C LYS D 65 32.61 -24.92 11.65
N GLU D 66 31.85 -25.53 12.55
CA GLU D 66 31.03 -26.67 12.16
C GLU D 66 29.81 -26.21 11.36
N VAL D 67 29.26 -25.05 11.73
CA VAL D 67 28.12 -24.49 11.01
C VAL D 67 28.55 -24.04 9.62
N LEU D 68 29.69 -23.37 9.50
CA LEU D 68 30.09 -22.74 8.25
C LEU D 68 30.91 -23.66 7.35
N ILE D 69 31.72 -24.55 7.92
CA ILE D 69 32.63 -25.36 7.12
C ILE D 69 32.23 -26.84 7.14
N LYS D 70 32.43 -27.50 8.28
CA LYS D 70 32.24 -28.94 8.34
C LYS D 70 30.87 -29.35 7.83
N LYS D 71 29.83 -28.63 8.25
CA LYS D 71 28.48 -28.86 7.77
C LYS D 71 27.97 -27.62 7.04
N GLY D 72 28.86 -26.94 6.33
CA GLY D 72 28.51 -25.69 5.69
C GLY D 72 27.29 -25.78 4.81
N LYS D 73 27.15 -26.89 4.08
CA LYS D 73 26.02 -27.05 3.17
C LYS D 73 24.72 -27.36 3.89
N ASP D 74 24.78 -27.92 5.11
CA ASP D 74 23.57 -28.11 5.89
C ASP D 74 22.99 -26.78 6.36
N PHE D 75 23.85 -25.80 6.64
CA PHE D 75 23.43 -24.52 7.20
C PHE D 75 23.58 -23.37 6.20
N SER D 76 23.70 -23.68 4.92
CA SER D 76 23.90 -22.64 3.90
C SER D 76 22.61 -21.93 3.51
N GLY D 77 21.52 -22.12 4.26
CA GLY D 77 20.28 -21.44 3.95
C GLY D 77 20.17 -20.08 4.61
N ARG D 78 19.19 -19.31 4.16
CA ARG D 78 18.89 -18.01 4.74
C ARG D 78 17.43 -17.96 5.17
N PRO D 79 17.13 -17.43 6.35
CA PRO D 79 15.73 -17.31 6.77
C PRO D 79 14.99 -16.25 5.96
N GLN D 80 13.69 -16.48 5.79
CA GLN D 80 12.82 -15.48 5.17
C GLN D 80 12.45 -14.42 6.19
N MET D 81 12.65 -13.16 5.82
CA MET D 81 12.34 -12.03 6.69
C MET D 81 11.65 -10.95 5.88
N ALA D 82 10.60 -10.38 6.47
CA ALA D 82 9.80 -9.38 5.75
C ALA D 82 10.63 -8.20 5.31
N THR D 83 11.58 -7.77 6.15
CA THR D 83 12.38 -6.59 5.82
C THR D 83 13.32 -6.88 4.66
N LEU D 84 13.87 -8.09 4.60
CA LEU D 84 14.81 -8.43 3.54
C LEU D 84 14.10 -8.81 2.25
N ASP D 85 12.87 -9.33 2.33
CA ASP D 85 12.08 -9.54 1.13
C ASP D 85 11.91 -8.23 0.36
N ILE D 86 11.76 -7.11 1.09
CA ILE D 86 11.61 -5.82 0.44
C ILE D 86 12.90 -5.41 -0.25
N ALA D 87 14.02 -5.45 0.49
CA ALA D 87 15.30 -5.01 -0.03
C ALA D 87 15.91 -5.97 -1.03
N SER D 88 15.38 -7.19 -1.15
CA SER D 88 15.95 -8.20 -2.03
C SER D 88 14.98 -8.62 -3.13
N ASN D 89 13.88 -7.89 -3.31
CA ASN D 89 12.88 -8.24 -4.31
C ASN D 89 12.46 -9.70 -4.19
N ASN D 90 12.09 -10.09 -2.97
CA ASN D 90 11.62 -11.43 -2.66
C ASN D 90 12.72 -12.46 -2.79
N ARG D 91 13.82 -12.28 -2.06
CA ARG D 91 14.86 -13.29 -1.91
C ARG D 91 15.57 -13.59 -3.23
N LYS D 92 15.69 -12.59 -4.10
CA LYS D 92 16.54 -12.69 -5.27
C LYS D 92 17.96 -12.28 -4.89
N GLY D 93 18.85 -12.22 -5.89
CA GLY D 93 20.22 -11.82 -5.64
C GLY D 93 21.07 -12.94 -5.07
N ILE D 94 22.01 -12.56 -4.20
CA ILE D 94 22.93 -13.50 -3.58
C ILE D 94 22.78 -13.46 -2.07
N ALA D 95 23.07 -12.30 -1.47
CA ALA D 95 23.20 -12.21 -0.01
C ALA D 95 21.99 -12.79 0.71
N PHE D 96 20.80 -12.30 0.36
CA PHE D 96 19.57 -12.67 1.07
C PHE D 96 18.80 -13.77 0.34
N ALA D 97 19.48 -14.56 -0.48
CA ALA D 97 18.85 -15.61 -1.25
C ALA D 97 19.09 -16.95 -0.57
N ASP D 98 18.01 -17.71 -0.38
CA ASP D 98 18.12 -19.04 0.19
C ASP D 98 18.94 -19.94 -0.74
N SER D 99 19.66 -20.88 -0.15
CA SER D 99 20.42 -21.84 -0.95
C SER D 99 19.51 -22.54 -1.94
N GLY D 100 19.99 -22.69 -3.17
CA GLY D 100 19.19 -23.27 -4.22
C GLY D 100 19.74 -22.90 -5.58
N ALA D 101 18.90 -23.09 -6.60
CA ALA D 101 19.32 -22.83 -7.97
C ALA D 101 19.68 -21.35 -8.16
N HIS D 102 18.78 -20.46 -7.78
CA HIS D 102 19.01 -19.02 -7.92
C HIS D 102 20.38 -18.65 -7.37
N TRP D 103 20.61 -18.98 -6.09
CA TRP D 103 21.77 -18.47 -5.36
C TRP D 103 23.07 -19.01 -5.94
N GLN D 104 23.15 -20.31 -6.20
CA GLN D 104 24.41 -20.90 -6.64
C GLN D 104 24.81 -20.36 -8.01
N LEU D 105 23.85 -20.19 -8.91
CA LEU D 105 24.16 -19.68 -10.24
C LEU D 105 24.73 -18.27 -10.16
N HIS D 106 24.07 -17.39 -9.40
CA HIS D 106 24.50 -15.99 -9.35
C HIS D 106 25.77 -15.81 -8.53
N ARG D 107 25.99 -16.66 -7.53
CA ARG D 107 27.26 -16.60 -6.80
C ARG D 107 28.40 -17.06 -7.69
N ARG D 108 28.15 -18.08 -8.53
CA ARG D 108 29.13 -18.50 -9.52
C ARG D 108 29.47 -17.36 -10.47
N LEU D 109 28.44 -16.81 -11.14
CA LEU D 109 28.68 -15.79 -12.15
C LEU D 109 29.36 -14.56 -11.55
N ALA D 110 28.92 -14.14 -10.34
CA ALA D 110 29.56 -13.00 -9.70
C ALA D 110 31.03 -13.26 -9.45
N MET D 111 31.38 -14.47 -9.03
CA MET D 111 32.79 -14.82 -8.81
C MET D 111 33.53 -14.93 -10.13
N ALA D 112 32.87 -15.40 -11.19
CA ALA D 112 33.54 -15.51 -12.49
C ALA D 112 33.90 -14.13 -13.04
N THR D 113 33.18 -13.09 -12.64
CA THR D 113 33.49 -11.74 -13.11
C THR D 113 34.73 -11.18 -12.45
N PHE D 114 34.89 -11.40 -11.14
CA PHE D 114 36.11 -10.99 -10.47
C PHE D 114 37.34 -11.66 -11.07
N ALA D 115 37.15 -12.79 -11.76
CA ALA D 115 38.27 -13.45 -12.43
C ALA D 115 38.71 -12.67 -13.67
N LEU D 116 37.79 -11.93 -14.31
CA LEU D 116 38.14 -11.12 -15.47
C LEU D 116 39.09 -9.96 -15.13
N PHE D 117 39.41 -9.75 -13.85
CA PHE D 117 40.08 -8.54 -13.41
C PHE D 117 41.44 -8.83 -12.77
N LYS D 118 42.18 -9.80 -13.33
CA LYS D 118 43.45 -10.19 -12.73
C LYS D 118 44.68 -9.90 -13.57
N ASP D 119 44.54 -9.81 -14.89
CA ASP D 119 45.71 -9.81 -15.79
C ASP D 119 45.82 -8.53 -16.62
N GLY D 120 44.80 -8.17 -17.37
CA GLY D 120 44.92 -7.13 -18.37
C GLY D 120 44.88 -5.73 -17.78
N ASP D 121 44.76 -4.75 -18.67
CA ASP D 121 44.60 -3.35 -18.26
C ASP D 121 43.44 -3.19 -17.28
N GLN D 122 42.47 -4.11 -17.31
CA GLN D 122 41.43 -4.16 -16.29
C GLN D 122 41.94 -4.67 -14.96
N LYS D 123 43.24 -4.86 -14.78
CA LYS D 123 43.77 -5.33 -13.50
C LYS D 123 43.15 -4.54 -12.36
N LEU D 124 42.46 -5.26 -11.47
CA LEU D 124 41.73 -4.63 -10.37
C LEU D 124 42.57 -3.56 -9.70
N GLU D 125 43.87 -3.83 -9.54
CA GLU D 125 44.77 -2.87 -8.90
C GLU D 125 44.76 -1.54 -9.65
N LYS D 126 44.81 -1.58 -10.99
CA LYS D 126 44.87 -0.35 -11.75
C LYS D 126 43.58 0.45 -11.63
N ILE D 127 42.43 -0.23 -11.58
CA ILE D 127 41.17 0.48 -11.42
C ILE D 127 41.10 1.17 -10.05
N ILE D 128 41.57 0.48 -9.01
CA ILE D 128 41.55 1.06 -7.67
C ILE D 128 42.41 2.31 -7.62
N CYS D 129 43.69 2.17 -8.00
CA CYS D 129 44.61 3.29 -7.89
C CYS D 129 44.17 4.48 -8.73
N GLN D 130 43.52 4.22 -9.87
CA GLN D 130 42.98 5.31 -10.66
C GLN D 130 41.97 6.12 -9.86
N GLU D 131 41.05 5.44 -9.18
CA GLU D 131 40.04 6.13 -8.38
C GLU D 131 40.63 6.69 -7.09
N ILE D 132 41.69 6.08 -6.57
CA ILE D 132 42.34 6.64 -5.38
C ILE D 132 43.00 7.95 -5.71
N SER D 133 43.61 8.06 -6.89
CA SER D 133 44.25 9.30 -7.29
C SER D 133 43.25 10.45 -7.33
N THR D 134 42.04 10.18 -7.84
CA THR D 134 40.99 11.18 -7.82
C THR D 134 40.63 11.56 -6.39
N LEU D 135 40.43 10.56 -5.54
CA LEU D 135 40.16 10.82 -4.13
C LEU D 135 41.24 11.72 -3.52
N CYS D 136 42.51 11.32 -3.70
CA CYS D 136 43.61 12.10 -3.14
C CYS D 136 43.56 13.55 -3.62
N ASP D 137 43.39 13.75 -4.92
CA ASP D 137 43.33 15.11 -5.45
C ASP D 137 42.10 15.85 -4.95
N MET D 138 41.03 15.14 -4.59
CA MET D 138 39.86 15.78 -4.02
C MET D 138 40.09 16.16 -2.56
N LEU D 139 40.75 15.29 -1.80
CA LEU D 139 41.06 15.62 -0.41
C LEU D 139 42.07 16.75 -0.32
N ALA D 140 42.92 16.92 -1.35
CA ALA D 140 43.93 17.97 -1.32
C ALA D 140 43.31 19.35 -1.40
N THR D 141 42.14 19.48 -2.03
CA THR D 141 41.45 20.76 -2.09
C THR D 141 40.89 21.18 -0.73
N HIS D 142 40.90 20.29 0.27
CA HIS D 142 40.50 20.62 1.62
C HIS D 142 41.69 20.79 2.56
N ASN D 143 42.87 21.06 2.00
CA ASN D 143 44.08 21.23 2.80
C ASN D 143 43.83 22.20 3.94
N GLY D 144 44.05 21.71 5.17
CA GLY D 144 43.94 22.53 6.36
C GLY D 144 42.63 22.40 7.10
N GLN D 145 41.55 22.07 6.41
CA GLN D 145 40.23 22.07 7.00
C GLN D 145 39.94 20.74 7.70
N SER D 146 38.89 20.76 8.53
CA SER D 146 38.42 19.58 9.25
C SER D 146 37.11 19.12 8.61
N ILE D 147 37.16 17.96 7.94
CA ILE D 147 36.08 17.52 7.08
C ILE D 147 35.55 16.17 7.54
N ASP D 148 34.34 15.86 7.10
CA ASP D 148 33.82 14.50 7.15
C ASP D 148 34.21 13.80 5.84
N ILE D 149 35.04 12.76 5.95
CA ILE D 149 35.57 12.09 4.77
C ILE D 149 34.61 11.12 4.12
N SER D 150 33.40 10.95 4.67
CA SER D 150 32.49 9.91 4.18
C SER D 150 32.29 10.02 2.67
N PHE D 151 31.91 11.21 2.18
CA PHE D 151 31.48 11.32 0.79
C PHE D 151 32.61 11.10 -0.20
N PRO D 152 33.76 11.76 -0.08
CA PRO D 152 34.82 11.52 -1.07
C PRO D 152 35.27 10.07 -1.11
N VAL D 153 35.37 9.41 0.05
CA VAL D 153 35.69 7.98 0.07
C VAL D 153 34.58 7.19 -0.61
N PHE D 154 33.33 7.50 -0.26
CA PHE D 154 32.18 6.87 -0.91
C PHE D 154 32.29 6.96 -2.43
N VAL D 155 32.49 8.18 -2.94
CA VAL D 155 32.61 8.37 -4.39
C VAL D 155 33.67 7.45 -4.97
N ALA D 156 34.84 7.39 -4.32
CA ALA D 156 35.94 6.58 -4.84
C ALA D 156 35.55 5.12 -4.97
N VAL D 157 35.05 4.52 -3.89
CA VAL D 157 34.70 3.10 -3.94
C VAL D 157 33.49 2.87 -4.84
N THR D 158 32.61 3.86 -4.95
CA THR D 158 31.46 3.73 -5.85
C THR D 158 31.91 3.64 -7.31
N ASN D 159 32.96 4.39 -7.68
CA ASN D 159 33.48 4.31 -9.04
C ASN D 159 34.08 2.93 -9.30
N VAL D 160 34.87 2.41 -8.36
CA VAL D 160 35.51 1.11 -8.56
C VAL D 160 34.46 0.04 -8.85
N ILE D 161 33.40 0.00 -8.02
CA ILE D 161 32.40 -1.05 -8.20
C ILE D 161 31.55 -0.78 -9.42
N SER D 162 31.29 0.50 -9.73
CA SER D 162 30.54 0.82 -10.95
C SER D 162 31.34 0.41 -12.19
N LEU D 163 32.66 0.59 -12.17
CA LEU D 163 33.49 0.13 -13.27
C LEU D 163 33.50 -1.38 -13.38
N ILE D 164 33.40 -2.08 -12.24
CA ILE D 164 33.36 -3.54 -12.27
C ILE D 164 32.03 -4.04 -12.78
N CYS D 165 30.94 -3.30 -12.52
CA CYS D 165 29.60 -3.75 -12.89
C CYS D 165 29.21 -3.31 -14.31
N PHE D 166 29.50 -2.07 -14.69
CA PHE D 166 29.07 -1.55 -15.98
C PHE D 166 30.19 -0.92 -16.81
N ASN D 167 31.42 -0.88 -16.31
CA ASN D 167 32.51 -0.17 -16.99
C ASN D 167 32.18 1.32 -17.14
N THR D 168 31.66 1.92 -16.09
CA THR D 168 31.35 3.34 -16.07
C THR D 168 31.70 3.90 -14.70
N SER D 169 31.85 5.22 -14.65
CA SER D 169 32.16 5.89 -13.39
C SER D 169 31.58 7.30 -13.43
N TYR D 170 31.41 7.89 -12.26
CA TYR D 170 30.85 9.22 -12.12
C TYR D 170 31.97 10.23 -11.92
N LYS D 171 31.91 11.32 -12.68
CA LYS D 171 32.80 12.45 -12.42
C LYS D 171 32.28 13.20 -11.20
N ASN D 172 33.20 13.69 -10.38
CA ASN D 172 32.81 14.42 -9.18
C ASN D 172 31.79 15.50 -9.54
N GLY D 173 30.78 15.64 -8.69
CA GLY D 173 29.72 16.61 -8.91
C GLY D 173 28.48 16.04 -9.56
N ASP D 174 28.56 14.86 -10.14
CA ASP D 174 27.37 14.21 -10.70
C ASP D 174 26.34 14.03 -9.59
N PRO D 175 25.13 14.59 -9.72
CA PRO D 175 24.15 14.47 -8.62
C PRO D 175 23.66 13.06 -8.38
N GLU D 176 23.91 12.12 -9.29
CA GLU D 176 23.49 10.74 -9.08
C GLU D 176 24.26 10.07 -7.94
N LEU D 177 25.42 10.61 -7.57
CA LEU D 177 26.14 10.09 -6.42
C LEU D 177 25.40 10.41 -5.13
N ASN D 178 24.87 11.62 -5.00
CA ASN D 178 24.08 11.97 -3.83
C ASN D 178 22.74 11.24 -3.84
N VAL D 179 22.25 10.86 -5.02
CA VAL D 179 21.08 9.99 -5.10
C VAL D 179 21.40 8.63 -4.50
N ILE D 180 22.60 8.11 -4.78
CA ILE D 180 22.98 6.79 -4.29
C ILE D 180 23.28 6.83 -2.81
N GLN D 181 23.93 7.90 -2.34
CA GLN D 181 24.23 7.98 -0.91
C GLN D 181 22.96 8.09 -0.09
N ASN D 182 21.96 8.81 -0.58
CA ASN D 182 20.72 8.98 0.17
C ASN D 182 20.02 7.64 0.36
N TYR D 183 19.74 6.92 -0.73
CA TYR D 183 18.97 5.70 -0.59
C TYR D 183 19.80 4.54 -0.05
N ASN D 184 21.13 4.67 -0.04
CA ASN D 184 21.94 3.77 0.79
C ASN D 184 21.77 4.12 2.27
N GLU D 185 21.84 5.42 2.58
CA GLU D 185 21.60 5.89 3.95
C GLU D 185 20.23 5.45 4.44
N GLY D 186 19.21 5.60 3.61
CA GLY D 186 17.84 5.34 4.03
C GLY D 186 17.48 3.88 4.15
N ILE D 187 17.91 3.07 3.18
CA ILE D 187 17.61 1.65 3.23
C ILE D 187 18.27 1.01 4.45
N ILE D 188 19.55 1.31 4.66
CA ILE D 188 20.27 0.75 5.80
C ILE D 188 19.63 1.20 7.11
N ASP D 189 19.15 2.44 7.17
CA ASP D 189 18.61 2.96 8.41
C ASP D 189 17.27 2.32 8.76
N ASN D 190 16.46 1.98 7.76
CA ASN D 190 15.13 1.42 7.99
C ASN D 190 15.09 -0.09 7.85
N LEU D 191 16.19 -0.73 7.46
CA LEU D 191 16.19 -2.18 7.30
C LEU D 191 16.14 -2.90 8.64
N SER D 192 16.74 -2.32 9.68
CA SER D 192 16.76 -2.91 11.00
C SER D 192 17.22 -1.85 11.98
N LYS D 193 17.14 -2.19 13.28
CA LYS D 193 17.67 -1.34 14.33
C LYS D 193 18.81 -2.02 15.08
N ASP D 194 19.29 -3.15 14.59
CA ASP D 194 20.47 -3.83 15.11
C ASP D 194 20.91 -4.82 14.04
N SER D 195 21.74 -5.78 14.41
CA SER D 195 22.06 -6.86 13.48
C SER D 195 20.81 -7.70 13.21
N LEU D 196 20.79 -8.34 12.04
CA LEU D 196 19.59 -9.03 11.58
C LEU D 196 19.30 -10.26 12.43
N VAL D 197 18.03 -10.42 12.79
CA VAL D 197 17.53 -11.64 13.42
C VAL D 197 16.07 -11.80 13.01
N ASP D 198 15.70 -13.00 12.54
CA ASP D 198 14.31 -13.25 12.18
C ASP D 198 13.40 -13.26 13.41
N LEU D 199 13.97 -13.46 14.60
CA LEU D 199 13.20 -13.34 15.84
C LEU D 199 12.41 -12.04 15.90
N VAL D 200 12.94 -10.96 15.33
CA VAL D 200 12.46 -9.61 15.59
C VAL D 200 11.62 -9.16 14.39
N PRO D 201 10.34 -8.83 14.58
CA PRO D 201 9.57 -8.22 13.49
C PRO D 201 9.97 -6.77 13.26
N TRP D 202 11.02 -6.56 12.46
CA TRP D 202 11.65 -5.24 12.38
C TRP D 202 10.67 -4.16 11.92
N LEU D 203 9.76 -4.50 11.01
CA LEU D 203 8.85 -3.51 10.47
C LEU D 203 7.61 -3.27 11.33
N LYS D 204 7.45 -4.01 12.43
CA LYS D 204 6.21 -3.97 13.21
C LYS D 204 6.41 -3.61 14.68
N ILE D 205 7.65 -3.40 15.15
CA ILE D 205 7.84 -3.27 16.59
C ILE D 205 7.49 -1.87 17.09
N PHE D 206 7.57 -0.85 16.25
CA PHE D 206 7.32 0.52 16.68
C PHE D 206 6.33 1.21 15.74
N PRO D 207 5.65 2.25 16.23
CA PRO D 207 4.81 3.10 15.36
C PRO D 207 5.62 4.24 14.74
N ASN D 208 6.45 3.90 13.75
CA ASN D 208 7.42 4.85 13.23
C ASN D 208 7.54 4.83 11.70
N LYS D 209 6.58 4.25 10.99
CA LYS D 209 6.57 4.26 9.53
C LYS D 209 7.86 3.66 8.95
N THR D 210 8.44 2.68 9.63
CA THR D 210 9.63 2.01 9.12
C THR D 210 9.37 1.41 7.75
N LEU D 211 8.24 0.69 7.60
CA LEU D 211 7.92 0.04 6.34
C LEU D 211 7.81 1.06 5.22
N GLU D 212 7.02 2.11 5.42
CA GLU D 212 6.82 3.10 4.36
C GLU D 212 8.14 3.70 3.91
N LYS D 213 8.99 4.09 4.86
CA LYS D 213 10.26 4.71 4.51
C LYS D 213 11.16 3.75 3.73
N LEU D 214 11.29 2.51 4.22
CA LEU D 214 12.12 1.54 3.54
C LEU D 214 11.68 1.37 2.09
N LYS D 215 10.38 1.22 1.86
CA LYS D 215 9.88 1.02 0.50
C LYS D 215 10.21 2.21 -0.40
N SER D 216 10.08 3.43 0.12
CA SER D 216 10.30 4.61 -0.71
C SER D 216 11.74 4.69 -1.21
N HIS D 217 12.71 4.30 -0.37
CA HIS D 217 14.10 4.32 -0.80
C HIS D 217 14.39 3.20 -1.79
N VAL D 218 13.82 2.02 -1.56
CA VAL D 218 14.00 0.91 -2.50
C VAL D 218 13.38 1.25 -3.85
N LYS D 219 12.32 2.06 -3.85
CA LYS D 219 11.71 2.48 -5.11
C LYS D 219 12.69 3.27 -5.95
N ILE D 220 13.30 4.29 -5.37
CA ILE D 220 14.31 5.09 -6.08
C ILE D 220 15.39 4.19 -6.65
N ARG D 221 15.96 3.33 -5.80
CA ARG D 221 17.07 2.48 -6.20
C ARG D 221 16.67 1.53 -7.31
N ASN D 222 15.52 0.88 -7.18
CA ASN D 222 15.09 -0.08 -8.19
C ASN D 222 14.78 0.60 -9.52
N ASP D 223 14.29 1.83 -9.48
CA ASP D 223 14.01 2.54 -10.73
C ASP D 223 15.30 2.91 -11.45
N LEU D 224 16.33 3.32 -10.71
CA LEU D 224 17.62 3.63 -11.33
C LEU D 224 18.22 2.37 -11.97
N LEU D 225 18.18 1.25 -11.26
CA LEU D 225 18.69 0.00 -11.82
C LEU D 225 17.98 -0.34 -13.11
N ASN D 226 16.64 -0.24 -13.11
CA ASN D 226 15.90 -0.47 -14.36
C ASN D 226 16.36 0.50 -15.44
N LYS D 227 16.53 1.77 -15.09
CA LYS D 227 16.98 2.75 -16.07
C LYS D 227 18.31 2.35 -16.68
N ILE D 228 19.25 1.86 -15.87
CA ILE D 228 20.55 1.45 -16.39
C ILE D 228 20.39 0.27 -17.32
N LEU D 229 19.66 -0.76 -16.90
CA LEU D 229 19.54 -1.97 -17.71
C LEU D 229 18.90 -1.67 -19.07
N GLU D 230 17.85 -0.85 -19.08
CA GLU D 230 17.23 -0.49 -20.35
C GLU D 230 18.20 0.26 -21.24
N ASN D 231 18.90 1.26 -20.69
CA ASN D 231 19.93 1.97 -21.44
C ASN D 231 21.10 1.08 -21.82
N TYR D 232 21.21 -0.11 -21.24
CA TYR D 232 22.33 -1.00 -21.50
C TYR D 232 21.99 -2.13 -22.46
N LYS D 233 20.70 -2.47 -22.61
CA LYS D 233 20.32 -3.49 -23.58
C LYS D 233 20.76 -3.14 -25.00
N GLU D 234 21.08 -1.88 -25.26
CA GLU D 234 21.60 -1.46 -26.56
C GLU D 234 23.12 -1.60 -26.64
N LYS D 235 23.83 -1.15 -25.61
CA LYS D 235 25.29 -1.18 -25.63
C LYS D 235 25.86 -2.59 -25.62
N PHE D 236 25.11 -3.58 -25.13
CA PHE D 236 25.68 -4.90 -24.90
C PHE D 236 26.04 -5.59 -26.20
N ARG D 237 27.20 -6.25 -26.22
CA ARG D 237 27.65 -7.04 -27.34
C ARG D 237 28.31 -8.31 -26.81
N SER D 238 27.99 -9.45 -27.44
CA SER D 238 28.46 -10.74 -26.96
C SER D 238 29.96 -10.92 -27.16
N ASP D 239 30.58 -10.11 -28.01
CA ASP D 239 32.00 -10.22 -28.30
C ASP D 239 32.87 -9.40 -27.36
N SER D 240 32.28 -8.78 -26.32
CA SER D 240 33.05 -7.95 -25.40
C SER D 240 32.43 -8.08 -24.00
N ILE D 241 32.76 -9.19 -23.35
CA ILE D 241 32.32 -9.44 -21.98
C ILE D 241 33.41 -8.91 -21.05
N THR D 242 33.14 -7.78 -20.40
CA THR D 242 34.15 -7.05 -19.65
C THR D 242 33.73 -6.66 -18.25
N ASN D 243 32.43 -6.71 -17.92
CA ASN D 243 31.93 -6.32 -16.62
C ASN D 243 30.91 -7.34 -16.14
N MET D 244 30.37 -7.12 -14.94
CA MET D 244 29.49 -8.11 -14.34
C MET D 244 28.15 -8.20 -15.07
N LEU D 245 27.59 -7.05 -15.47
CA LEU D 245 26.33 -7.08 -16.20
C LEU D 245 26.49 -7.77 -17.54
N ASP D 246 27.70 -7.75 -18.12
CA ASP D 246 27.95 -8.48 -19.36
C ASP D 246 27.90 -9.98 -19.13
N THR D 247 28.62 -10.48 -18.11
CA THR D 247 28.66 -11.92 -17.87
C THR D 247 27.28 -12.45 -17.52
N LEU D 248 26.43 -11.62 -16.91
CA LEU D 248 25.08 -12.04 -16.59
C LEU D 248 24.21 -12.13 -17.84
N MET D 249 24.30 -11.14 -18.73
CA MET D 249 23.50 -11.15 -19.94
C MET D 249 23.92 -12.29 -20.87
N GLN D 250 25.23 -12.48 -21.05
CA GLN D 250 25.71 -13.60 -21.85
C GLN D 250 25.20 -14.93 -21.28
N ALA D 251 25.10 -15.02 -19.95
CA ALA D 251 24.63 -16.25 -19.33
C ALA D 251 23.19 -16.53 -19.71
N LYS D 252 22.36 -15.49 -19.79
CA LYS D 252 20.99 -15.69 -20.25
C LYS D 252 20.95 -16.03 -21.74
N MET D 253 21.82 -15.41 -22.53
CA MET D 253 21.89 -15.73 -23.95
C MET D 253 22.28 -17.18 -24.17
N ASN D 254 23.36 -17.62 -23.50
CA ASN D 254 23.79 -19.01 -23.61
C ASN D 254 22.77 -19.97 -23.02
N SER D 255 21.94 -19.51 -22.08
CA SER D 255 20.87 -20.35 -21.56
C SER D 255 19.73 -20.50 -22.56
N ASP D 256 19.58 -19.55 -23.48
CA ASP D 256 18.53 -19.63 -24.49
C ASP D 256 18.88 -20.61 -25.60
N ASN D 257 20.15 -20.91 -25.81
CA ASN D 257 20.57 -21.87 -26.82
C ASN D 257 19.84 -23.21 -26.63
N GLN D 264 21.33 -23.76 -15.04
CA GLN D 264 21.44 -22.35 -15.37
C GLN D 264 20.35 -21.94 -16.37
N ASP D 265 19.11 -22.29 -16.06
CA ASP D 265 18.01 -22.06 -16.98
C ASP D 265 17.74 -20.57 -17.15
N SER D 266 16.99 -20.23 -18.20
CA SER D 266 16.49 -18.87 -18.38
C SER D 266 15.53 -18.47 -17.27
N GLU D 267 14.89 -19.45 -16.62
CA GLU D 267 14.02 -19.18 -15.49
C GLU D 267 14.72 -18.29 -14.47
N LEU D 268 16.02 -18.47 -14.30
CA LEU D 268 16.77 -17.87 -13.20
C LEU D 268 17.52 -16.60 -13.59
N LEU D 269 17.40 -16.16 -14.84
CA LEU D 269 18.15 -15.00 -15.33
C LEU D 269 17.22 -13.91 -15.86
N SER D 270 15.99 -13.86 -15.35
CA SER D 270 15.08 -12.78 -15.70
C SER D 270 15.72 -11.43 -15.38
N ASP D 271 15.09 -10.36 -15.86
CA ASP D 271 15.63 -9.03 -15.63
C ASP D 271 15.69 -8.71 -14.14
N ASN D 272 14.68 -9.10 -13.37
CA ASN D 272 14.67 -8.79 -11.95
C ASN D 272 15.76 -9.55 -11.21
N HIS D 273 15.99 -10.81 -11.57
CA HIS D 273 17.09 -11.57 -10.95
C HIS D 273 18.42 -10.88 -11.21
N ILE D 274 18.76 -10.67 -12.48
CA ILE D 274 20.01 -10.00 -12.85
C ILE D 274 20.18 -8.70 -12.07
N LEU D 275 19.09 -7.94 -11.94
CA LEU D 275 19.20 -6.61 -11.34
C LEU D 275 19.43 -6.69 -9.84
N THR D 276 18.73 -7.60 -9.15
CA THR D 276 18.93 -7.74 -7.71
C THR D 276 20.34 -8.22 -7.40
N THR D 277 20.93 -9.05 -8.28
CA THR D 277 22.31 -9.47 -8.10
C THR D 277 23.26 -8.28 -8.26
N ILE D 278 23.04 -7.46 -9.29
CA ILE D 278 23.83 -6.25 -9.47
C ILE D 278 23.69 -5.35 -8.25
N GLY D 279 22.47 -5.22 -7.73
CA GLY D 279 22.25 -4.36 -6.57
C GLY D 279 23.01 -4.82 -5.34
N ASP D 280 23.10 -6.14 -5.14
CA ASP D 280 23.86 -6.67 -4.02
C ASP D 280 25.33 -6.30 -4.13
N ILE D 281 25.97 -6.69 -5.23
CA ILE D 281 27.38 -6.40 -5.45
C ILE D 281 27.64 -4.91 -5.31
N PHE D 282 26.80 -4.09 -5.96
CA PHE D 282 27.02 -2.65 -5.93
C PHE D 282 26.82 -2.09 -4.53
N GLY D 283 25.75 -2.51 -3.84
CA GLY D 283 25.48 -1.97 -2.53
C GLY D 283 26.55 -2.32 -1.51
N ALA D 284 26.99 -3.58 -1.51
CA ALA D 284 27.99 -4.01 -0.53
C ALA D 284 29.38 -3.50 -0.88
N GLY D 285 29.71 -3.43 -2.17
CA GLY D 285 31.00 -2.92 -2.58
C GLY D 285 31.26 -1.50 -2.13
N VAL D 286 30.21 -0.74 -1.87
CA VAL D 286 30.33 0.66 -1.47
C VAL D 286 30.26 0.81 0.05
N GLU D 287 29.23 0.24 0.68
CA GLU D 287 28.94 0.53 2.07
C GLU D 287 29.84 -0.21 3.05
N THR D 288 30.41 -1.35 2.66
CA THR D 288 31.27 -2.10 3.58
C THR D 288 32.67 -1.48 3.64
N THR D 289 33.33 -1.34 2.50
CA THR D 289 34.69 -0.81 2.49
C THR D 289 34.74 0.61 3.03
N THR D 290 33.74 1.43 2.68
CA THR D 290 33.69 2.79 3.22
C THR D 290 33.67 2.77 4.74
N SER D 291 32.78 1.94 5.31
CA SER D 291 32.68 1.87 6.76
C SER D 291 34.00 1.45 7.39
N VAL D 292 34.70 0.50 6.79
CA VAL D 292 35.96 0.02 7.36
C VAL D 292 37.01 1.13 7.35
N VAL D 293 37.03 1.95 6.30
CA VAL D 293 37.98 3.05 6.23
C VAL D 293 37.72 4.04 7.36
N LYS D 294 36.47 4.47 7.50
CA LYS D 294 36.13 5.39 8.58
C LYS D 294 36.47 4.80 9.94
N TRP D 295 36.43 3.47 10.06
CA TRP D 295 36.81 2.82 11.31
C TRP D 295 38.32 2.89 11.52
N THR D 296 39.09 2.52 10.48
CA THR D 296 40.54 2.56 10.60
C THR D 296 41.03 3.93 11.03
N LEU D 297 40.58 4.98 10.32
CA LEU D 297 40.99 6.34 10.65
C LEU D 297 40.54 6.72 12.06
N ALA D 298 39.37 6.25 12.48
CA ALA D 298 38.89 6.55 13.82
C ALA D 298 39.84 6.01 14.87
N PHE D 299 40.29 4.76 14.71
CA PHE D 299 41.22 4.17 15.67
C PHE D 299 42.58 4.86 15.61
N LEU D 300 43.06 5.20 14.42
CA LEU D 300 44.33 5.91 14.31
C LEU D 300 44.26 7.27 14.99
N LEU D 301 43.09 7.93 14.94
CA LEU D 301 42.90 9.16 15.69
C LEU D 301 43.01 8.91 17.19
N HIS D 302 42.61 7.72 17.66
CA HIS D 302 42.69 7.38 19.07
C HIS D 302 44.03 6.76 19.46
N ASN D 303 44.89 6.47 18.51
CA ASN D 303 46.14 5.74 18.76
C ASN D 303 47.27 6.40 17.98
N PRO D 304 47.78 7.53 18.46
CA PRO D 304 48.82 8.25 17.71
C PRO D 304 50.12 7.47 17.57
N GLN D 305 50.53 6.72 18.60
CA GLN D 305 51.75 5.92 18.49
C GLN D 305 51.71 5.02 17.26
N VAL D 306 50.55 4.42 16.99
CA VAL D 306 50.43 3.55 15.82
C VAL D 306 50.44 4.38 14.54
N LYS D 307 49.69 5.48 14.53
CA LYS D 307 49.71 6.38 13.38
C LYS D 307 51.14 6.80 13.05
N LYS D 308 51.90 7.18 14.07
CA LYS D 308 53.29 7.58 13.87
C LYS D 308 54.10 6.46 13.21
N LYS D 309 54.01 5.25 13.76
CA LYS D 309 54.77 4.12 13.22
C LYS D 309 54.33 3.75 11.81
N LEU D 310 53.10 4.07 11.42
CA LEU D 310 52.66 3.80 10.05
C LEU D 310 53.26 4.80 9.07
N TYR D 311 53.33 6.07 9.46
CA TYR D 311 54.08 7.04 8.67
C TYR D 311 55.54 6.61 8.53
N GLU D 312 56.14 6.18 9.63
CA GLU D 312 57.51 5.65 9.57
C GLU D 312 57.60 4.48 8.61
N GLU D 313 56.72 3.49 8.78
CA GLU D 313 56.82 2.25 8.01
C GLU D 313 56.74 2.52 6.51
N ILE D 314 55.87 3.43 6.10
CA ILE D 314 55.70 3.67 4.66
C ILE D 314 56.78 4.62 4.13
N ASP D 315 57.31 5.50 4.97
CA ASP D 315 58.41 6.36 4.53
C ASP D 315 59.64 5.55 4.16
N GLN D 316 59.88 4.44 4.85
CA GLN D 316 61.11 3.69 4.70
C GLN D 316 61.04 2.59 3.64
N ASN D 317 59.83 2.12 3.29
CA ASN D 317 59.67 1.01 2.36
C ASN D 317 59.04 1.41 1.04
N VAL D 318 58.41 2.58 0.96
CA VAL D 318 57.85 3.09 -0.28
C VAL D 318 58.59 4.35 -0.73
N GLY D 319 58.83 5.27 0.19
CA GLY D 319 59.38 6.55 -0.18
C GLY D 319 58.35 7.36 -0.95
N PHE D 320 58.85 8.44 -1.57
CA PHE D 320 57.99 9.38 -2.29
C PHE D 320 58.32 9.40 -3.78
N SER D 321 59.00 8.38 -4.29
CA SER D 321 59.29 8.30 -5.71
C SER D 321 58.07 7.83 -6.50
N ARG D 322 57.42 6.78 -6.03
CA ARG D 322 56.24 6.22 -6.68
C ARG D 322 55.07 6.16 -5.71
N THR D 323 53.89 5.89 -6.25
CA THR D 323 52.72 5.67 -5.41
C THR D 323 52.68 4.22 -4.95
N PRO D 324 52.06 3.94 -3.80
CA PRO D 324 52.03 2.56 -3.30
C PRO D 324 51.29 1.64 -4.25
N THR D 325 51.76 0.39 -4.31
CA THR D 325 51.16 -0.65 -5.12
C THR D 325 50.76 -1.82 -4.22
N ILE D 326 50.04 -2.78 -4.81
CA ILE D 326 49.57 -3.93 -4.04
C ILE D 326 50.75 -4.81 -3.62
N SER D 327 51.81 -4.87 -4.43
CA SER D 327 52.98 -5.65 -4.05
C SER D 327 53.65 -5.13 -2.78
N ASP D 328 53.27 -3.93 -2.32
CA ASP D 328 53.88 -3.34 -1.13
C ASP D 328 53.33 -3.91 0.16
N ARG D 329 52.25 -4.68 0.12
CA ARG D 329 51.75 -5.33 1.33
C ARG D 329 52.71 -6.40 1.84
N ASN D 330 53.73 -6.74 1.06
CA ASN D 330 54.82 -7.59 1.54
C ASN D 330 55.88 -6.80 2.30
N ARG D 331 55.68 -5.49 2.49
CA ARG D 331 56.61 -4.63 3.21
C ARG D 331 55.91 -3.72 4.21
N LEU D 332 54.70 -3.26 3.91
CA LEU D 332 53.93 -2.41 4.82
C LEU D 332 53.13 -3.27 5.80
N LEU D 333 53.84 -4.10 6.54
CA LEU D 333 53.19 -5.12 7.35
C LEU D 333 52.37 -4.51 8.48
N LEU D 334 52.87 -3.45 9.11
CA LEU D 334 52.11 -2.83 10.20
C LEU D 334 50.79 -2.27 9.70
N LEU D 335 50.72 -1.88 8.43
CA LEU D 335 49.44 -1.47 7.86
C LEU D 335 48.54 -2.68 7.62
N GLU D 336 49.10 -3.72 7.00
CA GLU D 336 48.35 -4.95 6.80
C GLU D 336 47.88 -5.54 8.12
N ALA D 337 48.59 -5.26 9.21
CA ALA D 337 48.19 -5.72 10.53
C ALA D 337 47.22 -4.78 11.22
N THR D 338 47.27 -3.48 10.87
CA THR D 338 46.29 -2.54 11.41
C THR D 338 44.91 -2.81 10.83
N ILE D 339 44.85 -3.15 9.54
CA ILE D 339 43.57 -3.49 8.92
C ILE D 339 42.96 -4.72 9.58
N ARG D 340 43.78 -5.74 9.82
CA ARG D 340 43.28 -6.95 10.46
C ARG D 340 42.72 -6.67 11.85
N GLU D 341 43.36 -5.74 12.58
CA GLU D 341 42.91 -5.45 13.94
C GLU D 341 41.61 -4.65 13.93
N VAL D 342 41.37 -3.87 12.88
CA VAL D 342 40.09 -3.16 12.77
C VAL D 342 38.97 -4.13 12.44
N LEU D 343 39.27 -5.14 11.63
CA LEU D 343 38.26 -6.15 11.28
C LEU D 343 37.98 -7.10 12.44
N ARG D 344 38.91 -7.23 13.38
CA ARG D 344 38.64 -8.02 14.59
C ARG D 344 37.76 -7.24 15.56
N LEU D 345 38.12 -5.98 15.81
CA LEU D 345 37.45 -5.20 16.86
C LEU D 345 36.06 -4.76 16.43
N ARG D 346 35.91 -4.34 15.18
CA ARG D 346 34.65 -3.83 14.65
C ARG D 346 34.34 -4.55 13.36
N PRO D 347 34.01 -5.84 13.43
CA PRO D 347 33.67 -6.58 12.21
C PRO D 347 32.52 -5.91 11.47
N VAL D 348 32.65 -5.85 10.15
CA VAL D 348 31.60 -5.29 9.31
C VAL D 348 30.26 -5.93 9.65
N ALA D 349 30.26 -7.24 9.89
CA ALA D 349 29.05 -7.99 10.22
C ALA D 349 29.29 -8.73 11.52
N PRO D 350 29.12 -8.05 12.67
CA PRO D 350 29.43 -8.69 13.96
C PRO D 350 28.57 -9.91 14.26
N MET D 351 27.51 -10.15 13.50
CA MET D 351 26.72 -11.37 13.61
C MET D 351 26.46 -11.97 12.24
N LEU D 352 27.39 -11.77 11.32
CA LEU D 352 27.32 -12.26 9.94
C LEU D 352 25.95 -11.88 9.37
N ILE D 353 25.46 -12.69 8.44
CA ILE D 353 24.07 -12.69 8.00
C ILE D 353 23.48 -13.99 8.52
N PRO D 354 22.22 -14.01 8.97
CA PRO D 354 21.68 -15.24 9.57
C PRO D 354 21.73 -16.42 8.59
N HIS D 355 22.01 -17.60 9.16
CA HIS D 355 21.96 -18.85 8.41
C HIS D 355 20.69 -19.61 8.78
N LYS D 356 20.42 -20.67 8.01
CA LYS D 356 19.27 -21.51 8.23
C LYS D 356 19.63 -22.96 7.94
N ALA D 357 19.17 -23.86 8.80
CA ALA D 357 19.40 -25.29 8.61
C ALA D 357 18.52 -25.79 7.47
N ASN D 358 19.16 -26.23 6.38
CA ASN D 358 18.44 -26.78 5.23
C ASN D 358 17.99 -28.21 5.45
N VAL D 359 18.52 -28.89 6.48
CA VAL D 359 18.14 -30.26 6.81
C VAL D 359 18.29 -30.43 8.30
N ASP D 360 17.63 -31.45 8.84
CA ASP D 360 17.90 -31.85 10.21
C ASP D 360 19.38 -32.17 10.35
N SER D 361 20.04 -31.54 11.31
CA SER D 361 21.50 -31.64 11.42
C SER D 361 21.86 -31.57 12.90
N SER D 362 23.10 -31.19 13.19
CA SER D 362 23.58 -31.16 14.57
C SER D 362 24.76 -30.22 14.67
N ILE D 363 24.80 -29.46 15.77
CA ILE D 363 25.96 -28.62 16.09
C ILE D 363 26.63 -29.19 17.33
N GLY D 364 27.61 -30.07 17.12
CA GLY D 364 28.40 -30.59 18.21
C GLY D 364 27.60 -31.21 19.34
N GLU D 365 26.79 -32.22 19.02
CA GLU D 365 26.03 -33.08 19.94
C GLU D 365 24.65 -32.51 20.26
N PHE D 366 24.32 -31.29 19.84
CA PHE D 366 22.97 -30.76 19.96
C PHE D 366 22.26 -30.87 18.63
N ALA D 367 20.99 -31.25 18.66
CA ALA D 367 20.19 -31.38 17.45
C ALA D 367 19.70 -30.01 16.99
N VAL D 368 19.53 -29.87 15.68
CA VAL D 368 19.05 -28.64 15.07
C VAL D 368 18.03 -29.01 14.01
N ASP D 369 16.78 -28.60 14.21
CA ASP D 369 15.71 -28.95 13.30
C ASP D 369 15.83 -28.19 11.99
N LYS D 370 15.33 -28.79 10.91
CA LYS D 370 15.28 -28.11 9.63
C LYS D 370 14.51 -26.81 9.76
N GLY D 371 14.99 -25.78 9.08
CA GLY D 371 14.36 -24.48 9.13
C GLY D 371 14.74 -23.65 10.34
N THR D 372 15.75 -24.05 11.10
CA THR D 372 16.17 -23.33 12.29
C THR D 372 17.12 -22.20 11.92
N GLU D 373 16.84 -21.00 12.41
CA GLU D 373 17.74 -19.88 12.21
C GLU D 373 18.99 -20.05 13.06
N VAL D 374 20.15 -20.10 12.41
CA VAL D 374 21.44 -20.21 13.09
C VAL D 374 22.18 -18.90 12.87
N ILE D 375 22.73 -18.36 13.96
CA ILE D 375 23.40 -17.06 13.94
C ILE D 375 24.76 -17.21 14.59
N ILE D 376 25.80 -16.86 13.87
CA ILE D 376 27.16 -16.87 14.39
C ILE D 376 27.45 -15.51 15.01
N ASN D 377 27.78 -15.49 16.29
CA ASN D 377 28.16 -14.25 16.98
C ASN D 377 29.65 -14.04 16.74
N LEU D 378 29.97 -13.42 15.59
CA LEU D 378 31.36 -13.15 15.27
C LEU D 378 32.00 -12.24 16.32
N TRP D 379 31.24 -11.31 16.87
CA TRP D 379 31.75 -10.45 17.92
C TRP D 379 32.27 -11.27 19.09
N ALA D 380 31.59 -12.37 19.43
CA ALA D 380 32.01 -13.20 20.55
C ALA D 380 33.32 -13.93 20.23
N LEU D 381 33.50 -14.34 18.97
CA LEU D 381 34.73 -15.02 18.59
C LEU D 381 35.92 -14.07 18.64
N HIS D 382 35.71 -12.80 18.26
CA HIS D 382 36.79 -11.82 18.22
C HIS D 382 37.10 -11.22 19.59
N HIS D 383 36.23 -11.42 20.58
CA HIS D 383 36.48 -10.92 21.93
C HIS D 383 36.59 -12.06 22.94
N ASN D 384 36.73 -13.29 22.48
CA ASN D 384 36.97 -14.44 23.37
C ASN D 384 38.25 -14.19 24.17
N GLU D 385 38.11 -14.04 25.48
CA GLU D 385 39.26 -13.67 26.31
C GLU D 385 40.33 -14.76 26.32
N LYS D 386 39.93 -16.03 26.19
CA LYS D 386 40.91 -17.11 26.20
C LYS D 386 41.69 -17.19 24.90
N GLU D 387 41.05 -16.86 23.77
CA GLU D 387 41.71 -16.94 22.47
C GLU D 387 42.46 -15.66 22.11
N TRP D 388 42.23 -14.55 22.81
CA TRP D 388 42.87 -13.29 22.48
C TRP D 388 43.40 -12.64 23.76
N HIS D 389 44.52 -11.93 23.62
CA HIS D 389 45.12 -11.20 24.73
C HIS D 389 44.61 -9.77 24.73
N GLN D 390 43.89 -9.40 25.79
CA GLN D 390 43.28 -8.08 25.91
C GLN D 390 42.45 -7.75 24.66
N PRO D 391 41.44 -8.57 24.35
CA PRO D 391 40.64 -8.31 23.15
C PRO D 391 39.97 -6.95 23.15
N ASP D 392 39.77 -6.34 24.31
CA ASP D 392 39.18 -5.01 24.39
C ASP D 392 40.08 -3.94 23.78
N GLN D 393 41.38 -4.19 23.68
CA GLN D 393 42.33 -3.16 23.27
C GLN D 393 42.65 -3.25 21.78
N PHE D 394 43.05 -2.11 21.22
CA PHE D 394 43.45 -2.02 19.82
C PHE D 394 44.95 -2.21 19.73
N MET D 395 45.38 -3.36 19.22
CA MET D 395 46.79 -3.74 19.20
C MET D 395 47.09 -4.41 17.87
N PRO D 396 47.43 -3.65 16.84
CA PRO D 396 47.88 -4.27 15.60
C PRO D 396 49.11 -5.16 15.79
N GLU D 397 49.85 -4.95 16.88
CA GLU D 397 51.05 -5.74 17.14
C GLU D 397 50.71 -7.22 17.21
N ARG D 398 49.57 -7.56 17.79
CA ARG D 398 48.97 -8.89 17.74
C ARG D 398 49.40 -9.68 16.51
N PHE D 399 49.07 -9.15 15.33
CA PHE D 399 49.20 -9.86 14.07
C PHE D 399 50.63 -9.91 13.55
N LEU D 400 51.60 -9.48 14.34
CA LEU D 400 53.01 -9.52 13.96
C LEU D 400 53.79 -10.35 14.98
N ASN D 401 54.85 -10.99 14.50
CA ASN D 401 55.79 -11.61 15.40
C ASN D 401 56.49 -10.53 16.23
N PRO D 402 57.07 -10.90 17.37
CA PRO D 402 57.73 -9.88 18.19
C PRO D 402 58.79 -9.08 17.45
N ALA D 403 59.48 -9.68 16.48
CA ALA D 403 60.42 -8.93 15.66
C ALA D 403 59.71 -7.90 14.79
N GLY D 404 58.40 -8.01 14.61
CA GLY D 404 57.68 -7.11 13.75
C GLY D 404 58.01 -7.25 12.29
N THR D 405 58.41 -8.45 11.85
CA THR D 405 58.90 -8.68 10.50
C THR D 405 58.07 -9.68 9.72
N GLN D 406 57.08 -10.33 10.33
CA GLN D 406 56.24 -11.28 9.61
C GLN D 406 54.84 -11.25 10.18
N LEU D 407 53.86 -11.28 9.29
CA LEU D 407 52.46 -11.37 9.71
C LEU D 407 52.16 -12.74 10.27
N ILE D 408 51.41 -12.78 11.37
CA ILE D 408 51.09 -14.03 12.05
C ILE D 408 49.59 -14.11 12.28
N SER D 409 49.09 -15.33 12.39
CA SER D 409 47.71 -15.58 12.77
C SER D 409 47.68 -15.93 14.25
N PRO D 410 47.37 -14.98 15.14
CA PRO D 410 47.52 -15.23 16.58
C PRO D 410 46.40 -16.00 17.22
N SER D 411 45.40 -16.46 16.46
CA SER D 411 44.25 -17.11 17.06
C SER D 411 43.45 -17.84 16.00
N VAL D 412 42.90 -19.00 16.37
CA VAL D 412 41.98 -19.72 15.49
C VAL D 412 40.61 -19.07 15.42
N SER D 413 40.34 -18.06 16.25
CA SER D 413 39.01 -17.50 16.42
C SER D 413 38.89 -16.16 15.68
N TYR D 414 39.08 -16.22 14.36
CA TYR D 414 39.15 -15.02 13.53
C TYR D 414 38.52 -15.33 12.19
N LEU D 415 37.40 -14.68 11.89
CA LEU D 415 36.63 -14.94 10.68
C LEU D 415 35.91 -13.68 10.20
N PRO D 416 36.63 -12.59 9.93
CA PRO D 416 35.94 -11.36 9.52
C PRO D 416 35.16 -11.52 8.22
N PHE D 417 35.60 -12.39 7.32
CA PHE D 417 34.90 -12.63 6.06
C PHE D 417 34.12 -13.94 6.06
N GLY D 418 33.92 -14.55 7.22
CA GLY D 418 33.16 -15.78 7.28
C GLY D 418 33.96 -16.95 6.75
N ALA D 419 33.22 -17.98 6.33
CA ALA D 419 33.82 -19.20 5.83
C ALA D 419 32.74 -20.06 5.20
N GLY D 420 33.13 -20.89 4.24
CA GLY D 420 32.26 -21.89 3.70
C GLY D 420 31.39 -21.40 2.55
N PRO D 421 30.33 -22.16 2.25
CA PRO D 421 29.52 -21.87 1.06
C PRO D 421 29.06 -20.43 0.94
N ARG D 422 28.88 -19.72 2.06
CA ARG D 422 28.34 -18.37 2.04
C ARG D 422 29.36 -17.34 2.50
N SER D 423 30.64 -17.66 2.41
CA SER D 423 31.70 -16.71 2.71
C SER D 423 31.62 -15.52 1.76
N CYS D 424 32.32 -14.45 2.14
CA CYS D 424 32.32 -13.23 1.34
C CYS D 424 32.88 -13.49 -0.04
N ILE D 425 32.13 -13.10 -1.08
CA ILE D 425 32.64 -13.17 -2.45
C ILE D 425 33.42 -11.92 -2.83
N GLY D 426 33.37 -10.88 -2.01
CA GLY D 426 34.12 -9.67 -2.28
C GLY D 426 35.36 -9.50 -1.43
N GLU D 427 35.83 -10.58 -0.81
CA GLU D 427 36.97 -10.48 0.09
C GLU D 427 38.19 -9.89 -0.63
N ILE D 428 38.54 -10.45 -1.79
CA ILE D 428 39.73 -10.00 -2.50
C ILE D 428 39.62 -8.52 -2.84
N LEU D 429 38.47 -8.12 -3.40
CA LEU D 429 38.26 -6.71 -3.70
C LEU D 429 38.43 -5.84 -2.46
N ALA D 430 37.75 -6.21 -1.37
CA ALA D 430 37.78 -5.41 -0.16
C ALA D 430 39.22 -5.25 0.35
N ARG D 431 39.95 -6.35 0.45
CA ARG D 431 41.29 -6.28 1.03
C ARG D 431 42.20 -5.35 0.24
N GLN D 432 42.03 -5.31 -1.09
CA GLN D 432 42.90 -4.48 -1.92
C GLN D 432 42.53 -3.01 -1.80
N GLU D 433 41.23 -2.68 -1.78
CA GLU D 433 40.82 -1.29 -1.64
C GLU D 433 41.22 -0.73 -0.29
N LEU D 434 41.14 -1.53 0.77
CA LEU D 434 41.49 -1.05 2.10
C LEU D 434 42.97 -0.77 2.22
N PHE D 435 43.81 -1.66 1.67
CA PHE D 435 45.25 -1.47 1.77
C PHE D 435 45.71 -0.26 0.96
N LEU D 436 45.25 -0.15 -0.28
CA LEU D 436 45.71 0.93 -1.15
C LEU D 436 45.18 2.29 -0.68
N ILE D 437 43.91 2.34 -0.27
CA ILE D 437 43.37 3.60 0.23
C ILE D 437 44.17 4.08 1.44
N MET D 438 44.43 3.17 2.38
CA MET D 438 45.18 3.55 3.58
C MET D 438 46.63 3.86 3.25
N ALA D 439 47.23 3.18 2.26
CA ALA D 439 48.62 3.44 1.91
C ALA D 439 48.76 4.76 1.18
N TRP D 440 47.97 4.98 0.13
CA TRP D 440 48.01 6.25 -0.59
C TRP D 440 47.74 7.42 0.36
N LEU D 441 46.83 7.24 1.32
CA LEU D 441 46.47 8.34 2.21
C LEU D 441 47.61 8.68 3.17
N LEU D 442 48.27 7.65 3.72
CA LEU D 442 49.31 7.90 4.72
C LEU D 442 50.59 8.41 4.08
N GLN D 443 50.85 8.06 2.82
CA GLN D 443 51.99 8.62 2.11
C GLN D 443 51.83 10.11 1.85
N ARG D 444 50.59 10.63 1.86
CA ARG D 444 50.31 11.94 1.31
C ARG D 444 49.66 12.93 2.27
N PHE D 445 48.97 12.45 3.31
CA PHE D 445 48.15 13.33 4.14
C PHE D 445 48.45 13.14 5.62
N ASP D 446 48.50 14.25 6.35
CA ASP D 446 48.41 14.21 7.80
C ASP D 446 46.95 14.10 8.21
N LEU D 447 46.66 13.21 9.16
CA LEU D 447 45.30 12.93 9.60
C LEU D 447 45.27 13.14 11.11
N GLU D 448 44.92 14.34 11.52
CA GLU D 448 45.01 14.76 12.92
C GLU D 448 43.62 15.01 13.50
N VAL D 449 43.58 15.09 14.83
CA VAL D 449 42.34 15.46 15.51
C VAL D 449 41.92 16.84 15.04
N PRO D 450 40.64 17.10 14.76
CA PRO D 450 40.24 18.44 14.35
C PRO D 450 40.54 19.46 15.44
N ASP D 451 40.68 20.72 15.02
CA ASP D 451 41.11 21.77 15.96
C ASP D 451 40.18 21.86 17.16
N ASP D 452 38.89 21.55 16.98
CA ASP D 452 38.01 21.28 18.12
C ASP D 452 38.31 19.85 18.56
N GLY D 453 39.15 19.71 19.59
CA GLY D 453 39.73 18.42 19.93
C GLY D 453 38.75 17.37 20.40
N GLN D 454 37.75 17.06 19.59
CA GLN D 454 36.79 16.00 19.90
C GLN D 454 37.15 14.76 19.09
N LEU D 455 37.44 13.66 19.78
CA LEU D 455 37.74 12.41 19.11
C LEU D 455 36.46 11.74 18.64
N PRO D 456 36.56 10.86 17.64
CA PRO D 456 35.37 10.12 17.20
C PRO D 456 34.95 9.05 18.21
N SER D 457 33.65 8.88 18.35
CA SER D 457 33.10 7.85 19.22
C SER D 457 33.24 6.50 18.54
N LEU D 458 33.74 5.51 19.29
CA LEU D 458 33.93 4.16 18.77
C LEU D 458 32.84 3.20 19.23
N GLU D 459 31.74 3.72 19.80
CA GLU D 459 30.67 2.85 20.26
C GLU D 459 30.07 2.07 19.10
N GLY D 460 29.73 2.76 18.02
CA GLY D 460 29.24 2.12 16.81
C GLY D 460 27.73 2.13 16.72
N ILE D 461 27.25 1.75 15.53
CA ILE D 461 25.83 1.70 15.23
C ILE D 461 25.54 0.40 14.49
N PRO D 462 25.03 -0.64 15.16
CA PRO D 462 24.81 -1.92 14.48
C PRO D 462 23.63 -1.84 13.52
N LYS D 463 23.90 -2.10 12.25
CA LYS D 463 22.87 -2.25 11.23
C LYS D 463 23.24 -3.52 10.45
N VAL D 464 22.73 -3.64 9.22
CA VAL D 464 23.24 -4.67 8.33
C VAL D 464 24.76 -4.53 8.17
N VAL D 465 25.29 -3.35 8.44
CA VAL D 465 26.73 -3.11 8.54
C VAL D 465 26.98 -2.39 9.85
N PHE D 466 28.08 -2.74 10.52
CA PHE D 466 28.45 -2.11 11.78
C PHE D 466 29.05 -0.75 11.45
N LEU D 467 28.28 0.31 11.68
CA LEU D 467 28.65 1.66 11.27
C LEU D 467 29.22 2.46 12.43
N ILE D 468 30.07 3.42 12.09
CA ILE D 468 30.63 4.36 13.07
C ILE D 468 29.85 5.67 12.97
N ASP D 469 29.75 6.38 14.08
CA ASP D 469 29.22 7.73 14.06
C ASP D 469 30.13 8.62 13.21
N SER D 470 29.51 9.46 12.38
CA SER D 470 30.29 10.35 11.53
C SER D 470 31.10 11.33 12.37
N PHE D 471 32.29 11.67 11.88
CA PHE D 471 33.25 12.47 12.62
C PHE D 471 34.03 13.33 11.65
N LYS D 472 34.99 14.08 12.17
CA LYS D 472 35.80 14.99 11.38
C LYS D 472 37.28 14.73 11.61
N VAL D 473 38.09 15.03 10.59
CA VAL D 473 39.54 14.88 10.65
C VAL D 473 40.16 16.14 10.06
N LYS D 474 41.12 16.72 10.79
CA LYS D 474 41.95 17.76 10.21
C LYS D 474 42.93 17.12 9.23
N ILE D 475 42.93 17.61 8.00
CA ILE D 475 43.68 16.99 6.90
C ILE D 475 44.66 18.00 6.36
N LYS D 476 45.90 17.55 6.15
CA LYS D 476 46.97 18.40 5.63
C LYS D 476 47.91 17.54 4.80
N VAL D 477 48.34 18.09 3.65
CA VAL D 477 49.37 17.43 2.87
C VAL D 477 50.66 17.44 3.68
N ARG D 478 51.25 16.27 3.85
CA ARG D 478 52.36 16.11 4.78
C ARG D 478 53.54 17.00 4.38
N GLN D 479 54.47 17.16 5.33
CA GLN D 479 55.73 17.83 5.05
C GLN D 479 56.56 17.02 4.06
N ALA D 480 56.71 15.72 4.32
CA ALA D 480 57.58 14.89 3.49
C ALA D 480 57.10 14.85 2.04
N TRP D 481 55.79 14.64 1.83
CA TRP D 481 55.25 14.65 0.48
C TRP D 481 55.47 15.99 -0.21
N ARG D 482 55.63 17.06 0.56
CA ARG D 482 55.94 18.36 -0.01
C ARG D 482 57.43 18.50 -0.31
N GLU D 483 58.27 18.24 0.70
CA GLU D 483 59.71 18.36 0.51
C GLU D 483 60.19 17.48 -0.63
N ALA D 484 59.59 16.30 -0.78
CA ALA D 484 59.88 15.43 -1.92
C ALA D 484 59.32 15.96 -3.22
N GLN D 485 58.84 17.20 -3.24
CA GLN D 485 58.31 17.84 -4.44
C GLN D 485 57.15 17.08 -5.04
N ALA D 486 56.45 16.30 -4.21
CA ALA D 486 55.15 15.74 -4.57
C ALA D 486 55.19 15.00 -5.90
N GLU D 487 55.60 13.74 -5.89
CA GLU D 487 55.69 12.95 -7.11
C GLU D 487 55.30 11.51 -6.83
N GLY D 488 54.95 10.80 -7.90
CA GLY D 488 54.57 9.40 -7.81
C GLY D 488 54.75 8.67 -9.13
CHA HEM E . -13.18 2.06 31.73
CHB HEM E . -15.79 0.14 28.14
CHC HEM E . -17.16 4.60 26.90
CHD HEM E . -14.74 6.52 30.65
C1A HEM E . -13.72 1.18 30.83
C2A HEM E . -13.43 -0.24 30.81
C3A HEM E . -14.15 -0.77 29.81
C4A HEM E . -14.92 0.29 29.20
CMA HEM E . -14.20 -2.24 29.35
CAA HEM E . -12.42 -0.88 31.79
CBA HEM E . -12.66 -2.35 32.11
CGA HEM E . -11.63 -2.72 33.15
O1A HEM E . -11.85 -3.69 33.93
O2A HEM E . -10.57 -2.03 33.21
C1B HEM E . -16.37 1.18 27.45
C2B HEM E . -17.16 1.09 26.25
C3B HEM E . -17.54 2.33 25.92
C4B HEM E . -16.99 3.24 26.90
CMB HEM E . -17.47 -0.25 25.54
CAB HEM E . -18.39 2.86 24.74
CBB HEM E . -19.14 2.08 23.96
C1C HEM E . -16.68 5.48 27.84
C2C HEM E . -17.05 6.87 27.92
C3C HEM E . -16.40 7.44 28.95
C4C HEM E . -15.58 6.40 29.56
CMC HEM E . -18.04 7.57 26.96
CAC HEM E . -16.56 8.93 29.33
CBC HEM E . -16.03 9.47 30.44
C1D HEM E . -14.06 5.47 31.24
C2D HEM E . -13.10 5.57 32.32
C3D HEM E . -12.67 4.34 32.62
C4D HEM E . -13.35 3.43 31.73
CMD HEM E . -12.66 6.88 33.01
CAD HEM E . -11.63 3.95 33.70
CBD HEM E . -12.31 3.16 34.82
CGD HEM E . -11.32 2.85 35.92
O1D HEM E . -11.74 2.73 37.11
O2D HEM E . -10.11 2.73 35.62
NA HEM E . -14.64 1.47 29.84
NB HEM E . -16.28 2.50 27.83
NC HEM E . -15.78 5.23 28.87
ND HEM E . -14.19 4.13 30.90
FE HEM E . -15.15 3.33 29.31
HHB HEM E . -16.01 -0.76 27.84
HHC HEM E . -17.66 4.98 26.16
HHD HEM E . -14.61 7.40 31.03
HMA HEM E . -13.30 -2.53 29.08
HMAA HEM E . -14.81 -2.33 28.60
HMAB HEM E . -14.51 -2.81 30.09
HAA HEM E . -12.46 -0.38 32.62
HAAA HEM E . -11.54 -0.79 31.40
HBA HEM E . -12.54 -2.89 31.32
HBAA HEM E . -13.55 -2.48 32.46
HMB HEM E . -16.66 -0.77 25.45
HMBA HEM E . -17.84 -0.07 24.66
HMBB HEM E . -18.12 -0.75 26.06
HAB HEM E . -18.40 3.81 24.56
HBB HEM E . -19.66 2.46 23.24
HBBA HEM E . -19.16 1.12 24.12
HMC HEM E . -18.12 8.50 27.20
HMCA HEM E . -18.91 7.14 27.03
HMCB HEM E . -17.71 7.49 26.05
HAC HEM E . -17.07 9.50 28.74
HBC HEM E . -16.17 10.42 30.62
HBCA HEM E . -15.52 8.92 31.05
HMD HEM E . -12.06 6.68 33.75
HMDA HEM E . -13.45 7.35 33.35
HMDB HEM E . -12.19 7.45 32.36
HAD HEM E . -11.23 4.75 34.07
HADA HEM E . -10.95 3.40 33.30
HBD HEM E . -12.66 2.33 34.46
HBDA HEM E . -13.04 3.69 35.19
HHA HEM E . -12.59 1.69 32.43
C1 3NQ F . -6.62 10.20 26.33
C3 3NQ F . -5.54 11.06 25.67
C4 3NQ F . -6.12 11.48 24.32
O6 3NQ F . -5.25 12.42 23.69
C8 3NQ F . -6.27 10.24 23.45
C9 3NQ F . -7.25 9.27 24.10
C10 3NQ F . -6.81 8.92 25.52
C11 3NQ F . -5.48 8.16 25.46
C12 3NQ F . -7.89 8.06 26.18
C13 3NQ F . -7.58 7.71 27.65
C15 3NQ F . -7.27 8.97 28.47
C16 3NQ F . -6.25 9.81 27.73
N17 3NQ F . -5.29 10.39 28.36
O18 3NQ F . -4.12 9.65 28.64
C20 3NQ F . -8.87 7.10 28.16
C22 3NQ F . -9.03 5.72 27.46
C23 3NQ F . -7.76 4.88 27.64
C24 3NQ F . -9.28 5.96 25.99
C25 3NQ F . -8.11 6.76 25.42
C26 3NQ F . -10.10 5.10 28.29
C27 3NQ F . -11.00 4.03 27.83
C28 3NQ F . -12.31 3.97 28.29
N29 3NQ F . -13.11 3.00 27.87
C30 3NQ F . -12.72 2.08 27.02
C31 3NQ F . -11.43 2.07 26.51
C32 3NQ F . -10.56 3.06 26.93
C33 3NQ F . -9.95 5.52 29.55
C34 3NQ F . -8.91 6.63 29.62
CHA HEM G . -4.77 28.10 -19.21
CHB HEM G . -0.68 27.68 -16.61
CHC HEM G . -3.20 29.25 -12.79
CHD HEM G . -6.99 30.37 -15.56
C1A HEM G . -3.48 27.79 -18.82
C2A HEM G . -2.52 27.11 -19.65
C3A HEM G . -1.38 26.98 -18.95
C4A HEM G . -1.59 27.58 -17.64
CMA HEM G . -0.07 26.31 -19.41
CAA HEM G . -2.87 26.63 -21.08
CBA HEM G . -1.76 26.80 -22.11
CGA HEM G . -2.36 26.41 -23.43
O1A HEM G . -1.77 26.74 -24.50
O2A HEM G . -3.45 25.77 -23.44
C1B HEM G . -1.00 28.04 -15.31
C2B HEM G . -0.14 28.02 -14.14
C3B HEM G . -0.85 28.44 -13.09
C4B HEM G . -2.17 28.76 -13.57
CMB HEM G . 1.33 27.54 -14.18
CAB HEM G . -0.45 28.63 -11.60
CBB HEM G . 0.81 28.68 -11.17
C1C HEM G . -4.39 29.77 -13.22
C2C HEM G . -5.28 30.58 -12.44
C3C HEM G . -6.35 30.91 -13.20
C4C HEM G . -6.14 30.29 -14.49
CMC HEM G . -4.95 30.97 -10.98
CAC HEM G . -7.61 31.75 -12.90
CBC HEM G . -7.85 32.39 -11.76
C1D HEM G . -6.76 29.79 -16.79
C2D HEM G . -7.70 29.65 -17.89
C3D HEM G . -7.08 29.03 -18.89
C4D HEM G . -5.73 28.74 -18.47
CMD HEM G . -9.16 30.16 -17.88
CAD HEM G . -7.67 28.68 -20.28
CBD HEM G . -7.06 29.62 -21.32
CGD HEM G . -7.78 29.53 -22.64
O1D HEM G . -7.96 30.60 -23.30
O2D HEM G . -8.20 28.42 -23.05
NA HEM G . -2.89 28.07 -17.61
NB HEM G . -2.24 28.50 -14.92
NC HEM G . -4.94 29.61 -14.48
ND HEM G . -5.56 29.21 -17.18
FE HEM G . -3.88 28.86 -16.08
HHB HEM G . 0.26 27.46 -16.81
HHC HEM G . -3.06 29.21 -11.81
HHD HEM G . -7.83 30.87 -15.46
HMA HEM G . -0.26 25.38 -19.67
HMAA HEM G . 0.57 26.32 -18.67
HMAB HEM G . 0.29 26.80 -20.17
HAA HEM G . -3.64 27.14 -21.38
HAAA HEM G . -3.11 25.69 -21.03
HBA HEM G . -1.02 26.22 -21.88
HBAA HEM G . -1.46 27.72 -22.12
HMB HEM G . 1.39 26.70 -14.66
HMBA HEM G . 1.66 27.43 -13.28
HMBB HEM G . 1.88 28.21 -14.64
HAB HEM G . -1.16 28.72 -10.95
HBB HEM G . 1.00 28.80 -10.23
HBBA HEM G . 1.54 28.59 -11.80
HMC HEM G . -4.68 30.17 -10.49
HMCA HEM G . -5.74 31.35 -10.55
HMCB HEM G . -4.23 31.61 -10.96
HAC HEM G . -8.27 31.82 -13.60
HBC HEM G . -8.66 32.91 -11.65
HBCA HEM G . -7.21 32.35 -11.04
HMD HEM G . -9.58 29.95 -18.75
HMDA HEM G . -9.17 31.12 -17.74
HMDB HEM G . -9.66 29.72 -17.17
HAD HEM G . -8.64 28.79 -20.26
HADA HEM G . -7.45 27.75 -20.51
HBD HEM G . -6.13 29.37 -21.46
HBDA HEM G . -7.11 30.52 -20.99
HHA HEM G . -5.03 27.84 -20.12
C1 3NQ H . -12.93 22.84 -12.49
C3 3NQ H . -13.97 21.96 -11.81
C4 3NQ H . -13.49 21.76 -10.38
O6 3NQ H . -14.47 21.02 -9.65
C8 3NQ H . -12.17 20.97 -10.39
C9 3NQ H . -11.12 21.74 -11.15
C10 3NQ H . -11.59 22.09 -12.55
C11 3NQ H . -11.76 20.80 -13.37
C12 3NQ H . -10.55 23.01 -13.21
C13 3NQ H . -10.96 23.45 -14.65
C15 3NQ H . -12.38 24.05 -14.70
C16 3NQ H . -13.33 23.17 -13.90
N17 3NQ H . -14.35 22.63 -14.46
O18 3NQ H . -14.59 22.77 -15.84
C20 3NQ H . -9.96 24.53 -15.01
C22 3NQ H . -8.58 23.83 -15.17
C23 3NQ H . -8.71 22.65 -16.14
C24 3NQ H . -8.11 23.30 -13.82
C25 3NQ H . -9.17 22.35 -13.25
C26 3NQ H . -7.79 24.90 -15.82
C27 3NQ H . -6.33 25.10 -15.65
C28 3NQ H . -5.80 26.37 -15.46
N29 3NQ H . -4.50 26.52 -15.31
C30 3NQ H . -3.67 25.51 -15.34
C31 3NQ H . -4.12 24.22 -15.53
C32 3NQ H . -5.47 24.00 -15.69
C33 3NQ H . -8.59 25.63 -16.61
C34 3NQ H . -10.03 25.15 -16.41
CHA HEM I . -7.45 -24.52 -17.95
CHB HEM I . -11.74 -25.16 -20.06
CHC HEM I . -13.59 -26.50 -15.77
CHD HEM I . -9.12 -26.46 -13.81
C1A HEM I . -8.45 -24.51 -18.87
C2A HEM I . -8.36 -23.98 -20.21
C3A HEM I . -9.55 -24.14 -20.80
C4A HEM I . -10.43 -24.80 -19.86
CMA HEM I . -9.95 -23.73 -22.23
CAA HEM I . -7.07 -23.30 -20.76
CBA HEM I . -6.67 -23.72 -22.17
CGA HEM I . -5.31 -23.15 -22.50
O1A HEM I . -4.74 -23.50 -23.56
O2A HEM I . -4.76 -22.33 -21.71
C1B HEM I . -12.63 -25.53 -19.08
C2B HEM I . -14.06 -25.72 -19.25
C3B HEM I . -14.60 -26.08 -18.08
C4B HEM I . -13.51 -26.16 -17.10
CMB HEM I . -14.82 -25.51 -20.58
CAB HEM I . -16.11 -26.36 -17.90
CBB HEM I . -16.70 -26.49 -16.71
C1C HEM I . -12.53 -26.69 -14.90
C2C HEM I . -12.60 -27.35 -13.61
C3C HEM I . -11.39 -27.36 -13.07
C4C HEM I . -10.48 -26.69 -13.98
CMC HEM I . -13.88 -27.97 -12.98
CAC HEM I . -11.08 -27.98 -11.68
CBC HEM I . -9.84 -28.34 -11.33
C1D HEM I . -8.28 -25.88 -14.75
C2D HEM I . -6.87 -25.53 -14.58
C3D HEM I . -6.44 -25.01 -15.73
C4D HEM I . -7.53 -25.00 -16.66
CMD HEM I . -6.03 -25.73 -13.31
CAD HEM I . -5.02 -24.48 -16.03
CBD HEM I . -4.10 -25.62 -16.47
CGD HEM I . -2.77 -25.08 -16.95
O1D HEM I . -1.79 -25.85 -17.05
O2D HEM I . -2.67 -23.86 -17.22
NA HEM I . -9.73 -25.00 -18.69
NB HEM I . -12.33 -25.81 -17.76
NC HEM I . -11.21 -26.30 -15.09
ND HEM I . -8.65 -25.53 -16.05
FE HEM I . -10.47 -25.60 -16.89
HHB HEM I . -12.07 -25.15 -20.98
HHC HEM I . -14.49 -26.62 -15.39
HHD HEM I . -8.72 -26.73 -12.96
HMA HEM I . -9.80 -22.77 -22.35
HMAA HEM I . -10.90 -23.93 -22.38
HMAB HEM I . -9.40 -24.22 -22.87
HAA HEM I . -6.34 -23.52 -20.16
HAAA HEM I . -7.22 -22.34 -20.76
HBA HEM I . -7.32 -23.39 -22.81
HBAA HEM I . -6.64 -24.69 -22.21
HMB HEM I . -14.67 -24.60 -20.90
HMBA HEM I . -15.77 -25.64 -20.43
HMBB HEM I . -14.50 -26.14 -21.24
HAB HEM I . -16.65 -26.46 -18.69
HBB HEM I . -17.65 -26.67 -16.65
HBBA HEM I . -16.17 -26.39 -15.89
HMC HEM I . -14.58 -27.31 -12.97
HMCA HEM I . -13.68 -28.26 -12.07
HMCB HEM I . -14.15 -28.74 -13.50
HAC HEM I . -11.80 -28.12 -11.07
HBC HEM I . -9.68 -28.72 -10.46
HBCA HEM I . -9.11 -28.20 -11.95
HMD HEM I . -5.11 -25.44 -13.48
HMDA HEM I . -6.02 -26.68 -13.05
HMDB HEM I . -6.40 -25.19 -12.58
HAD HEM I . -4.65 -24.07 -15.24
HADA HEM I . -5.07 -23.82 -16.74
HBD HEM I . -4.53 -26.12 -17.20
HBDA HEM I . -3.96 -26.22 -15.72
HHA HEM I . -6.58 -24.15 -18.23
C1 3NQ J . -9.67 -18.16 -8.28
C3 3NQ J . -9.83 -17.12 -7.19
C4 3NQ J . -11.28 -17.21 -6.74
O6 3NQ J . -11.50 -16.38 -5.59
C8 3NQ J . -12.17 -16.75 -7.89
C9 3NQ J . -11.99 -17.67 -9.08
C10 3NQ J . -10.52 -17.76 -9.49
C11 3NQ J . -10.06 -16.39 -9.99
C12 3NQ J . -10.36 -18.82 -10.59
C13 3NQ J . -8.89 -19.02 -11.03
C15 3NQ J . -7.99 -19.31 -9.83
C16 3NQ J . -8.24 -18.29 -8.75
N17 3NQ J . -7.28 -17.79 -8.08
O18 3NQ J . -6.57 -16.68 -8.61
C20 3NQ J . -8.95 -20.25 -11.91
C22 3NQ J . -9.68 -19.84 -13.22
C23 3NQ J . -9.04 -18.60 -13.84
C24 3NQ J . -11.13 -19.56 -12.89
C25 3NQ J . -11.18 -18.44 -11.83
C26 3NQ J . -9.36 -20.99 -14.11
C27 3NQ J . -10.17 -21.41 -15.27
C28 3NQ J . -10.27 -22.75 -15.62
N29 3NQ J . -11.00 -23.11 -16.66
C30 3NQ J . -11.64 -22.24 -17.41
C31 3NQ J . -11.59 -20.89 -17.13
C32 3NQ J . -10.84 -20.46 -16.04
C33 3NQ J . -8.13 -21.43 -13.80
C34 3NQ J . -7.63 -20.75 -12.53
CHA HEM K . 28.90 -11.92 2.68
CHB HEM K . 32.37 -9.96 5.40
CHC HEM K . 33.07 -6.57 1.98
CHD HEM K . 29.98 -8.91 -0.98
C1A HEM K . 29.71 -11.62 3.75
C2A HEM K . 29.59 -12.20 5.06
C3A HEM K . 30.54 -11.65 5.82
C4A HEM K . 31.29 -10.73 5.00
CMA HEM K . 30.81 -11.95 7.31
CAA HEM K . 28.49 -13.23 5.45
CBA HEM K . 29.02 -14.50 6.09
CGA HEM K . 27.86 -15.47 6.27
O1A HEM K . 28.11 -16.65 6.63
O2A HEM K . 26.69 -15.07 6.04
C1B HEM K . 32.84 -8.84 4.73
C2B HEM K . 33.82 -7.90 5.24
C3B HEM K . 34.03 -6.95 4.33
C4B HEM K . 33.18 -7.26 3.18
CMB HEM K . 34.48 -8.00 6.64
CAB HEM K . 35.03 -5.78 4.54
CBB HEM K . 35.17 -4.76 3.68
C1C HEM K . 32.37 -6.95 0.86
C2C HEM K . 32.48 -6.36 -0.45
C3C HEM K . 31.65 -6.98 -1.28
C4C HEM K . 30.95 -8.01 -0.53
CMC HEM K . 33.43 -5.19 -0.80
CAC HEM K . 31.53 -6.58 -2.78
CBC HEM K . 30.83 -7.30 -3.67
C1D HEM K . 29.37 -9.90 -0.22
C2D HEM K . 28.26 -10.74 -0.62
C3D HEM K . 27.98 -11.56 0.40
C4D HEM K . 28.90 -11.27 1.47
CMD HEM K . 27.52 -10.71 -1.97
CAD HEM K . 26.87 -12.65 0.47
CBD HEM K . 27.37 -13.97 -0.14
CGD HEM K . 26.37 -15.08 0.08
O1D HEM K . 26.51 -16.18 -0.50
O2D HEM K . 25.39 -14.86 0.85
NA HEM K . 30.75 -10.74 3.74
NB HEM K . 32.48 -8.42 3.47
NC HEM K . 31.41 -7.96 0.77
ND HEM K . 29.74 -10.26 1.06
FE HEM K . 31.04 -9.33 2.26
HHB HEM K . 32.83 -10.23 6.21
HHC HEM K . 33.55 -5.71 1.93
HHD HEM K . 29.71 -8.83 -1.92
HMA HEM K . 30.00 -11.79 7.83
HMAA HEM K . 31.53 -11.36 7.64
HMAB HEM K . 31.08 -12.89 7.42
HAA HEM K . 28.00 -13.47 4.65
HAAA HEM K . 27.88 -12.80 6.07
HBA HEM K . 29.41 -14.29 6.96
HBAA HEM K . 29.69 -14.89 5.52
HMB HEM K . 33.80 -7.98 7.33
HMBA HEM K . 35.09 -7.26 6.76
HMBB HEM K . 34.98 -8.83 6.69
HAB HEM K . 35.57 -5.78 5.33
HBB HEM K . 35.81 -4.05 3.88
HBBA HEM K . 34.63 -4.72 2.88
HMC HEM K . 33.31 -4.96 -1.74
HMCA HEM K . 34.35 -5.46 -0.65
HMCB HEM K . 33.23 -4.43 -0.25
HAC HEM K . 31.97 -5.78 -3.08
HBC HEM K . 30.79 -7.01 -4.59
HBCA HEM K . 30.38 -8.11 -3.39
HMD HEM K . 26.85 -11.42 -1.99
HMDA HEM K . 28.16 -10.85 -2.69
HMDB HEM K . 27.08 -9.84 -2.08
HAD HEM K . 26.09 -12.34 -0.04
HADA HEM K . 26.62 -12.80 1.39
HBD HEM K . 28.20 -14.21 0.28
HBDA HEM K . 27.51 -13.84 -1.09
HHA HEM K . 28.28 -12.66 2.78
C1 3NQ L . 22.18 -2.87 -0.50
C3 3NQ L . 21.15 -1.77 -0.80
C4 3NQ L . 21.88 -0.44 -0.62
O6 3NQ L . 21.02 0.63 -1.04
C8 3NQ L . 22.26 -0.30 0.85
C9 3NQ L . 23.24 -1.39 1.24
C10 3NQ L . 22.68 -2.78 0.94
C11 3NQ L . 21.57 -3.10 1.94
C12 3NQ L . 23.80 -3.81 1.08
C13 3NQ L . 23.24 -5.25 0.94
C15 3NQ L . 22.46 -5.44 -0.37
C16 3NQ L . 21.58 -4.25 -0.66
N17 3NQ L . 20.36 -4.40 -1.02
O18 3NQ L . 19.79 -5.69 -1.08
C20 3NQ L . 24.49 -6.10 0.89
C22 3NQ L . 25.11 -6.05 2.33
C23 3NQ L . 24.01 -6.34 3.36
C24 3NQ L . 25.63 -4.66 2.58
C25 3NQ L . 24.48 -3.66 2.44
C26 3NQ L . 26.07 -7.19 2.30
C27 3NQ L . 27.22 -7.31 3.21
C28 3NQ L . 28.43 -7.83 2.78
N29 3NQ L . 29.45 -7.93 3.61
C30 3NQ L . 29.36 -7.56 4.87
C31 3NQ L . 28.19 -7.04 5.38
C32 3NQ L . 27.10 -6.90 4.55
C33 3NQ L . 25.64 -8.11 1.43
C34 3NQ L . 24.34 -7.62 0.78
#